data_1O4P
# 
_entry.id   1O4P 
# 
_audit_conform.dict_name       mmcif_pdbx.dic 
_audit_conform.dict_version    5.376 
_audit_conform.dict_location   http://mmcif.pdb.org/dictionaries/ascii/mmcif_pdbx.dic 
# 
loop_
_database_2.database_id 
_database_2.database_code 
_database_2.pdbx_database_accession 
_database_2.pdbx_DOI 
PDB   1O4P         pdb_00001o4p 10.2210/pdb1o4p/pdb 
RCSB  RCSB001800   ?            ?                   
WWPDB D_1000001800 ?            ?                   
# 
_pdbx_database_status.status_code                     REL 
_pdbx_database_status.entry_id                        1O4P 
_pdbx_database_status.recvd_initial_deposition_date   2003-06-15 
_pdbx_database_status.deposit_site                    RCSB 
_pdbx_database_status.process_site                    RCSB 
_pdbx_database_status.SG_entry                        . 
_pdbx_database_status.pdb_format_compatible           Y 
_pdbx_database_status.status_code_mr                  ? 
_pdbx_database_status.status_code_sf                  ? 
_pdbx_database_status.status_code_cs                  ? 
_pdbx_database_status.status_code_nmr_data            ? 
_pdbx_database_status.methods_development_category    ? 
# 
loop_
_audit_author.name 
_audit_author.pdbx_ordinal 
'Lange, G.'  1 
'Loenze, P.' 2 
'Liesum, A.' 3 
# 
_citation.id                        primary 
_citation.title                     
;Requirements for specific binding of low affinity inhibitor fragments to the SH2 domain of (pp60)Src are identical to those for high affinity binding of full length inhibitors.
;
_citation.journal_abbrev            J.Med.Chem. 
_citation.journal_volume            46 
_citation.page_first                5184 
_citation.page_last                 5195 
_citation.year                      2003 
_citation.journal_id_ASTM           JMCMAR 
_citation.country                   US 
_citation.journal_id_ISSN           0022-2623 
_citation.journal_id_CSD            0151 
_citation.book_publisher            ? 
_citation.pdbx_database_id_PubMed   14613321 
_citation.pdbx_database_id_DOI      10.1021/jm020970s 
# 
loop_
_citation_author.citation_id 
_citation_author.name 
_citation_author.ordinal 
_citation_author.identifier_ORCID 
primary 'Lange, G.'       1  ? 
primary 'Lesuisse, D.'    2  ? 
primary 'Deprez, P.'      3  ? 
primary 'Schoot, B.'      4  ? 
primary 'Loenze, P.'      5  ? 
primary 'Benard, D.'      6  ? 
primary 'Marquette, J.P.' 7  ? 
primary 'Broto, P.'       8  ? 
primary 'Sarubbi, E.'     9  ? 
primary 'Mandine, E.'     10 ? 
# 
_cell.entry_id           1O4P 
_cell.length_a           26.836 
_cell.length_b           59.066 
_cell.length_c           64.922 
_cell.angle_alpha        90.00 
_cell.angle_beta         90.00 
_cell.angle_gamma        90.00 
_cell.Z_PDB              4 
_cell.pdbx_unique_axis   ? 
# 
_symmetry.entry_id                         1O4P 
_symmetry.space_group_name_H-M             'P 21 21 21' 
_symmetry.pdbx_full_space_group_name_H-M   ? 
_symmetry.cell_setting                     ? 
_symmetry.Int_Tables_number                19 
# 
loop_
_entity.id 
_entity.type 
_entity.src_method 
_entity.pdbx_description 
_entity.formula_weight 
_entity.pdbx_number_of_molecules 
_entity.pdbx_ec 
_entity.pdbx_mutation 
_entity.pdbx_fragment 
_entity.details 
1 polymer     man 'PROTO-ONCOGENE TYROSINE-PROTEIN KINASE SRC' 12374.964 1   2.7.1.112 ? 'SH2 DOMAIN' ? 
2 non-polymer syn '2-PHENYLMALONIC ACID'                       180.157   1   ?         ? ?            ? 
3 water       nat water                                        18.015    123 ?         ? ?            ? 
# 
_entity_name_com.entity_id   1 
_entity_name_com.name        'P60-SRC, C-SRC' 
# 
_entity_poly.entity_id                      1 
_entity_poly.type                           'polypeptide(L)' 
_entity_poly.nstd_linkage                   no 
_entity_poly.nstd_monomer                   no 
_entity_poly.pdbx_seq_one_letter_code       
;SIQAEEWYFGKITRRESERLLLNAENPRGTFLVRESETTKGAYCLSVSDFDNAKGLNVKHYKIRKLDSGGFYITSRTQFN
SLQQLVAYYSKHADGLCHRLTTVCPTSK
;
_entity_poly.pdbx_seq_one_letter_code_can   
;SIQAEEWYFGKITRRESERLLLNAENPRGTFLVRESETTKGAYCLSVSDFDNAKGLNVKHYKIRKLDSGGFYITSRTQFN
SLQQLVAYYSKHADGLCHRLTTVCPTSK
;
_entity_poly.pdbx_strand_id                 A 
_entity_poly.pdbx_target_identifier         ? 
# 
loop_
_entity_poly_seq.entity_id 
_entity_poly_seq.num 
_entity_poly_seq.mon_id 
_entity_poly_seq.hetero 
1 1   SER n 
1 2   ILE n 
1 3   GLN n 
1 4   ALA n 
1 5   GLU n 
1 6   GLU n 
1 7   TRP n 
1 8   TYR n 
1 9   PHE n 
1 10  GLY n 
1 11  LYS n 
1 12  ILE n 
1 13  THR n 
1 14  ARG n 
1 15  ARG n 
1 16  GLU n 
1 17  SER n 
1 18  GLU n 
1 19  ARG n 
1 20  LEU n 
1 21  LEU n 
1 22  LEU n 
1 23  ASN n 
1 24  ALA n 
1 25  GLU n 
1 26  ASN n 
1 27  PRO n 
1 28  ARG n 
1 29  GLY n 
1 30  THR n 
1 31  PHE n 
1 32  LEU n 
1 33  VAL n 
1 34  ARG n 
1 35  GLU n 
1 36  SER n 
1 37  GLU n 
1 38  THR n 
1 39  THR n 
1 40  LYS n 
1 41  GLY n 
1 42  ALA n 
1 43  TYR n 
1 44  CYS n 
1 45  LEU n 
1 46  SER n 
1 47  VAL n 
1 48  SER n 
1 49  ASP n 
1 50  PHE n 
1 51  ASP n 
1 52  ASN n 
1 53  ALA n 
1 54  LYS n 
1 55  GLY n 
1 56  LEU n 
1 57  ASN n 
1 58  VAL n 
1 59  LYS n 
1 60  HIS n 
1 61  TYR n 
1 62  LYS n 
1 63  ILE n 
1 64  ARG n 
1 65  LYS n 
1 66  LEU n 
1 67  ASP n 
1 68  SER n 
1 69  GLY n 
1 70  GLY n 
1 71  PHE n 
1 72  TYR n 
1 73  ILE n 
1 74  THR n 
1 75  SER n 
1 76  ARG n 
1 77  THR n 
1 78  GLN n 
1 79  PHE n 
1 80  ASN n 
1 81  SER n 
1 82  LEU n 
1 83  GLN n 
1 84  GLN n 
1 85  LEU n 
1 86  VAL n 
1 87  ALA n 
1 88  TYR n 
1 89  TYR n 
1 90  SER n 
1 91  LYS n 
1 92  HIS n 
1 93  ALA n 
1 94  ASP n 
1 95  GLY n 
1 96  LEU n 
1 97  CYS n 
1 98  HIS n 
1 99  ARG n 
1 100 LEU n 
1 101 THR n 
1 102 THR n 
1 103 VAL n 
1 104 CYS n 
1 105 PRO n 
1 106 THR n 
1 107 SER n 
1 108 LYS n 
# 
_entity_src_gen.entity_id                          1 
_entity_src_gen.pdbx_src_id                        1 
_entity_src_gen.pdbx_alt_source_flag               sample 
_entity_src_gen.pdbx_seq_type                      ? 
_entity_src_gen.pdbx_beg_seq_num                   ? 
_entity_src_gen.pdbx_end_seq_num                   ? 
_entity_src_gen.gene_src_common_name               human 
_entity_src_gen.gene_src_genus                     Homo 
_entity_src_gen.pdbx_gene_src_gene                 SRC 
_entity_src_gen.gene_src_species                   ? 
_entity_src_gen.gene_src_strain                    ? 
_entity_src_gen.gene_src_tissue                    ? 
_entity_src_gen.gene_src_tissue_fraction           ? 
_entity_src_gen.gene_src_details                   ? 
_entity_src_gen.pdbx_gene_src_fragment             ? 
_entity_src_gen.pdbx_gene_src_scientific_name      'Homo sapiens' 
_entity_src_gen.pdbx_gene_src_ncbi_taxonomy_id     9606 
_entity_src_gen.pdbx_gene_src_variant              ? 
_entity_src_gen.pdbx_gene_src_cell_line            ? 
_entity_src_gen.pdbx_gene_src_atcc                 ? 
_entity_src_gen.pdbx_gene_src_organ                ? 
_entity_src_gen.pdbx_gene_src_organelle            ? 
_entity_src_gen.pdbx_gene_src_cell                 ? 
_entity_src_gen.pdbx_gene_src_cellular_location    ? 
_entity_src_gen.host_org_common_name               ? 
_entity_src_gen.pdbx_host_org_scientific_name      'Escherichia coli' 
_entity_src_gen.pdbx_host_org_ncbi_taxonomy_id     562 
_entity_src_gen.host_org_genus                     Escherichia 
_entity_src_gen.pdbx_host_org_gene                 ? 
_entity_src_gen.pdbx_host_org_organ                ? 
_entity_src_gen.host_org_species                   ? 
_entity_src_gen.pdbx_host_org_tissue               ? 
_entity_src_gen.pdbx_host_org_tissue_fraction      ? 
_entity_src_gen.pdbx_host_org_strain               ? 
_entity_src_gen.pdbx_host_org_variant              ? 
_entity_src_gen.pdbx_host_org_cell_line            ? 
_entity_src_gen.pdbx_host_org_atcc                 ? 
_entity_src_gen.pdbx_host_org_culture_collection   ? 
_entity_src_gen.pdbx_host_org_cell                 ? 
_entity_src_gen.pdbx_host_org_organelle            ? 
_entity_src_gen.pdbx_host_org_cellular_location    ? 
_entity_src_gen.pdbx_host_org_vector_type          ? 
_entity_src_gen.pdbx_host_org_vector               ? 
_entity_src_gen.host_org_details                   ? 
_entity_src_gen.expression_system_id               ? 
_entity_src_gen.plasmid_name                       'BL21 (DE3)' 
_entity_src_gen.plasmid_details                    ? 
_entity_src_gen.pdbx_description                   ? 
# 
_struct_ref.id                         1 
_struct_ref.db_name                    UNP 
_struct_ref.db_code                    SRC_HUMAN 
_struct_ref.pdbx_db_accession          P12931 
_struct_ref.entity_id                  1 
_struct_ref.pdbx_seq_one_letter_code   
;SIQAEEWYFGKITRRESERLLLNAENPRGTFLVRESETTKGAYCLSVSDFDNAKGLNVKHYKIRKLDSGGFYITSRTQFN
SLQQLVAYYSKHADGLCHRLTTVCPTSK
;
_struct_ref.pdbx_align_begin           144 
_struct_ref.pdbx_db_isoform            ? 
# 
_struct_ref_seq.align_id                      1 
_struct_ref_seq.ref_id                        1 
_struct_ref_seq.pdbx_PDB_id_code              1O4P 
_struct_ref_seq.pdbx_strand_id                A 
_struct_ref_seq.seq_align_beg                 1 
_struct_ref_seq.pdbx_seq_align_beg_ins_code   ? 
_struct_ref_seq.seq_align_end                 108 
_struct_ref_seq.pdbx_seq_align_end_ins_code   ? 
_struct_ref_seq.pdbx_db_accession             P12931 
_struct_ref_seq.db_align_beg                  144 
_struct_ref_seq.pdbx_db_align_beg_ins_code    ? 
_struct_ref_seq.db_align_end                  251 
_struct_ref_seq.pdbx_db_align_end_ins_code    ? 
_struct_ref_seq.pdbx_auth_seq_align_beg       1 
_struct_ref_seq.pdbx_auth_seq_align_end       108 
# 
loop_
_chem_comp.id 
_chem_comp.type 
_chem_comp.mon_nstd_flag 
_chem_comp.name 
_chem_comp.pdbx_synonyms 
_chem_comp.formula 
_chem_comp.formula_weight 
791 non-polymer         . '2-PHENYLMALONIC ACID' RU78191 'C9 H8 O4'       180.157 
ALA 'L-peptide linking' y ALANINE                ?       'C3 H7 N O2'     89.093  
ARG 'L-peptide linking' y ARGININE               ?       'C6 H15 N4 O2 1' 175.209 
ASN 'L-peptide linking' y ASPARAGINE             ?       'C4 H8 N2 O3'    132.118 
ASP 'L-peptide linking' y 'ASPARTIC ACID'        ?       'C4 H7 N O4'     133.103 
CYS 'L-peptide linking' y CYSTEINE               ?       'C3 H7 N O2 S'   121.158 
GLN 'L-peptide linking' y GLUTAMINE              ?       'C5 H10 N2 O3'   146.144 
GLU 'L-peptide linking' y 'GLUTAMIC ACID'        ?       'C5 H9 N O4'     147.129 
GLY 'peptide linking'   y GLYCINE                ?       'C2 H5 N O2'     75.067  
HIS 'L-peptide linking' y HISTIDINE              ?       'C6 H10 N3 O2 1' 156.162 
HOH non-polymer         . WATER                  ?       'H2 O'           18.015  
ILE 'L-peptide linking' y ISOLEUCINE             ?       'C6 H13 N O2'    131.173 
LEU 'L-peptide linking' y LEUCINE                ?       'C6 H13 N O2'    131.173 
LYS 'L-peptide linking' y LYSINE                 ?       'C6 H15 N2 O2 1' 147.195 
PHE 'L-peptide linking' y PHENYLALANINE          ?       'C9 H11 N O2'    165.189 
PRO 'L-peptide linking' y PROLINE                ?       'C5 H9 N O2'     115.130 
SER 'L-peptide linking' y SERINE                 ?       'C3 H7 N O3'     105.093 
THR 'L-peptide linking' y THREONINE              ?       'C4 H9 N O3'     119.119 
TRP 'L-peptide linking' y TRYPTOPHAN             ?       'C11 H12 N2 O2'  204.225 
TYR 'L-peptide linking' y TYROSINE               ?       'C9 H11 N O3'    181.189 
VAL 'L-peptide linking' y VALINE                 ?       'C5 H11 N O2'    117.146 
# 
_exptl.entry_id          1O4P 
_exptl.method            'X-RAY DIFFRACTION' 
_exptl.crystals_number   1 
# 
_exptl_crystal.id                    1 
_exptl_crystal.density_meas          ? 
_exptl_crystal.density_Matthews      2.2 
_exptl_crystal.density_percent_sol   41.9 
_exptl_crystal.description           ? 
# 
_exptl_crystal_grow.crystal_id      1 
_exptl_crystal_grow.method          ? 
_exptl_crystal_grow.temp            ? 
_exptl_crystal_grow.temp_details    ? 
_exptl_crystal_grow.pH              5.50 
_exptl_crystal_grow.pdbx_pH_range   ? 
_exptl_crystal_grow.pdbx_details    'pH 5.50' 
# 
_diffrn.id                     1 
_diffrn.ambient_temp           100.0 
_diffrn.ambient_temp_details   ? 
_diffrn.crystal_id             1 
# 
_diffrn_detector.diffrn_id              1 
_diffrn_detector.detector               'IMAGE PLATE' 
_diffrn_detector.type                   'MAR scanner 345 mm plate' 
_diffrn_detector.pdbx_collection_date   1998-04-14 
_diffrn_detector.details                ? 
# 
_diffrn_radiation.diffrn_id                        1 
_diffrn_radiation.wavelength_id                    1 
_diffrn_radiation.pdbx_monochromatic_or_laue_m_l   M 
_diffrn_radiation.monochromator                    GRAPHITE 
_diffrn_radiation.pdbx_diffrn_protocol             'SINGLE WAVELENGTH' 
_diffrn_radiation.pdbx_scattering_type             x-ray 
# 
_diffrn_radiation_wavelength.id           1 
_diffrn_radiation_wavelength.wavelength   1.5418 
_diffrn_radiation_wavelength.wt           1.0 
# 
_diffrn_source.diffrn_id                   1 
_diffrn_source.source                      'ROTATING ANODE' 
_diffrn_source.type                        'ELLIOTT GX-21' 
_diffrn_source.pdbx_synchrotron_site       ? 
_diffrn_source.pdbx_synchrotron_beamline   ? 
_diffrn_source.pdbx_wavelength             1.5418 
_diffrn_source.pdbx_wavelength_list        ? 
# 
_reflns.entry_id                     1O4P 
_reflns.observed_criterion_sigma_I   -3.000 
_reflns.observed_criterion_sigma_F   ? 
_reflns.d_resolution_low             40.000 
_reflns.d_resolution_high            1.90 
_reflns.number_obs                   8412 
_reflns.number_all                   ? 
_reflns.percent_possible_obs         97.7 
_reflns.pdbx_Rmerge_I_obs            0.101 
_reflns.pdbx_Rsym_value              ? 
_reflns.pdbx_netI_over_sigmaI        17 
_reflns.B_iso_Wilson_estimate        ? 
_reflns.pdbx_redundancy              ? 
_reflns.pdbx_diffrn_id               1 
_reflns.pdbx_ordinal                 1 
# 
_reflns_shell.d_res_high             1.90 
_reflns_shell.d_res_low              1.95 
_reflns_shell.percent_possible_all   96.8 
_reflns_shell.Rmerge_I_obs           0.228 
_reflns_shell.pdbx_Rsym_value        ? 
_reflns_shell.meanI_over_sigI_obs    7 
_reflns_shell.pdbx_redundancy        ? 
_reflns_shell.pdbx_diffrn_id         ? 
_reflns_shell.pdbx_ordinal           1 
# 
_refine.entry_id                                 1O4P 
_refine.ls_number_reflns_obs                     8412 
_refine.ls_number_reflns_all                     ? 
_refine.pdbx_ls_sigma_I                          ? 
_refine.pdbx_ls_sigma_F                          ? 
_refine.pdbx_data_cutoff_high_absF               1000000.000 
_refine.pdbx_data_cutoff_low_absF                0.1000 
_refine.pdbx_data_cutoff_high_rms_absF           ? 
_refine.ls_d_res_low                             8.00 
_refine.ls_d_res_high                            1.90 
_refine.ls_percent_reflns_obs                    97.7 
_refine.ls_R_factor_obs                          0.169 
_refine.ls_R_factor_all                          ? 
_refine.ls_R_factor_R_work                       0.169 
_refine.ls_R_factor_R_free                       ? 
_refine.ls_R_factor_R_free_error                 ? 
_refine.ls_R_factor_R_free_error_details         ? 
_refine.ls_percent_reflns_R_free                 ? 
_refine.ls_number_reflns_R_free                  ? 
_refine.ls_number_parameters                     ? 
_refine.ls_number_restraints                     ? 
_refine.occupancy_min                            ? 
_refine.occupancy_max                            ? 
_refine.correlation_coeff_Fo_to_Fc               ? 
_refine.correlation_coeff_Fo_to_Fc_free          ? 
_refine.B_iso_mean                               22.6 
_refine.aniso_B[1][1]                            ? 
_refine.aniso_B[2][2]                            ? 
_refine.aniso_B[3][3]                            ? 
_refine.aniso_B[1][2]                            ? 
_refine.aniso_B[1][3]                            ? 
_refine.aniso_B[2][3]                            ? 
_refine.solvent_model_details                    ? 
_refine.solvent_model_param_ksol                 ? 
_refine.solvent_model_param_bsol                 ? 
_refine.pdbx_solvent_vdw_probe_radii             ? 
_refine.pdbx_solvent_ion_probe_radii             ? 
_refine.pdbx_solvent_shrinkage_radii             ? 
_refine.pdbx_ls_cross_valid_method               ? 
_refine.details                                  ? 
_refine.pdbx_starting_model                      1SHD 
_refine.pdbx_method_to_determine_struct          MR 
_refine.pdbx_isotropic_thermal_model             ? 
_refine.pdbx_stereochemistry_target_values       ? 
_refine.pdbx_stereochem_target_val_spec_case     ? 
_refine.pdbx_R_Free_selection_details            ? 
_refine.pdbx_overall_ESU_R                       ? 
_refine.pdbx_overall_ESU_R_Free                  ? 
_refine.overall_SU_ML                            ? 
_refine.overall_SU_B                             ? 
_refine.pdbx_refine_id                           'X-RAY DIFFRACTION' 
_refine.pdbx_diffrn_id                           1 
_refine.pdbx_TLS_residual_ADP_flag               ? 
_refine.pdbx_overall_phase_error                 ? 
_refine.overall_SU_R_Cruickshank_DPI             ? 
_refine.pdbx_overall_SU_R_free_Cruickshank_DPI   ? 
_refine.pdbx_overall_SU_R_Blow_DPI               ? 
_refine.pdbx_overall_SU_R_free_Blow_DPI          ? 
# 
_refine_hist.pdbx_refine_id                   'X-RAY DIFFRACTION' 
_refine_hist.cycle_id                         LAST 
_refine_hist.pdbx_number_atoms_protein        849 
_refine_hist.pdbx_number_atoms_nucleic_acid   0 
_refine_hist.pdbx_number_atoms_ligand         13 
_refine_hist.number_atoms_solvent             123 
_refine_hist.number_atoms_total               985 
_refine_hist.d_res_high                       1.90 
_refine_hist.d_res_low                        8.00 
# 
loop_
_refine_ls_restr.type 
_refine_ls_restr.dev_ideal 
_refine_ls_restr.dev_ideal_target 
_refine_ls_restr.weight 
_refine_ls_restr.number 
_refine_ls_restr.pdbx_refine_id 
_refine_ls_restr.pdbx_restraint_function 
x_bond_d                0.014 ? ? ? 'X-RAY DIFFRACTION' ? 
x_bond_d_na             ?     ? ? ? 'X-RAY DIFFRACTION' ? 
x_bond_d_prot           ?     ? ? ? 'X-RAY DIFFRACTION' ? 
x_angle_d               ?     ? ? ? 'X-RAY DIFFRACTION' ? 
x_angle_d_na            ?     ? ? ? 'X-RAY DIFFRACTION' ? 
x_angle_d_prot          ?     ? ? ? 'X-RAY DIFFRACTION' ? 
x_angle_deg             1.4   ? ? ? 'X-RAY DIFFRACTION' ? 
x_angle_deg_na          ?     ? ? ? 'X-RAY DIFFRACTION' ? 
x_angle_deg_prot        ?     ? ? ? 'X-RAY DIFFRACTION' ? 
x_dihedral_angle_d      ?     ? ? ? 'X-RAY DIFFRACTION' ? 
x_dihedral_angle_d_na   ?     ? ? ? 'X-RAY DIFFRACTION' ? 
x_dihedral_angle_d_prot ?     ? ? ? 'X-RAY DIFFRACTION' ? 
x_improper_angle_d      ?     ? ? ? 'X-RAY DIFFRACTION' ? 
x_improper_angle_d_na   ?     ? ? ? 'X-RAY DIFFRACTION' ? 
x_improper_angle_d_prot ?     ? ? ? 'X-RAY DIFFRACTION' ? 
x_mcbond_it             ?     ? ? ? 'X-RAY DIFFRACTION' ? 
x_mcangle_it            ?     ? ? ? 'X-RAY DIFFRACTION' ? 
x_scbond_it             ?     ? ? ? 'X-RAY DIFFRACTION' ? 
x_scangle_it            ?     ? ? ? 'X-RAY DIFFRACTION' ? 
# 
_struct.entry_id                  1O4P 
_struct.title                     'CRYSTAL STRUCTURE OF SH2 IN COMPLEX WITH RU78791.' 
_struct.pdbx_model_details        ? 
_struct.pdbx_CASP_flag            ? 
_struct.pdbx_model_type_details   ? 
# 
_struct_keywords.entry_id        1O4P 
_struct_keywords.pdbx_keywords   'SIGNALING PROTEIN' 
_struct_keywords.text            'SH2 DOMAIN FRAGMENT APPROACH, SIGNALING PROTEIN' 
# 
loop_
_struct_asym.id 
_struct_asym.pdbx_blank_PDB_chainid_flag 
_struct_asym.pdbx_modified 
_struct_asym.entity_id 
_struct_asym.details 
A N N 1 ? 
B N N 2 ? 
C N N 3 ? 
# 
_struct_biol.id   1 
# 
loop_
_struct_conf.conf_type_id 
_struct_conf.id 
_struct_conf.pdbx_PDB_helix_id 
_struct_conf.beg_label_comp_id 
_struct_conf.beg_label_asym_id 
_struct_conf.beg_label_seq_id 
_struct_conf.pdbx_beg_PDB_ins_code 
_struct_conf.end_label_comp_id 
_struct_conf.end_label_asym_id 
_struct_conf.end_label_seq_id 
_struct_conf.pdbx_end_PDB_ins_code 
_struct_conf.beg_auth_comp_id 
_struct_conf.beg_auth_asym_id 
_struct_conf.beg_auth_seq_id 
_struct_conf.end_auth_comp_id 
_struct_conf.end_auth_asym_id 
_struct_conf.end_auth_seq_id 
_struct_conf.pdbx_PDB_helix_class 
_struct_conf.details 
_struct_conf.pdbx_PDB_helix_length 
HELX_P HELX_P1 1 SER A 1  ? GLU A 5  ? SER A 1  GLU A 5  5 ? 5  
HELX_P HELX_P2 2 THR A 13 ? LEU A 22 ? THR A 13 LEU A 22 1 ? 10 
HELX_P HELX_P3 3 SER A 81 ? SER A 90 ? SER A 81 SER A 90 1 ? 10 
# 
_struct_conf_type.id          HELX_P 
_struct_conf_type.criteria    ? 
_struct_conf_type.reference   ? 
# 
_struct_sheet.id               A 
_struct_sheet.type             ? 
_struct_sheet.number_strands   6 
_struct_sheet.details          ? 
# 
loop_
_struct_sheet_order.sheet_id 
_struct_sheet_order.range_id_1 
_struct_sheet_order.range_id_2 
_struct_sheet_order.offset 
_struct_sheet_order.sense 
A 1 2 ? anti-parallel 
A 2 3 ? anti-parallel 
A 3 4 ? anti-parallel 
A 4 5 ? anti-parallel 
A 5 6 ? parallel      
# 
loop_
_struct_sheet_range.sheet_id 
_struct_sheet_range.id 
_struct_sheet_range.beg_label_comp_id 
_struct_sheet_range.beg_label_asym_id 
_struct_sheet_range.beg_label_seq_id 
_struct_sheet_range.pdbx_beg_PDB_ins_code 
_struct_sheet_range.end_label_comp_id 
_struct_sheet_range.end_label_asym_id 
_struct_sheet_range.end_label_seq_id 
_struct_sheet_range.pdbx_end_PDB_ins_code 
_struct_sheet_range.beg_auth_comp_id 
_struct_sheet_range.beg_auth_asym_id 
_struct_sheet_range.beg_auth_seq_id 
_struct_sheet_range.end_auth_comp_id 
_struct_sheet_range.end_auth_asym_id 
_struct_sheet_range.end_auth_seq_id 
A 1 GLN A 78  ? PHE A 79  ? GLN A 78  PHE A 79  
A 2 PHE A 71  ? TYR A 72  ? PHE A 71  TYR A 72  
A 3 GLY A 55  ? LYS A 65  ? GLY A 55  LYS A 65  
A 4 TYR A 43  ? ASP A 51  ? TYR A 43  ASP A 51  
A 5 THR A 30  ? GLU A 35  ? THR A 30  GLU A 35  
A 6 THR A 102 ? VAL A 103 ? THR A 102 VAL A 103 
# 
loop_
_pdbx_struct_sheet_hbond.sheet_id 
_pdbx_struct_sheet_hbond.range_id_1 
_pdbx_struct_sheet_hbond.range_id_2 
_pdbx_struct_sheet_hbond.range_1_label_atom_id 
_pdbx_struct_sheet_hbond.range_1_label_comp_id 
_pdbx_struct_sheet_hbond.range_1_label_asym_id 
_pdbx_struct_sheet_hbond.range_1_label_seq_id 
_pdbx_struct_sheet_hbond.range_1_PDB_ins_code 
_pdbx_struct_sheet_hbond.range_1_auth_atom_id 
_pdbx_struct_sheet_hbond.range_1_auth_comp_id 
_pdbx_struct_sheet_hbond.range_1_auth_asym_id 
_pdbx_struct_sheet_hbond.range_1_auth_seq_id 
_pdbx_struct_sheet_hbond.range_2_label_atom_id 
_pdbx_struct_sheet_hbond.range_2_label_comp_id 
_pdbx_struct_sheet_hbond.range_2_label_asym_id 
_pdbx_struct_sheet_hbond.range_2_label_seq_id 
_pdbx_struct_sheet_hbond.range_2_PDB_ins_code 
_pdbx_struct_sheet_hbond.range_2_auth_atom_id 
_pdbx_struct_sheet_hbond.range_2_auth_comp_id 
_pdbx_struct_sheet_hbond.range_2_auth_asym_id 
_pdbx_struct_sheet_hbond.range_2_auth_seq_id 
A 1 2 O PHE A 79 ? O PHE A 79 N PHE A 71  ? N PHE A 71  
A 2 3 O TYR A 72 ? O TYR A 72 N ARG A 64  ? N ARG A 64  
A 3 4 O LYS A 59 ? O LYS A 59 N VAL A 47  ? N VAL A 47  
A 4 5 O CYS A 44 ? O CYS A 44 N ARG A 34  ? N ARG A 34  
A 5 6 N PHE A 31 ? N PHE A 31 O THR A 102 ? O THR A 102 
# 
_struct_site.id                   AC1 
_struct_site.pdbx_evidence_code   Software 
_struct_site.pdbx_auth_asym_id    A 
_struct_site.pdbx_auth_comp_id    791 
_struct_site.pdbx_auth_seq_id     300 
_struct_site.pdbx_auth_ins_code   ? 
_struct_site.pdbx_num_residues    9 
_struct_site.details              'BINDING SITE FOR RESIDUE 791 A 300' 
# 
loop_
_struct_site_gen.id 
_struct_site_gen.site_id 
_struct_site_gen.pdbx_num_res 
_struct_site_gen.label_comp_id 
_struct_site_gen.label_asym_id 
_struct_site_gen.label_seq_id 
_struct_site_gen.pdbx_auth_ins_code 
_struct_site_gen.auth_comp_id 
_struct_site_gen.auth_asym_id 
_struct_site_gen.auth_seq_id 
_struct_site_gen.label_atom_id 
_struct_site_gen.label_alt_id 
_struct_site_gen.symmetry 
_struct_site_gen.details 
1 AC1 9 ARG A 14 ? ARG A 14 . ? 1_555 ? 
2 AC1 9 ARG A 34 ? ARG A 34 . ? 1_555 ? 
3 AC1 9 SER A 36 ? SER A 36 . ? 1_555 ? 
4 AC1 9 GLU A 37 ? GLU A 37 . ? 1_555 ? 
5 AC1 9 THR A 38 ? THR A 38 . ? 1_555 ? 
6 AC1 9 CYS A 44 ? CYS A 44 . ? 1_555 ? 
7 AC1 9 HIS A 60 ? HIS A 60 . ? 1_555 ? 
8 AC1 9 TYR A 61 ? TYR A 61 . ? 1_555 ? 
9 AC1 9 LYS A 62 ? LYS A 62 . ? 1_555 ? 
# 
_atom_sites.entry_id                    1O4P 
_atom_sites.fract_transf_matrix[1][1]   -0.02615237 
_atom_sites.fract_transf_matrix[1][2]   -0.01977239 
_atom_sites.fract_transf_matrix[1][3]   -0.01770981 
_atom_sites.fract_transf_matrix[2][1]   0.01151867 
_atom_sites.fract_transf_matrix[2][2]   -0.01179960 
_atom_sites.fract_transf_matrix[2][3]   -0.00383597 
_atom_sites.fract_transf_matrix[3][1]   -0.00325029 
_atom_sites.fract_transf_matrix[3][2]   -0.00743004 
_atom_sites.fract_transf_matrix[3][3]   0.01309513 
_atom_sites.fract_transf_vector[1]      0.397326 
_atom_sites.fract_transf_vector[2]      0.324207 
_atom_sites.fract_transf_vector[3]      0.313967 
# 
loop_
_atom_type.symbol 
C 
N 
O 
S 
# 
loop_
_atom_site.group_PDB 
_atom_site.id 
_atom_site.type_symbol 
_atom_site.label_atom_id 
_atom_site.label_alt_id 
_atom_site.label_comp_id 
_atom_site.label_asym_id 
_atom_site.label_entity_id 
_atom_site.label_seq_id 
_atom_site.pdbx_PDB_ins_code 
_atom_site.Cartn_x 
_atom_site.Cartn_y 
_atom_site.Cartn_z 
_atom_site.occupancy 
_atom_site.B_iso_or_equiv 
_atom_site.pdbx_formal_charge 
_atom_site.auth_seq_id 
_atom_site.auth_comp_id 
_atom_site.auth_asym_id 
_atom_site.auth_atom_id 
_atom_site.pdbx_PDB_model_num 
ATOM   1   N N   . SER A 1 1   ? 4.454   14.627  -6.876  1.00 64.00  ? 1   SER A N   1 
ATOM   2   C CA  . SER A 1 1   ? 5.519   13.731  -7.435  1.00 61.53  ? 1   SER A CA  1 
ATOM   3   C C   . SER A 1 1   ? 5.830   12.542  -6.524  1.00 58.27  ? 1   SER A C   1 
ATOM   4   O O   . SER A 1 1   ? 6.653   12.618  -5.606  1.00 58.17  ? 1   SER A O   1 
ATOM   5   C CB  . SER A 1 1   ? 6.784   14.527  -7.773  1.00 64.98  ? 1   SER A CB  1 
ATOM   6   O OG  . SER A 1 1   ? 6.618   15.162  -9.033  1.00 75.54  ? 1   SER A OG  1 
ATOM   7   N N   . ILE A 1 2   ? 5.170   11.433  -6.845  1.00 54.28  ? 2   ILE A N   1 
ATOM   8   C CA  . ILE A 1 2   ? 5.265   10.172  -6.119  1.00 48.86  ? 2   ILE A CA  1 
ATOM   9   C C   . ILE A 1 2   ? 6.661   9.776   -5.634  1.00 43.31  ? 2   ILE A C   1 
ATOM   10  O O   . ILE A 1 2   ? 6.825   9.328   -4.506  1.00 41.78  ? 2   ILE A O   1 
ATOM   11  C CB  . ILE A 1 2   ? 4.547   9.020   -6.914  1.00 49.72  ? 2   ILE A CB  1 
ATOM   12  C CG1 . ILE A 1 2   ? 5.281   7.699   -6.760  1.00 53.08  ? 2   ILE A CG1 1 
ATOM   13  C CG2 . ILE A 1 2   ? 4.410   9.366   -8.388  1.00 54.33  ? 2   ILE A CG2 1 
ATOM   14  C CD1 . ILE A 1 2   ? 4.677   6.612   -7.586  1.00 56.66  ? 2   ILE A CD1 1 
ATOM   15  N N   . GLN A 1 3   ? 7.677   10.045  -6.431  1.00 39.24  ? 3   GLN A N   1 
ATOM   16  C CA  . GLN A 1 3   ? 9.013   9.666   -6.024  1.00 38.56  ? 3   GLN A CA  1 
ATOM   17  C C   . GLN A 1 3   ? 9.579   10.456  -4.861  1.00 35.53  ? 3   GLN A C   1 
ATOM   18  O O   . GLN A 1 3   ? 10.590  10.067  -4.270  1.00 35.42  ? 3   GLN A O   1 
ATOM   19  C CB  . GLN A 1 3   ? 9.963   9.692   -7.211  1.00 47.02  ? 3   GLN A CB  1 
ATOM   20  C CG  . GLN A 1 3   ? 9.622   8.617   -8.221  1.00 60.14  ? 3   GLN A CG  1 
ATOM   21  C CD  . GLN A 1 3   ? 10.744  8.349   -9.185  1.00 70.95  ? 3   GLN A CD  1 
ATOM   22  O OE1 . GLN A 1 3   ? 11.118  7.194   -9.406  1.00 73.17  ? 3   GLN A OE1 1 
ATOM   23  N NE2 . GLN A 1 3   ? 11.304  9.419   -9.766  1.00 77.33  ? 3   GLN A NE2 1 
ATOM   24  N N   . ALA A 1 4   ? 8.932   11.571  -4.546  1.00 31.42  ? 4   ALA A N   1 
ATOM   25  C CA  . ALA A 1 4   ? 9.352   12.414  -3.436  1.00 28.75  ? 4   ALA A CA  1 
ATOM   26  C C   . ALA A 1 4   ? 8.694   11.977  -2.111  1.00 25.56  ? 4   ALA A C   1 
ATOM   27  O O   . ALA A 1 4   ? 9.048   12.469  -1.043  1.00 24.79  ? 4   ALA A O   1 
ATOM   28  C CB  . ALA A 1 4   ? 8.986   13.861  -3.725  1.00 32.40  ? 4   ALA A CB  1 
ATOM   29  N N   . GLU A 1 5   ? 7.705   11.092  -2.193  1.00 22.68  ? 5   GLU A N   1 
ATOM   30  C CA  . GLU A 1 5   ? 6.996   10.636  -1.005  1.00 18.97  ? 5   GLU A CA  1 
ATOM   31  C C   . GLU A 1 5   ? 7.832   9.647   -0.215  1.00 15.62  ? 5   GLU A C   1 
ATOM   32  O O   . GLU A 1 5   ? 8.388   8.709   -0.779  1.00 12.29  ? 5   GLU A O   1 
ATOM   33  C CB  . GLU A 1 5   ? 5.667   10.008  -1.416  1.00 19.32  ? 5   GLU A CB  1 
ATOM   34  C CG  . GLU A 1 5   ? 4.826   10.897  -2.336  1.00 23.02  ? 5   GLU A CG  1 
ATOM   35  C CD  . GLU A 1 5   ? 4.453   12.207  -1.678  1.00 26.20  ? 5   GLU A CD  1 
ATOM   36  O OE1 . GLU A 1 5   ? 4.323   13.221  -2.383  1.00 33.41  ? 5   GLU A OE1 1 
ATOM   37  O OE2 . GLU A 1 5   ? 4.291   12.233  -0.450  1.00 27.38  ? 5   GLU A OE2 1 
ATOM   38  N N   . GLU A 1 6   ? 7.926   9.867   1.096   1.00 13.84  ? 6   GLU A N   1 
ATOM   39  C CA  . GLU A 1 6   ? 8.700   8.970   1.965   1.00 13.05  ? 6   GLU A CA  1 
ATOM   40  C C   . GLU A 1 6   ? 8.111   7.556   2.011   1.00 10.71  ? 6   GLU A C   1 
ATOM   41  O O   . GLU A 1 6   ? 8.810   6.634   2.421   1.00 11.49  ? 6   GLU A O   1 
ATOM   42  C CB  . GLU A 1 6   ? 8.846   9.523   3.405   1.00 10.47  ? 6   GLU A CB  1 
ATOM   43  C CG  . GLU A 1 6   ? 7.570   9.518   4.270   1.00 11.34  ? 6   GLU A CG  1 
ATOM   44  C CD  . GLU A 1 6   ? 6.580   10.690  4.023   1.00 15.08  ? 6   GLU A CD  1 
ATOM   45  O OE1 . GLU A 1 6   ? 5.581   10.738  4.764   1.00 17.57  ? 6   GLU A OE1 1 
ATOM   46  O OE2 . GLU A 1 6   ? 6.767   11.536  3.121   1.00 11.65  ? 6   GLU A OE2 1 
ATOM   47  N N   . TRP A 1 7   ? 6.826   7.398   1.670   1.00 10.16  ? 7   TRP A N   1 
ATOM   48  C CA  . TRP A 1 7   ? 6.208   6.061   1.652   1.00 9.49   ? 7   TRP A CA  1 
ATOM   49  C C   . TRP A 1 7   ? 6.389   5.335   0.318   1.00 10.43  ? 7   TRP A C   1 
ATOM   50  O O   . TRP A 1 7   ? 5.999   4.180   0.177   1.00 10.85  ? 7   TRP A O   1 
ATOM   51  C CB  . TRP A 1 7   ? 4.721   6.070   2.027   1.00 8.80   ? 7   TRP A CB  1 
ATOM   52  C CG  . TRP A 1 7   ? 3.946   7.220   1.534   1.00 8.42   ? 7   TRP A CG  1 
ATOM   53  C CD1 . TRP A 1 7   ? 3.551   8.311   2.269   1.00 11.28  ? 7   TRP A CD1 1 
ATOM   54  C CD2 . TRP A 1 7   ? 3.434   7.411   0.220   1.00 11.93  ? 7   TRP A CD2 1 
ATOM   55  N NE1 . TRP A 1 7   ? 2.822   9.165   1.483   1.00 12.65  ? 7   TRP A NE1 1 
ATOM   56  C CE2 . TRP A 1 7   ? 2.728   8.645   0.223   1.00 13.19  ? 7   TRP A CE2 1 
ATOM   57  C CE3 . TRP A 1 7   ? 3.481   6.663   -0.971  1.00 13.98  ? 7   TRP A CE3 1 
ATOM   58  C CZ2 . TRP A 1 7   ? 2.090   9.143   -0.914  1.00 15.60  ? 7   TRP A CZ2 1 
ATOM   59  C CZ3 . TRP A 1 7   ? 2.846   7.165   -2.100  1.00 13.57  ? 7   TRP A CZ3 1 
ATOM   60  C CH2 . TRP A 1 7   ? 2.161   8.394   -2.060  1.00 16.23  ? 7   TRP A CH2 1 
ATOM   61  N N   . TYR A 1 8   ? 6.978   6.010   -0.660  1.00 9.34   ? 8   TYR A N   1 
ATOM   62  C CA  . TYR A 1 8   ? 7.204   5.366   -1.936  1.00 12.77  ? 8   TYR A CA  1 
ATOM   63  C C   . TYR A 1 8   ? 8.578   4.704   -1.865  1.00 14.04  ? 8   TYR A C   1 
ATOM   64  O O   . TYR A 1 8   ? 9.607   5.385   -1.752  1.00 17.38  ? 8   TYR A O   1 
ATOM   65  C CB  . TYR A 1 8   ? 7.171   6.366   -3.079  1.00 10.09  ? 8   TYR A CB  1 
ATOM   66  C CG  . TYR A 1 8   ? 7.250   5.671   -4.417  1.00 13.91  ? 8   TYR A CG  1 
ATOM   67  C CD1 . TYR A 1 8   ? 6.240   4.793   -4.814  1.00 17.09  ? 8   TYR A CD1 1 
ATOM   68  C CD2 . TYR A 1 8   ? 8.350   5.849   -5.272  1.00 15.83  ? 8   TYR A CD2 1 
ATOM   69  C CE1 . TYR A 1 8   ? 6.312   4.097   -6.025  1.00 20.17  ? 8   TYR A CE1 1 
ATOM   70  C CE2 . TYR A 1 8   ? 8.425   5.164   -6.494  1.00 19.36  ? 8   TYR A CE2 1 
ATOM   71  C CZ  . TYR A 1 8   ? 7.395   4.291   -6.856  1.00 21.63  ? 8   TYR A CZ  1 
ATOM   72  O OH  . TYR A 1 8   ? 7.413   3.620   -8.056  1.00 28.47  ? 8   TYR A OH  1 
ATOM   73  N N   . PHE A 1 9   ? 8.598   3.378   -1.925  1.00 12.91  ? 9   PHE A N   1 
ATOM   74  C CA  . PHE A 1 9   ? 9.851   2.639   -1.852  1.00 14.52  ? 9   PHE A CA  1 
ATOM   75  C C   . PHE A 1 9   ? 10.386  2.218   -3.224  1.00 15.96  ? 9   PHE A C   1 
ATOM   76  O O   . PHE A 1 9   ? 11.406  1.540   -3.327  1.00 17.77  ? 9   PHE A O   1 
ATOM   77  C CB  . PHE A 1 9   ? 9.724   1.433   -0.893  1.00 11.26  ? 9   PHE A CB  1 
ATOM   78  C CG  . PHE A 1 9   ? 9.773   1.815   0.578   1.00 15.18  ? 9   PHE A CG  1 
ATOM   79  C CD1 . PHE A 1 9   ? 8.970   2.815   1.080   1.00 16.85  ? 9   PHE A CD1 1 
ATOM   80  C CD2 . PHE A 1 9   ? 10.643  1.177   1.459   1.00 20.90  ? 9   PHE A CD2 1 
ATOM   81  C CE1 . PHE A 1 9   ? 9.030   3.176   2.443   1.00 14.71  ? 9   PHE A CE1 1 
ATOM   82  C CE2 . PHE A 1 9   ? 10.698  1.542   2.812   1.00 21.18  ? 9   PHE A CE2 1 
ATOM   83  C CZ  . PHE A 1 9   ? 9.883   2.543   3.291   1.00 16.18  ? 9   PHE A CZ  1 
ATOM   84  N N   . GLY A 1 10  ? 9.680   2.615   -4.274  1.00 17.07  ? 10  GLY A N   1 
ATOM   85  C CA  . GLY A 1 10  ? 10.128  2.312   -5.619  1.00 17.68  ? 10  GLY A CA  1 
ATOM   86  C C   . GLY A 1 10  ? 10.217  0.865   -6.034  1.00 18.85  ? 10  GLY A C   1 
ATOM   87  O O   . GLY A 1 10  ? 9.337   0.051   -5.762  1.00 18.99  ? 10  GLY A O   1 
ATOM   88  N N   . LYS A 1 11  ? 11.344  0.525   -6.646  1.00 18.94  ? 11  LYS A N   1 
ATOM   89  C CA  . LYS A 1 11  ? 11.560  -0.808  -7.177  1.00 19.86  ? 11  LYS A CA  1 
ATOM   90  C C   . LYS A 1 11  ? 12.143  -1.800  -6.170  1.00 19.61  ? 11  LYS A C   1 
ATOM   91  O O   . LYS A 1 11  ? 13.349  -2.009  -6.141  1.00 22.54  ? 11  LYS A O   1 
ATOM   92  C CB  . LYS A 1 11  ? 12.437  -0.693  -8.433  1.00 23.75  ? 11  LYS A CB  1 
ATOM   93  C CG  . LYS A 1 11  ? 12.481  -1.939  -9.295  1.00 32.74  ? 11  LYS A CG  1 
ATOM   94  C CD  . LYS A 1 11  ? 13.627  -1.916  -10.290 1.00 30.51  ? 11  LYS A CD  1 
ATOM   95  C CE  . LYS A 1 11  ? 13.605  -3.172  -11.121 1.00 32.02  ? 11  LYS A CE  1 
ATOM   96  N NZ  . LYS A 1 11  ? 14.918  -3.369  -11.776 1.00 33.84  ? 11  LYS A NZ  1 
ATOM   97  N N   . ILE A 1 12  ? 11.303  -2.297  -5.259  1.00 17.58  ? 12  ILE A N   1 
ATOM   98  C CA  . ILE A 1 12  ? 11.714  -3.308  -4.302  1.00 15.91  ? 12  ILE A CA  1 
ATOM   99  C C   . ILE A 1 12  ? 10.753  -4.449  -4.577  1.00 15.32  ? 12  ILE A C   1 
ATOM   100 O O   . ILE A 1 12  ? 9.664   -4.235  -5.121  1.00 13.98  ? 12  ILE A O   1 
ATOM   101 C CB  . ILE A 1 12  ? 11.660  -2.863  -2.796  1.00 18.77  ? 12  ILE A CB  1 
ATOM   102 C CG1 . ILE A 1 12  ? 10.236  -2.569  -2.337  1.00 17.19  ? 12  ILE A CG1 1 
ATOM   103 C CG2 . ILE A 1 12  ? 12.570  -1.662  -2.557  1.00 20.31  ? 12  ILE A CG2 1 
ATOM   104 C CD1 . ILE A 1 12  ? 10.165  -2.365  -0.847  1.00 17.37  ? 12  ILE A CD1 1 
ATOM   105 N N   . THR A 1 13  ? 11.197  -5.665  -4.288  1.00 13.59  ? 13  THR A N   1 
ATOM   106 C CA  . THR A 1 13  ? 10.408  -6.860  -4.521  1.00 10.14  ? 13  THR A CA  1 
ATOM   107 C C   . THR A 1 13  ? 9.384   -7.084  -3.408  1.00 11.54  ? 13  THR A C   1 
ATOM   108 O O   . THR A 1 13  ? 9.455   -6.475  -2.341  1.00 9.69   ? 13  THR A O   1 
ATOM   109 C CB  . THR A 1 13  ? 11.313  -8.138  -4.553  1.00 10.86  ? 13  THR A CB  1 
ATOM   110 O OG1 . THR A 1 13  ? 11.949  -8.314  -3.288  1.00 11.37  ? 13  THR A OG1 1 
ATOM   111 C CG2 . THR A 1 13  ? 12.392  -8.033  -5.613  1.00 12.71  ? 13  THR A CG2 1 
ATOM   112 N N   . ARG A 1 14  ? 8.444   -7.981  -3.660  1.00 11.25  ? 14  ARG A N   1 
ATOM   113 C CA  . ARG A 1 14  ? 7.439   -8.363  -2.686  1.00 12.70  ? 14  ARG A CA  1 
ATOM   114 C C   . ARG A 1 14  ? 8.085   -8.930  -1.416  1.00 13.12  ? 14  ARG A C   1 
ATOM   115 O O   . ARG A 1 14  ? 7.655   -8.595  -0.310  1.00 12.57  ? 14  ARG A O   1 
ATOM   116 C CB  . ARG A 1 14  ? 6.543   -9.404  -3.317  1.00 11.02  ? 14  ARG A CB  1 
ATOM   117 C CG  . ARG A 1 14  ? 5.478   -10.000 -2.419  1.00 9.41   ? 14  ARG A CG  1 
ATOM   118 C CD  . ARG A 1 14  ? 4.652   -10.804 -3.369  1.00 17.60  ? 14  ARG A CD  1 
ATOM   119 N NE  . ARG A 1 14  ? 3.504   -11.441 -2.785  1.00 23.10  ? 14  ARG A NE  1 
ATOM   120 C CZ  . ARG A 1 14  ? 2.251   -11.188 -3.142  1.00 23.26  ? 14  ARG A CZ  1 
ATOM   121 N NH1 . ARG A 1 14  ? 1.279   -11.855 -2.548  1.00 27.10  ? 14  ARG A NH1 1 
ATOM   122 N NH2 . ARG A 1 14  ? 1.958   -10.232 -4.025  1.00 17.36  ? 14  ARG A NH2 1 
ATOM   123 N N   . ARG A 1 15  ? 9.102   -9.788  -1.579  1.00 12.42  ? 15  ARG A N   1 
ATOM   124 C CA  . ARG A 1 15  ? 9.813   -10.429 -0.447  1.00 11.38  ? 15  ARG A CA  1 
ATOM   125 C C   . ARG A 1 15  ? 10.481  -9.389  0.453   1.00 10.16  ? 15  ARG A C   1 
ATOM   126 O O   . ARG A 1 15  ? 10.518  -9.525  1.670   1.00 10.21  ? 15  ARG A O   1 
ATOM   127 C CB  . ARG A 1 15  ? 10.859  -11.438 -0.975  1.00 11.94  ? 15  ARG A CB  1 
ATOM   128 C CG  . ARG A 1 15  ? 11.620  -12.153 0.126   1.00 16.22  ? 15  ARG A CG  1 
ATOM   129 C CD  . ARG A 1 15  ? 12.516  -13.285 -0.355  1.00 17.63  ? 15  ARG A CD  1 
ATOM   130 N NE  . ARG A 1 15  ? 13.259  -13.856 0.775   1.00 25.77  ? 15  ARG A NE  1 
ATOM   131 C CZ  . ARG A 1 15  ? 12.784  -14.792 1.608   1.00 30.73  ? 15  ARG A CZ  1 
ATOM   132 N NH1 . ARG A 1 15  ? 11.562  -15.304 1.446   1.00 30.16  ? 15  ARG A NH1 1 
ATOM   133 N NH2 . ARG A 1 15  ? 13.500  -15.166 2.666   1.00 35.61  ? 15  ARG A NH2 1 
ATOM   134 N N   . GLU A 1 16  ? 11.091  -8.389  -0.165  1.00 9.90   ? 16  GLU A N   1 
ATOM   135 C CA  . GLU A 1 16  ? 11.743  -7.311  0.577   1.00 11.30  ? 16  GLU A CA  1 
ATOM   136 C C   . GLU A 1 16  ? 10.692  -6.492  1.334   1.00 10.65  ? 16  GLU A C   1 
ATOM   137 O O   . GLU A 1 16  ? 10.894  -6.126  2.493   1.00 10.43  ? 16  GLU A O   1 
ATOM   138 C CB  . GLU A 1 16  ? 12.526  -6.411  -0.382  1.00 11.72  ? 16  GLU A CB  1 
ATOM   139 C CG  . GLU A 1 16  ? 13.153  -5.190  0.235   1.00 15.94  ? 16  GLU A CG  1 
ATOM   140 C CD  . GLU A 1 16  ? 14.237  -5.490  1.251   1.00 22.50  ? 16  GLU A CD  1 
ATOM   141 O OE1 . GLU A 1 16  ? 14.853  -4.501  1.706   1.00 29.73  ? 16  GLU A OE1 1 
ATOM   142 O OE2 . GLU A 1 16  ? 14.482  -6.663  1.617   1.00 23.56  ? 16  GLU A OE2 1 
ATOM   143 N N   . SER A 1 17  ? 9.571   -6.210  0.681   1.00 9.15   ? 17  SER A N   1 
ATOM   144 C CA  . SER A 1 17  ? 8.518   -5.462  1.335   1.00 10.20  ? 17  SER A CA  1 
ATOM   145 C C   . SER A 1 17  ? 8.045   -6.274  2.547   1.00 10.23  ? 17  SER A C   1 
ATOM   146 O O   . SER A 1 17  ? 7.791   -5.710  3.620   1.00 10.71  ? 17  SER A O   1 
ATOM   147 C CB  . SER A 1 17  ? 7.379   -5.164  0.348   1.00 11.08  ? 17  SER A CB  1 
ATOM   148 O OG  . SER A 1 17  ? 6.541   -6.292  0.128   1.00 12.94  ? 17  SER A OG  1 
ATOM   149 N N   . GLU A 1 18  ? 7.934   -7.591  2.408   1.00 8.91   ? 18  GLU A N   1 
ATOM   150 C CA  . GLU A 1 18  ? 7.527   -8.384  3.560   1.00 10.42  ? 18  GLU A CA  1 
ATOM   151 C C   . GLU A 1 18  ? 8.604   -8.414  4.644   1.00 11.77  ? 18  GLU A C   1 
ATOM   152 O O   . GLU A 1 18  ? 8.285   -8.426  5.828   1.00 12.36  ? 18  GLU A O   1 
ATOM   153 C CB  . GLU A 1 18  ? 7.118   -9.782  3.155   1.00 10.91  ? 18  GLU A CB  1 
ATOM   154 C CG  . GLU A 1 18  ? 5.902   -9.739  2.298   1.00 13.93  ? 18  GLU A CG  1 
ATOM   155 C CD  . GLU A 1 18  ? 5.541   -11.078 1.702   1.00 26.08  ? 18  GLU A CD  1 
ATOM   156 O OE1 . GLU A 1 18  ? 4.383   -11.257 1.285   1.00 23.20  ? 18  GLU A OE1 1 
ATOM   157 O OE2 . GLU A 1 18  ? 6.407   -11.958 1.621   1.00 32.22  ? 18  GLU A OE2 1 
ATOM   158 N N   . ARG A 1 19  ? 9.878   -8.378  4.248   1.00 11.42  ? 19  ARG A N   1 
ATOM   159 C CA  . ARG A 1 19  ? 10.974  -8.374  5.229   1.00 12.69  ? 19  ARG A CA  1 
ATOM   160 C C   . ARG A 1 19  ? 10.851  -7.089  6.096   1.00 13.11  ? 19  ARG A C   1 
ATOM   161 O O   . ARG A 1 19  ? 10.925  -7.132  7.329   1.00 14.20  ? 19  ARG A O   1 
ATOM   162 C CB  . ARG A 1 19  ? 12.349  -8.416  4.538   1.00 13.27  ? 19  ARG A CB  1 
ATOM   163 C CG  . ARG A 1 19  ? 13.496  -8.655  5.514   1.00 17.45  ? 19  ARG A CG  1 
ATOM   164 C CD  . ARG A 1 19  ? 14.847  -8.461  4.896   1.00 18.76  ? 19  ARG A CD  1 
ATOM   165 N NE  . ARG A 1 19  ? 15.022  -7.112  4.353   1.00 23.95  ? 19  ARG A NE  1 
ATOM   166 C CZ  . ARG A 1 19  ? 15.399  -6.049  5.058   1.00 25.23  ? 19  ARG A CZ  1 
ATOM   167 N NH1 . ARG A 1 19  ? 15.641  -6.152  6.358   1.00 31.19  ? 19  ARG A NH1 1 
ATOM   168 N NH2 . ARG A 1 19  ? 15.594  -4.886  4.455   1.00 24.63  ? 19  ARG A NH2 1 
ATOM   169 N N   . LEU A 1 20  ? 10.614  -5.963  5.438   1.00 12.43  ? 20  LEU A N   1 
ATOM   170 C CA  . LEU A 1 20  ? 10.476  -4.692  6.125   1.00 12.18  ? 20  LEU A CA  1 
ATOM   171 C C   . LEU A 1 20  ? 9.241   -4.610  7.010   1.00 12.79  ? 20  LEU A C   1 
ATOM   172 O O   . LEU A 1 20  ? 9.313   -4.130  8.136   1.00 14.06  ? 20  LEU A O   1 
ATOM   173 C CB  . LEU A 1 20  ? 10.413  -3.553  5.120   1.00 12.14  ? 20  LEU A CB  1 
ATOM   174 C CG  . LEU A 1 20  ? 11.708  -3.247  4.376   1.00 14.74  ? 20  LEU A CG  1 
ATOM   175 C CD1 . LEU A 1 20  ? 11.425  -2.279  3.243   1.00 18.71  ? 20  LEU A CD1 1 
ATOM   176 C CD2 . LEU A 1 20  ? 12.713  -2.661  5.332   1.00 17.34  ? 20  LEU A CD2 1 
ATOM   177 N N   . LEU A 1 21  ? 8.113   -5.112  6.526   1.00 11.50  ? 21  LEU A N   1 
ATOM   178 C CA  . LEU A 1 21  ? 6.883   -5.012  7.274   1.00 11.73  ? 21  LEU A CA  1 
ATOM   179 C C   . LEU A 1 21  ? 6.658   -6.008  8.407   1.00 15.23  ? 21  LEU A C   1 
ATOM   180 O O   . LEU A 1 21  ? 5.910   -5.718  9.348   1.00 14.33  ? 21  LEU A O   1 
ATOM   181 C CB  . LEU A 1 21  ? 5.717   -5.041  6.302   1.00 10.99  ? 21  LEU A CB  1 
ATOM   182 C CG  . LEU A 1 21  ? 5.669   -3.798  5.404   1.00 9.84   ? 21  LEU A CG  1 
ATOM   183 C CD1 . LEU A 1 21  ? 4.693   -4.003  4.236   1.00 11.68  ? 21  LEU A CD1 1 
ATOM   184 C CD2 . LEU A 1 21  ? 5.242   -2.608  6.225   1.00 9.76   ? 21  LEU A CD2 1 
ATOM   185 N N   . LEU A 1 22  ? 7.294   -7.174  8.317   1.00 15.31  ? 22  LEU A N   1 
ATOM   186 C CA  . LEU A 1 22  ? 7.144   -8.220  9.304   1.00 16.51  ? 22  LEU A CA  1 
ATOM   187 C C   . LEU A 1 22  ? 8.039   -7.977  10.469  1.00 18.70  ? 22  LEU A C   1 
ATOM   188 O O   . LEU A 1 22  ? 8.907   -8.783  10.773  1.00 22.05  ? 22  LEU A O   1 
ATOM   189 C CB  . LEU A 1 22  ? 7.473   -9.578  8.698   1.00 17.55  ? 22  LEU A CB  1 
ATOM   190 C CG  . LEU A 1 22  ? 6.450   -10.139 7.713   1.00 21.60  ? 22  LEU A CG  1 
ATOM   191 C CD1 . LEU A 1 22  ? 6.985   -11.396 6.997   1.00 24.09  ? 22  LEU A CD1 1 
ATOM   192 C CD2 . LEU A 1 22  ? 5.148   -10.423 8.435   1.00 25.49  ? 22  LEU A CD2 1 
ATOM   193 N N   . ASN A 1 23  ? 7.853   -6.847  11.114  1.00 18.53  ? 23  ASN A N   1 
ATOM   194 C CA  . ASN A 1 23  ? 8.671   -6.500  12.269  1.00 19.43  ? 23  ASN A CA  1 
ATOM   195 C C   . ASN A 1 23  ? 7.708   -6.354  13.456  1.00 18.69  ? 23  ASN A C   1 
ATOM   196 O O   . ASN A 1 23  ? 6.707   -5.650  13.337  1.00 16.56  ? 23  ASN A O   1 
ATOM   197 C CB  . ASN A 1 23  ? 9.397   -5.188  11.993  1.00 22.49  ? 23  ASN A CB  1 
ATOM   198 C CG  . ASN A 1 23  ? 10.364  -4.817  13.098  1.00 31.84  ? 23  ASN A CG  1 
ATOM   199 O OD1 . ASN A 1 23  ? 10.013  -4.785  14.279  1.00 26.55  ? 23  ASN A OD1 1 
ATOM   200 N ND2 . ASN A 1 23  ? 11.597  -4.547  12.720  1.00 38.69  ? 23  ASN A ND2 1 
ATOM   201 N N   . ALA A 1 24  ? 7.993   -7.040  14.569  1.00 16.17  ? 24  ALA A N   1 
ATOM   202 C CA  . ALA A 1 24  ? 7.143   -7.013  15.765  1.00 16.42  ? 24  ALA A CA  1 
ATOM   203 C C   . ALA A 1 24  ? 6.772   -5.617  16.265  1.00 13.90  ? 24  ALA A C   1 
ATOM   204 O O   . ALA A 1 24  ? 5.770   -5.457  16.954  1.00 15.53  ? 24  ALA A O   1 
ATOM   205 C CB  . ALA A 1 24  ? 7.803   -7.818  16.903  1.00 17.31  ? 24  ALA A CB  1 
ATOM   206 N N   . GLU A 1 25  ? 7.593   -4.623  15.948  1.00 13.66  ? 25  GLU A N   1 
ATOM   207 C CA  . GLU A 1 25  ? 7.329   -3.258  16.360  1.00 13.63  ? 25  GLU A CA  1 
ATOM   208 C C   . GLU A 1 25  ? 6.324   -2.529  15.480  1.00 13.17  ? 25  GLU A C   1 
ATOM   209 O O   . GLU A 1 25  ? 5.846   -1.468  15.867  1.00 14.19  ? 25  GLU A O   1 
ATOM   210 C CB  . GLU A 1 25  ? 8.616   -2.448  16.374  1.00 16.81  ? 25  GLU A CB  1 
ATOM   211 C CG  . GLU A 1 25  ? 9.600   -2.919  17.452  1.00 26.40  ? 25  GLU A CG  1 
ATOM   212 C CD  . GLU A 1 25  ? 10.880  -2.080  17.503  1.00 32.61  ? 25  GLU A CD  1 
ATOM   213 O OE1 . GLU A 1 25  ? 11.827  -2.509  18.190  1.00 33.55  ? 25  GLU A OE1 1 
ATOM   214 O OE2 . GLU A 1 25  ? 10.944  -0.999  16.863  1.00 36.91  ? 25  GLU A OE2 1 
ATOM   215 N N   . ASN A 1 26  ? 6.020   -3.064  14.291  1.00 10.66  ? 26  ASN A N   1 
ATOM   216 C CA  . ASN A 1 26  ? 5.073   -2.404  13.384  1.00 11.17  ? 26  ASN A CA  1 
ATOM   217 C C   . ASN A 1 26  ? 3.599   -2.637  13.782  1.00 9.71   ? 26  ASN A C   1 
ATOM   218 O O   . ASN A 1 26  ? 3.167   -3.784  13.915  1.00 11.60  ? 26  ASN A O   1 
ATOM   219 C CB  . ASN A 1 26  ? 5.249   -2.872  11.923  1.00 7.58   ? 26  ASN A CB  1 
ATOM   220 C CG  . ASN A 1 26  ? 6.606   -2.494  11.323  1.00 10.90  ? 26  ASN A CG  1 
ATOM   221 O OD1 . ASN A 1 26  ? 7.245   -1.533  11.741  1.00 11.56  ? 26  ASN A OD1 1 
ATOM   222 N ND2 . ASN A 1 26  ? 7.019   -3.229  10.305  1.00 11.04  ? 26  ASN A ND2 1 
ATOM   223 N N   . PRO A 1 27  ? 2.826   -1.554  14.009  1.00 10.26  ? 27  PRO A N   1 
ATOM   224 C CA  . PRO A 1 27  ? 1.411   -1.723  14.373  1.00 10.75  ? 27  PRO A CA  1 
ATOM   225 C C   . PRO A 1 27  ? 0.629   -1.984  13.096  1.00 9.87   ? 27  PRO A C   1 
ATOM   226 O O   . PRO A 1 27  ? 1.191   -1.832  11.986  1.00 9.62   ? 27  PRO A O   1 
ATOM   227 C CB  . PRO A 1 27  ? 1.054   -0.365  14.986  1.00 12.61  ? 27  PRO A CB  1 
ATOM   228 C CG  . PRO A 1 27  ? 1.864   0.582   14.193  1.00 15.28  ? 27  PRO A CG  1 
ATOM   229 C CD  . PRO A 1 27  ? 3.222   -0.130  14.096  1.00 11.06  ? 27  PRO A CD  1 
ATOM   230 N N   . ARG A 1 28  ? -0.615  -2.436  13.215  1.00 7.84   ? 28  ARG A N   1 
ATOM   231 C CA  . ARG A 1 28  ? -1.444  -2.668  12.035  1.00 8.51   ? 28  ARG A CA  1 
ATOM   232 C C   . ARG A 1 28  ? -1.532  -1.413  11.158  1.00 9.27   ? 28  ARG A C   1 
ATOM   233 O O   . ARG A 1 28  ? -1.634  -0.299  11.671  1.00 11.47  ? 28  ARG A O   1 
ATOM   234 C CB  . ARG A 1 28  ? -2.863  -2.997  12.466  1.00 9.25   ? 28  ARG A CB  1 
ATOM   235 C CG  . ARG A 1 28  ? -3.017  -4.232  13.286  1.00 14.69  ? 28  ARG A CG  1 
ATOM   236 C CD  . ARG A 1 28  ? -4.501  -4.469  13.403  1.00 22.88  ? 28  ARG A CD  1 
ATOM   237 N NE  . ARG A 1 28  ? -4.828  -5.484  14.384  1.00 42.06  ? 28  ARG A NE  1 
ATOM   238 C CZ  . ARG A 1 28  ? -5.544  -5.274  15.493  1.00 51.04  ? 28  ARG A CZ  1 
ATOM   239 N NH1 . ARG A 1 28  ? -6.017  -4.058  15.776  1.00 47.66  ? 28  ARG A NH1 1 
ATOM   240 N NH2 . ARG A 1 28  ? -5.821  -6.298  16.310  1.00 53.02  ? 28  ARG A NH2 1 
ATOM   241 N N   . GLY A 1 29  ? -1.520  -1.587  9.840   1.00 8.26   ? 29  GLY A N   1 
ATOM   242 C CA  . GLY A 1 29  ? -1.629  -0.436  8.968   1.00 5.17   ? 29  GLY A CA  1 
ATOM   243 C C   . GLY A 1 29  ? -0.325  0.216   8.564   1.00 7.06   ? 29  GLY A C   1 
ATOM   244 O O   . GLY A 1 29  ? -0.352  1.244   7.897   1.00 9.30   ? 29  GLY A O   1 
ATOM   245 N N   . THR A 1 30  ? 0.811   -0.348  8.995   1.00 7.14   ? 30  THR A N   1 
ATOM   246 C CA  . THR A 1 30  ? 2.134   0.147   8.618   1.00 6.99   ? 30  THR A CA  1 
ATOM   247 C C   . THR A 1 30  ? 2.190   -0.214  7.110   1.00 7.28   ? 30  THR A C   1 
ATOM   248 O O   . THR A 1 30  ? 1.799   -1.316  6.690   1.00 6.71   ? 30  THR A O   1 
ATOM   249 C CB  . THR A 1 30  ? 3.248   -0.542  9.433   1.00 6.32   ? 30  THR A CB  1 
ATOM   250 O OG1 . THR A 1 30  ? 3.135   -0.196  10.828  1.00 9.37   ? 30  THR A OG1 1 
ATOM   251 C CG2 . THR A 1 30  ? 4.610   -0.130  8.926   1.00 7.66   ? 30  THR A CG2 1 
ATOM   252 N N   . PHE A 1 31  ? 2.636   0.721   6.285   1.00 8.21   ? 31  PHE A N   1 
ATOM   253 C CA  . PHE A 1 31  ? 2.588   0.486   4.855   1.00 8.24   ? 31  PHE A CA  1 
ATOM   254 C C   . PHE A 1 31  ? 3.734   1.091   4.033   1.00 8.77   ? 31  PHE A C   1 
ATOM   255 O O   . PHE A 1 31  ? 4.551   1.896   4.513   1.00 8.52   ? 31  PHE A O   1 
ATOM   256 C CB  . PHE A 1 31  ? 1.255   1.069   4.330   1.00 7.02   ? 31  PHE A CB  1 
ATOM   257 C CG  . PHE A 1 31  ? 1.218   2.591   4.269   1.00 8.75   ? 31  PHE A CG  1 
ATOM   258 C CD1 . PHE A 1 31  ? 1.475   3.265   3.067   1.00 9.59   ? 31  PHE A CD1 1 
ATOM   259 C CD2 . PHE A 1 31  ? 0.974   3.354   5.420   1.00 12.24  ? 31  PHE A CD2 1 
ATOM   260 C CE1 . PHE A 1 31  ? 1.503   4.698   3.003   1.00 9.21   ? 31  PHE A CE1 1 
ATOM   261 C CE2 . PHE A 1 31  ? 1.001   4.779   5.379   1.00 10.55  ? 31  PHE A CE2 1 
ATOM   262 C CZ  . PHE A 1 31  ? 1.269   5.450   4.158   1.00 9.80   ? 31  PHE A CZ  1 
ATOM   263 N N   . LEU A 1 32  ? 3.724   0.738   2.759   1.00 9.25   ? 32  LEU A N   1 
ATOM   264 C CA  . LEU A 1 32  ? 4.669   1.266   1.816   1.00 9.19   ? 32  LEU A CA  1 
ATOM   265 C C   . LEU A 1 32  ? 4.016   1.065   0.429   1.00 9.42   ? 32  LEU A C   1 
ATOM   266 O O   . LEU A 1 32  ? 3.055   0.286   0.305   1.00 6.28   ? 32  LEU A O   1 
ATOM   267 C CB  . LEU A 1 32  ? 6.019   0.544   1.933   1.00 10.86  ? 32  LEU A CB  1 
ATOM   268 C CG  . LEU A 1 32  ? 6.133   -0.962  1.625   1.00 11.72  ? 32  LEU A CG  1 
ATOM   269 C CD1 . LEU A 1 32  ? 6.360   -1.184  0.103   1.00 7.56   ? 32  LEU A CD1 1 
ATOM   270 C CD2 . LEU A 1 32  ? 7.339   -1.492  2.388   1.00 14.27  ? 32  LEU A CD2 1 
ATOM   271 N N   . VAL A 1 33  ? 4.446   1.856   -0.561  1.00 8.52   ? 33  VAL A N   1 
ATOM   272 C CA  . VAL A 1 33  ? 3.952   1.734   -1.932  1.00 8.23   ? 33  VAL A CA  1 
ATOM   273 C C   . VAL A 1 33  ? 5.202   1.404   -2.732  1.00 8.97   ? 33  VAL A C   1 
ATOM   274 O O   . VAL A 1 33  ? 6.275   1.958   -2.457  1.00 9.47   ? 33  VAL A O   1 
ATOM   275 C CB  . VAL A 1 33  ? 3.304   3.044   -2.437  1.00 6.51   ? 33  VAL A CB  1 
ATOM   276 C CG1 . VAL A 1 33  ? 2.997   2.954   -3.907  1.00 8.04   ? 33  VAL A CG1 1 
ATOM   277 C CG2 . VAL A 1 33  ? 2.020   3.307   -1.645  1.00 7.89   ? 33  VAL A CG2 1 
ATOM   278 N N   . ARG A 1 34  ? 5.095   0.450   -3.652  1.00 8.43   ? 34  ARG A N   1 
ATOM   279 C CA  . ARG A 1 34  ? 6.232   0.036   -4.477  1.00 9.69   ? 34  ARG A CA  1 
ATOM   280 C C   . ARG A 1 34  ? 5.705   -0.288  -5.860  1.00 10.38  ? 34  ARG A C   1 
ATOM   281 O O   . ARG A 1 34  ? 4.513   -0.198  -6.117  1.00 10.00  ? 34  ARG A O   1 
ATOM   282 C CB  . ARG A 1 34  ? 6.904   -1.220  -3.882  1.00 10.06  ? 34  ARG A CB  1 
ATOM   283 C CG  . ARG A 1 34  ? 5.962   -2.426  -3.768  1.00 10.47  ? 34  ARG A CG  1 
ATOM   284 C CD  . ARG A 1 34  ? 6.625   -3.669  -3.168  1.00 12.89  ? 34  ARG A CD  1 
ATOM   285 N NE  . ARG A 1 34  ? 5.668   -4.759  -2.902  1.00 12.54  ? 34  ARG A NE  1 
ATOM   286 C CZ  . ARG A 1 34  ? 5.274   -5.666  -3.792  1.00 12.20  ? 34  ARG A CZ  1 
ATOM   287 N NH1 . ARG A 1 34  ? 4.416   -6.604  -3.428  1.00 10.36  ? 34  ARG A NH1 1 
ATOM   288 N NH2 . ARG A 1 34  ? 5.742   -5.648  -5.035  1.00 11.67  ? 34  ARG A NH2 1 
ATOM   289 N N   . GLU A 1 35  ? 6.598   -0.611  -6.775  1.00 10.78  ? 35  GLU A N   1 
ATOM   290 C CA  . GLU A 1 35  ? 6.174   -0.979  -8.107  1.00 11.50  ? 35  GLU A CA  1 
ATOM   291 C C   . GLU A 1 35  ? 5.729   -2.418  -8.044  1.00 11.51  ? 35  GLU A C   1 
ATOM   292 O O   . GLU A 1 35  ? 6.200   -3.181  -7.193  1.00 11.56  ? 35  GLU A O   1 
ATOM   293 C CB  . GLU A 1 35  ? 7.345   -0.930  -9.072  1.00 15.45  ? 35  GLU A CB  1 
ATOM   294 C CG  . GLU A 1 35  ? 7.679   0.441   -9.535  1.00 21.73  ? 35  GLU A CG  1 
ATOM   295 C CD  . GLU A 1 35  ? 8.773   0.435   -10.571 1.00 31.65  ? 35  GLU A CD  1 
ATOM   296 O OE1 . GLU A 1 35  ? 9.103   1.546   -11.020 1.00 37.83  ? 35  GLU A OE1 1 
ATOM   297 O OE2 . GLU A 1 35  ? 9.307   -0.659  -10.927 1.00 32.61  ? 35  GLU A OE2 1 
ATOM   298 N N   . SER A 1 36  ? 4.807   -2.777  -8.926  1.00 11.33  ? 36  SER A N   1 
ATOM   299 C CA  . SER A 1 36  ? 4.334   -4.141  -9.055  1.00 11.05  ? 36  SER A CA  1 
ATOM   300 C C   . SER A 1 36  ? 5.490   -4.944  -9.704  1.00 13.91  ? 36  SER A C   1 
ATOM   301 O O   . SER A 1 36  ? 6.224   -4.417  -10.543 1.00 12.77  ? 36  SER A O   1 
ATOM   302 C CB  . SER A 1 36  ? 3.116   -4.119  -9.972  1.00 11.69  ? 36  SER A CB  1 
ATOM   303 O OG  . SER A 1 36  ? 2.959   -5.372  -10.604 1.00 13.28  ? 36  SER A OG  1 
ATOM   304 N N   . GLU A 1 37  ? 5.703   -6.188  -9.295  1.00 13.31  ? 37  GLU A N   1 
ATOM   305 C CA  . GLU A 1 37  ? 6.789   -6.971  -9.908  1.00 16.34  ? 37  GLU A CA  1 
ATOM   306 C C   . GLU A 1 37  ? 6.504   -7.356  -11.360 1.00 18.85  ? 37  GLU A C   1 
ATOM   307 O O   . GLU A 1 37  ? 7.413   -7.387  -12.189 1.00 19.42  ? 37  GLU A O   1 
ATOM   308 C CB  . GLU A 1 37  ? 7.033   -8.258  -9.134  1.00 13.30  ? 37  GLU A CB  1 
ATOM   309 C CG  . GLU A 1 37  ? 7.741   -8.066  -7.817  1.00 15.44  ? 37  GLU A CG  1 
ATOM   310 C CD  . GLU A 1 37  ? 8.040   -9.378  -7.135  1.00 19.14  ? 37  GLU A CD  1 
ATOM   311 O OE1 . GLU A 1 37  ? 7.746   -10.448 -7.703  1.00 19.55  ? 37  GLU A OE1 1 
ATOM   312 O OE2 . GLU A 1 37  ? 8.588   -9.352  -6.018  1.00 18.24  ? 37  GLU A OE2 1 
ATOM   313 N N   . THR A 1 38  ? 5.234   -7.610  -11.668 1.00 20.06  ? 38  THR A N   1 
ATOM   314 C CA  . THR A 1 38  ? 4.886   -8.069  -12.996 1.00 22.33  ? 38  THR A CA  1 
ATOM   315 C C   . THR A 1 38  ? 3.911   -7.233  -13.814 1.00 24.75  ? 38  THR A C   1 
ATOM   316 O O   . THR A 1 38  ? 3.699   -7.526  -14.991 1.00 25.69  ? 38  THR A O   1 
ATOM   317 C CB  . THR A 1 38  ? 4.380   -9.529  -12.948 1.00 20.47  ? 38  THR A CB  1 
ATOM   318 O OG1 . THR A 1 38  ? 3.223   -9.623  -12.107 1.00 22.90  ? 38  THR A OG1 1 
ATOM   319 C CG2 . THR A 1 38  ? 5.455   -10.464 -12.421 1.00 20.16  ? 38  THR A CG2 1 
ATOM   320 N N   . THR A 1 39  ? 3.308   -6.205  -13.227 1.00 25.86  ? 39  THR A N   1 
ATOM   321 C CA  . THR A 1 39  ? 2.379   -5.394  -14.021 1.00 25.52  ? 39  THR A CA  1 
ATOM   322 C C   . THR A 1 39  ? 2.967   -4.035  -14.335 1.00 24.60  ? 39  THR A C   1 
ATOM   323 O O   . THR A 1 39  ? 3.155   -3.199  -13.448 1.00 22.24  ? 39  THR A O   1 
ATOM   324 C CB  . THR A 1 39  ? 1.028   -5.232  -13.344 1.00 27.08  ? 39  THR A CB  1 
ATOM   325 O OG1 . THR A 1 39  ? 0.553   -6.517  -12.922 1.00 28.57  ? 39  THR A OG1 1 
ATOM   326 C CG2 . THR A 1 39  ? 0.029   -4.606  -14.317 1.00 30.96  ? 39  THR A CG2 1 
ATOM   327 N N   . LYS A 1 40  ? 3.352   -3.857  -15.592 1.00 25.81  ? 40  LYS A N   1 
ATOM   328 C CA  . LYS A 1 40  ? 3.927   -2.599  -16.026 1.00 28.20  ? 40  LYS A CA  1 
ATOM   329 C C   . LYS A 1 40  ? 2.887   -1.501  -15.759 1.00 27.65  ? 40  LYS A C   1 
ATOM   330 O O   . LYS A 1 40  ? 1.672   -1.705  -15.937 1.00 25.84  ? 40  LYS A O   1 
ATOM   331 C CB  . LYS A 1 40  ? 4.305   -2.649  -17.521 1.00 36.06  ? 40  LYS A CB  1 
ATOM   332 C CG  . LYS A 1 40  ? 3.103   -2.713  -18.477 1.00 50.94  ? 40  LYS A CG  1 
ATOM   333 C CD  . LYS A 1 40  ? 2.137   -3.887  -18.145 1.00 61.82  ? 40  LYS A CD  1 
ATOM   334 C CE  . LYS A 1 40  ? 0.676   -3.531  -18.454 1.00 67.16  ? 40  LYS A CE  1 
ATOM   335 N NZ  . LYS A 1 40  ? -0.319  -4.387  -17.734 1.00 68.78  ? 40  LYS A NZ  1 
ATOM   336 N N   . GLY A 1 41  ? 3.369   -0.390  -15.213 1.00 26.40  ? 41  GLY A N   1 
ATOM   337 C CA  . GLY A 1 41  ? 2.503   0.723   -14.906 1.00 26.20  ? 41  GLY A CA  1 
ATOM   338 C C   . GLY A 1 41  ? 1.599   0.580   -13.696 1.00 26.35  ? 41  GLY A C   1 
ATOM   339 O O   . GLY A 1 41  ? 0.772   1.465   -13.470 1.00 28.60  ? 41  GLY A O   1 
ATOM   340 N N   . ALA A 1 42  ? 1.693   -0.521  -12.950 1.00 22.36  ? 42  ALA A N   1 
ATOM   341 C CA  . ALA A 1 42  ? 0.850   -0.667  -11.760 1.00 18.76  ? 42  ALA A CA  1 
ATOM   342 C C   . ALA A 1 42  ? 1.749   -0.619  -10.531 1.00 16.29  ? 42  ALA A C   1 
ATOM   343 O O   . ALA A 1 42  ? 2.942   -0.846  -10.643 1.00 16.28  ? 42  ALA A O   1 
ATOM   344 C CB  . ALA A 1 42  ? 0.071   -1.963  -11.808 1.00 16.78  ? 42  ALA A CB  1 
ATOM   345 N N   . TYR A 1 43  ? 1.193   -0.248  -9.388  1.00 12.90  ? 43  TYR A N   1 
ATOM   346 C CA  . TYR A 1 43  ? 1.963   -0.179  -8.157  1.00 11.86  ? 43  TYR A CA  1 
ATOM   347 C C   . TYR A 1 43  ? 1.328   -1.136  -7.176  1.00 10.55  ? 43  TYR A C   1 
ATOM   348 O O   . TYR A 1 43  ? 0.276   -1.688  -7.467  1.00 10.11  ? 43  TYR A O   1 
ATOM   349 C CB  . TYR A 1 43  ? 1.904   1.228   -7.541  1.00 13.11  ? 43  TYR A CB  1 
ATOM   350 C CG  . TYR A 1 43  ? 2.446   2.316   -8.429  1.00 16.20  ? 43  TYR A CG  1 
ATOM   351 C CD1 . TYR A 1 43  ? 1.598   3.030   -9.269  1.00 21.87  ? 43  TYR A CD1 1 
ATOM   352 C CD2 . TYR A 1 43  ? 3.809   2.598   -8.466  1.00 19.22  ? 43  TYR A CD2 1 
ATOM   353 C CE1 . TYR A 1 43  ? 2.085   4.003   -10.128 1.00 27.78  ? 43  TYR A CE1 1 
ATOM   354 C CE2 . TYR A 1 43  ? 4.319   3.564   -9.318  1.00 25.27  ? 43  TYR A CE2 1 
ATOM   355 C CZ  . TYR A 1 43  ? 3.447   4.270   -10.151 1.00 34.70  ? 43  TYR A CZ  1 
ATOM   356 O OH  . TYR A 1 43  ? 3.933   5.255   -10.996 1.00 44.70  ? 43  TYR A OH  1 
ATOM   357 N N   . CYS A 1 44  ? 1.957   -1.318  -6.019  1.00 10.34  ? 44  CYS A N   1 
ATOM   358 C CA  . CYS A 1 44  ? 1.413   -2.175  -4.980  1.00 10.61  ? 44  CYS A CA  1 
ATOM   359 C C   . CYS A 1 44  ? 1.505   -1.463  -3.684  1.00 9.37   ? 44  CYS A C   1 
ATOM   360 O O   . CYS A 1 44  ? 2.505   -0.828  -3.396  1.00 9.10   ? 44  CYS A O   1 
ATOM   361 C CB  . CYS A 1 44  ? 2.168   -3.501  -4.807  1.00 15.06  ? 44  CYS A CB  1 
ATOM   362 S SG  . CYS A 1 44  ? 1.871   -4.552  -6.184  1.00 38.39  ? 44  CYS A SG  1 
ATOM   363 N N   . LEU A 1 45  ? 0.444   -1.603  -2.909  1.00 9.09   ? 45  LEU A N   1 
ATOM   364 C CA  . LEU A 1 45  ? 0.349   -1.035  -1.580  1.00 9.62   ? 45  LEU A CA  1 
ATOM   365 C C   . LEU A 1 45  ? 0.534   -2.264  -0.681  1.00 8.59   ? 45  LEU A C   1 
ATOM   366 O O   . LEU A 1 45  ? -0.272  -3.190  -0.737  1.00 9.19   ? 45  LEU A O   1 
ATOM   367 C CB  . LEU A 1 45  ? -1.041  -0.419  -1.389  1.00 9.04   ? 45  LEU A CB  1 
ATOM   368 C CG  . LEU A 1 45  ? -1.421  0.089   0.014   1.00 9.44   ? 45  LEU A CG  1 
ATOM   369 C CD1 . LEU A 1 45  ? -0.406  1.085   0.518   1.00 10.51  ? 45  LEU A CD1 1 
ATOM   370 C CD2 . LEU A 1 45  ? -2.823  0.726   -0.028  1.00 13.74  ? 45  LEU A CD2 1 
ATOM   371 N N   . SER A 1 46  ? 1.630   -2.314  0.062   1.00 7.87   ? 46  SER A N   1 
ATOM   372 C CA  . SER A 1 46  ? 1.896   -3.431  0.975   1.00 7.90   ? 46  SER A CA  1 
ATOM   373 C C   . SER A 1 46  ? 1.576   -2.957  2.390   1.00 7.80   ? 46  SER A C   1 
ATOM   374 O O   . SER A 1 46  ? 2.085   -1.916  2.822   1.00 7.85   ? 46  SER A O   1 
ATOM   375 C CB  . SER A 1 46  ? 3.329   -3.879  0.795   1.00 6.45   ? 46  SER A CB  1 
ATOM   376 O OG  . SER A 1 46  ? 3.456   -4.371  -0.516  1.00 7.81   ? 46  SER A OG  1 
ATOM   377 N N   . VAL A 1 47  ? 0.741   -3.722  3.088   1.00 7.23   ? 47  VAL A N   1 
ATOM   378 C CA  . VAL A 1 47  ? 0.254   -3.308  4.399   1.00 8.96   ? 47  VAL A CA  1 
ATOM   379 C C   . VAL A 1 47  ? 0.405   -4.384  5.472   1.00 9.69   ? 47  VAL A C   1 
ATOM   380 O O   . VAL A 1 47  ? 0.103   -5.571  5.211   1.00 9.39   ? 47  VAL A O   1 
ATOM   381 C CB  . VAL A 1 47  ? -1.303  -2.947  4.344   1.00 8.00   ? 47  VAL A CB  1 
ATOM   382 C CG1 . VAL A 1 47  ? -1.814  -2.350  5.696   1.00 7.06   ? 47  VAL A CG1 1 
ATOM   383 C CG2 . VAL A 1 47  ? -1.587  -1.974  3.195   1.00 9.73   ? 47  VAL A CG2 1 
ATOM   384 N N   . SER A 1 48  ? 0.860   -3.993  6.665   1.00 8.87   ? 48  SER A N   1 
ATOM   385 C CA  . SER A 1 48  ? 1.000   -4.973  7.736   1.00 11.91  ? 48  SER A CA  1 
ATOM   386 C C   . SER A 1 48  ? -0.333  -5.089  8.470   1.00 12.19  ? 48  SER A C   1 
ATOM   387 O O   . SER A 1 48  ? -1.141  -4.132  8.505   1.00 11.30  ? 48  SER A O   1 
ATOM   388 C CB  . SER A 1 48  ? 2.134   -4.587  8.706   1.00 10.23  ? 48  SER A CB  1 
ATOM   389 O OG  . SER A 1 48  ? 1.733   -3.539  9.559   1.00 13.71  ? 48  SER A OG  1 
ATOM   390 N N   . ASP A 1 49  ? -0.629  -6.302  8.925   1.00 12.50  ? 49  ASP A N   1 
ATOM   391 C CA  . ASP A 1 49  ? -1.858  -6.577  9.677   1.00 11.28  ? 49  ASP A CA  1 
ATOM   392 C C   . ASP A 1 49  ? -1.512  -7.460  10.846  1.00 13.10  ? 49  ASP A C   1 
ATOM   393 O O   . ASP A 1 49  ? -0.399  -7.998  10.943  1.00 13.16  ? 49  ASP A O   1 
ATOM   394 C CB  . ASP A 1 49  ? -2.872  -7.318  8.823   1.00 12.57  ? 49  ASP A CB  1 
ATOM   395 C CG  . ASP A 1 49  ? -4.304  -7.260  9.403   1.00 20.15  ? 49  ASP A CG  1 
ATOM   396 O OD1 . ASP A 1 49  ? -4.613  -6.426  10.304  1.00 20.80  ? 49  ASP A OD1 1 
ATOM   397 O OD2 . ASP A 1 49  ? -5.132  -8.027  8.905   1.00 22.15  ? 49  ASP A OD2 1 
ATOM   398 N N   . PHE A 1 50  ? -2.467  -7.595  11.737  1.00 12.03  ? 50  PHE A N   1 
ATOM   399 C CA  . PHE A 1 50  ? -2.280  -8.433  12.900  1.00 16.02  ? 50  PHE A CA  1 
ATOM   400 C C   . PHE A 1 50  ? -3.618  -8.932  13.436  1.00 16.99  ? 50  PHE A C   1 
ATOM   401 O O   . PHE A 1 50  ? -4.576  -8.167  13.529  1.00 17.49  ? 50  PHE A O   1 
ATOM   402 C CB  . PHE A 1 50  ? -1.559  -7.648  14.020  1.00 15.82  ? 50  PHE A CB  1 
ATOM   403 C CG  . PHE A 1 50  ? -1.296  -8.461  15.261  1.00 15.97  ? 50  PHE A CG  1 
ATOM   404 C CD1 . PHE A 1 50  ? -2.276  -8.597  16.238  1.00 18.36  ? 50  PHE A CD1 1 
ATOM   405 C CD2 . PHE A 1 50  ? -0.108  -9.161  15.413  1.00 17.73  ? 50  PHE A CD2 1 
ATOM   406 C CE1 . PHE A 1 50  ? -2.074  -9.439  17.346  1.00 21.01  ? 50  PHE A CE1 1 
ATOM   407 C CE2 . PHE A 1 50  ? 0.104   -10.000 16.512  1.00 18.10  ? 50  PHE A CE2 1 
ATOM   408 C CZ  . PHE A 1 50  ? -0.873  -10.144 17.474  1.00 17.74  ? 50  PHE A CZ  1 
ATOM   409 N N   . ASP A 1 51  ? -3.729  -10.235 13.648  1.00 20.79  ? 51  ASP A N   1 
ATOM   410 C CA  . ASP A 1 51  ? -4.910  -10.768 14.321  1.00 23.77  ? 51  ASP A CA  1 
ATOM   411 C C   . ASP A 1 51  ? -4.460  -11.956 15.164  1.00 25.79  ? 51  ASP A C   1 
ATOM   412 O O   . ASP A 1 51  ? -3.308  -12.369 15.069  1.00 25.91  ? 51  ASP A O   1 
ATOM   413 C CB  . ASP A 1 51  ? -6.155  -11.011 13.420  1.00 26.93  ? 51  ASP A CB  1 
ATOM   414 C CG  . ASP A 1 51  ? -5.910  -11.953 12.259  1.00 31.05  ? 51  ASP A CG  1 
ATOM   415 O OD1 . ASP A 1 51  ? -6.563  -11.791 11.200  1.00 24.43  ? 51  ASP A OD1 1 
ATOM   416 O OD2 . ASP A 1 51  ? -5.116  -12.884 12.411  1.00 38.17  ? 51  ASP A OD2 1 
ATOM   417 N N   . ASN A 1 52  ? -5.289  -12.392 16.110  1.00 28.91  ? 52  ASN A N   1 
ATOM   418 C CA  . ASN A 1 52  ? -4.926  -13.529 16.968  1.00 31.21  ? 52  ASN A CA  1 
ATOM   419 C C   . ASN A 1 52  ? -4.955  -14.841 16.164  1.00 31.96  ? 52  ASN A C   1 
ATOM   420 O O   . ASN A 1 52  ? -4.279  -15.809 16.539  1.00 33.58  ? 52  ASN A O   1 
ATOM   421 C CB  . ASN A 1 52  ? -5.851  -13.645 18.210  1.00 35.00  ? 52  ASN A CB  1 
ATOM   422 C CG  . ASN A 1 52  ? -5.659  -12.497 19.235  1.00 35.90  ? 52  ASN A CG  1 
ATOM   423 O OD1 . ASN A 1 52  ? -4.554  -11.979 19.423  1.00 38.39  ? 52  ASN A OD1 1 
ATOM   424 N ND2 . ASN A 1 52  ? -6.732  -12.157 19.944  1.00 32.84  ? 52  ASN A ND2 1 
ATOM   425 N N   . ALA A 1 53  ? -5.721  -14.863 15.066  1.00 30.71  ? 53  ALA A N   1 
ATOM   426 C CA  . ALA A 1 53  ? -5.803  -16.047 14.205  1.00 30.73  ? 53  ALA A CA  1 
ATOM   427 C C   . ALA A 1 53  ? -4.474  -16.261 13.480  1.00 30.42  ? 53  ALA A C   1 
ATOM   428 O O   . ALA A 1 53  ? -3.803  -17.275 13.664  1.00 30.82  ? 53  ALA A O   1 
ATOM   429 C CB  . ALA A 1 53  ? -6.932  -15.890 13.163  1.00 27.76  ? 53  ALA A CB  1 
ATOM   430 N N   . LYS A 1 54  ? -4.059  -15.235 12.748  1.00 28.90  ? 54  LYS A N   1 
ATOM   431 C CA  . LYS A 1 54  ? -2.833  -15.277 11.951  1.00 29.93  ? 54  LYS A CA  1 
ATOM   432 C C   . LYS A 1 54  ? -1.612  -14.585 12.555  1.00 28.24  ? 54  LYS A C   1 
ATOM   433 O O   . LYS A 1 54  ? -0.491  -14.804 12.087  1.00 30.55  ? 54  LYS A O   1 
ATOM   434 C CB  . LYS A 1 54  ? -3.064  -14.609 10.597  1.00 29.13  ? 54  LYS A CB  1 
ATOM   435 C CG  . LYS A 1 54  ? -4.189  -15.152 9.779   1.00 35.72  ? 54  LYS A CG  1 
ATOM   436 C CD  . LYS A 1 54  ? -4.182  -14.476 8.419   1.00 39.16  ? 54  LYS A CD  1 
ATOM   437 C CE  . LYS A 1 54  ? -5.185  -15.116 7.497   1.00 44.50  ? 54  LYS A CE  1 
ATOM   438 N NZ  . LYS A 1 54  ? -4.929  -14.713 6.086   1.00 53.16  ? 54  LYS A NZ  1 
ATOM   439 N N   . GLY A 1 55  ? -1.824  -13.734 13.556  1.00 25.83  ? 55  GLY A N   1 
ATOM   440 C CA  . GLY A 1 55  ? -0.717  -12.976 14.113  1.00 22.86  ? 55  GLY A CA  1 
ATOM   441 C C   . GLY A 1 55  ? -0.335  -11.888 13.092  1.00 20.33  ? 55  GLY A C   1 
ATOM   442 O O   . GLY A 1 55  ? -1.187  -11.423 12.314  1.00 18.03  ? 55  GLY A O   1 
ATOM   443 N N   . LEU A 1 56  ? 0.955   -11.557 13.043  1.00 18.81  ? 56  LEU A N   1 
ATOM   444 C CA  . LEU A 1 56  ? 1.505   -10.533 12.152  1.00 18.24  ? 56  LEU A CA  1 
ATOM   445 C C   . LEU A 1 56  ? 1.597   -11.049 10.722  1.00 17.51  ? 56  LEU A C   1 
ATOM   446 O O   . LEU A 1 56  ? 2.195   -12.095 10.477  1.00 16.36  ? 56  LEU A O   1 
ATOM   447 C CB  . LEU A 1 56  ? 2.891   -10.117 12.653  1.00 18.77  ? 56  LEU A CB  1 
ATOM   448 C CG  . LEU A 1 56  ? 3.692   -9.007  11.960  1.00 23.48  ? 56  LEU A CG  1 
ATOM   449 C CD1 . LEU A 1 56  ? 2.972   -7.664  12.002  1.00 22.10  ? 56  LEU A CD1 1 
ATOM   450 C CD2 . LEU A 1 56  ? 5.051   -8.910  12.641  1.00 24.41  ? 56  LEU A CD2 1 
ATOM   451 N N   . ASN A 1 57  ? 1.037   -10.309 9.773   1.00 15.06  ? 57  ASN A N   1 
ATOM   452 C CA  . ASN A 1 57  ? 1.067   -10.761 8.394   1.00 15.26  ? 57  ASN A CA  1 
ATOM   453 C C   . ASN A 1 57  ? 0.999   -9.581  7.454   1.00 14.65  ? 57  ASN A C   1 
ATOM   454 O O   . ASN A 1 57  ? 0.708   -8.477  7.891   1.00 15.27  ? 57  ASN A O   1 
ATOM   455 C CB  . ASN A 1 57  ? -0.064  -11.762 8.108   1.00 16.20  ? 57  ASN A CB  1 
ATOM   456 C CG  . ASN A 1 57  ? -1.450  -11.170 8.293   1.00 20.48  ? 57  ASN A CG  1 
ATOM   457 O OD1 . ASN A 1 57  ? -2.143  -10.893 7.319   1.00 25.18  ? 57  ASN A OD1 1 
ATOM   458 N ND2 . ASN A 1 57  ? -1.874  -10.989 9.542   1.00 20.25  ? 57  ASN A ND2 1 
ATOM   459 N N   . VAL A 1 58  ? 1.198   -9.818  6.165   1.00 12.87  ? 58  VAL A N   1 
ATOM   460 C CA  . VAL A 1 58  ? 1.217   -8.736  5.192   1.00 10.89  ? 58  VAL A CA  1 
ATOM   461 C C   . VAL A 1 58  ? 0.264   -8.965  4.033   1.00 11.17  ? 58  VAL A C   1 
ATOM   462 O O   . VAL A 1 58  ? 0.151   -10.082 3.518   1.00 12.64  ? 58  VAL A O   1 
ATOM   463 C CB  . VAL A 1 58  ? 2.651   -8.558  4.659   1.00 10.95  ? 58  VAL A CB  1 
ATOM   464 C CG1 . VAL A 1 58  ? 2.718   -7.486  3.589   1.00 8.74   ? 58  VAL A CG1 1 
ATOM   465 C CG2 . VAL A 1 58  ? 3.557   -8.197  5.796   1.00 14.11  ? 58  VAL A CG2 1 
ATOM   466 N N   . LYS A 1 59  ? -0.447  -7.922  3.630   1.00 9.50   ? 59  LYS A N   1 
ATOM   467 C CA  . LYS A 1 59  ? -1.363  -8.008  2.498   1.00 9.70   ? 59  LYS A CA  1 
ATOM   468 C C   . LYS A 1 59  ? -0.801  -7.094  1.426   1.00 10.15  ? 59  LYS A C   1 
ATOM   469 O O   . LYS A 1 59  ? -0.163  -6.084  1.746   1.00 10.33  ? 59  LYS A O   1 
ATOM   470 C CB  . LYS A 1 59  ? -2.748  -7.492  2.873   1.00 12.29  ? 59  LYS A CB  1 
ATOM   471 C CG  . LYS A 1 59  ? -3.517  -8.379  3.850   1.00 24.46  ? 59  LYS A CG  1 
ATOM   472 C CD  . LYS A 1 59  ? -3.879  -9.715  3.213   1.00 35.52  ? 59  LYS A CD  1 
ATOM   473 C CE  . LYS A 1 59  ? -4.899  -10.475 4.071   1.00 47.44  ? 59  LYS A CE  1 
ATOM   474 N NZ  . LYS A 1 59  ? -4.972  -11.954 3.771   1.00 57.54  ? 59  LYS A NZ  1 
ATOM   475 N N   . HIS A 1 60  ? -1.016  -7.464  0.162   1.00 9.42   ? 60  HIS A N   1 
ATOM   476 C CA  . HIS A 1 60  ? -0.557  -6.668  -0.993  1.00 9.59   ? 60  HIS A CA  1 
ATOM   477 C C   . HIS A 1 60  ? -1.753  -6.326  -1.888  1.00 7.84   ? 60  HIS A C   1 
ATOM   478 O O   . HIS A 1 60  ? -2.527  -7.208  -2.241  1.00 8.34   ? 60  HIS A O   1 
ATOM   479 C CB  . HIS A 1 60  ? 0.486   -7.444  -1.793  1.00 10.08  ? 60  HIS A CB  1 
ATOM   480 C CG  . HIS A 1 60  ? 1.659   -7.913  -0.978  1.00 7.27   ? 60  HIS A CG  1 
ATOM   481 N ND1 . HIS A 1 60  ? 2.735   -7.104  -0.678  1.00 6.53   ? 60  HIS A ND1 1 
ATOM   482 C CD2 . HIS A 1 60  ? 1.915   -9.109  -0.392  1.00 8.23   ? 60  HIS A CD2 1 
ATOM   483 C CE1 . HIS A 1 60  ? 3.609   -7.781  0.043   1.00 9.74   ? 60  HIS A CE1 1 
ATOM   484 N NE2 . HIS A 1 60  ? 3.131   -8.999  0.232   1.00 9.72   ? 60  HIS A NE2 1 
ATOM   485 N N   . TYR A 1 61  ? -1.945  -5.046  -2.170  1.00 7.44   ? 61  TYR A N   1 
ATOM   486 C CA  . TYR A 1 61  ? -3.055  -4.581  -3.008  1.00 7.65   ? 61  TYR A CA  1 
ATOM   487 C C   . TYR A 1 61  ? -2.537  -3.905  -4.279  1.00 8.83   ? 61  TYR A C   1 
ATOM   488 O O   . TYR A 1 61  ? -1.645  -3.062  -4.220  1.00 9.58   ? 61  TYR A O   1 
ATOM   489 C CB  . TYR A 1 61  ? -3.929  -3.570  -2.248  1.00 7.57   ? 61  TYR A CB  1 
ATOM   490 C CG  . TYR A 1 61  ? -4.484  -4.131  -0.952  1.00 8.87   ? 61  TYR A CG  1 
ATOM   491 C CD1 . TYR A 1 61  ? -3.890  -3.823  0.287   1.00 10.07  ? 61  TYR A CD1 1 
ATOM   492 C CD2 . TYR A 1 61  ? -5.573  -5.004  -0.960  1.00 10.86  ? 61  TYR A CD2 1 
ATOM   493 C CE1 . TYR A 1 61  ? -4.375  -4.380  1.476   1.00 12.11  ? 61  TYR A CE1 1 
ATOM   494 C CE2 . TYR A 1 61  ? -6.064  -5.572  0.221   1.00 9.58   ? 61  TYR A CE2 1 
ATOM   495 C CZ  . TYR A 1 61  ? -5.468  -5.256  1.425   1.00 11.21  ? 61  TYR A CZ  1 
ATOM   496 O OH  . TYR A 1 61  ? -5.969  -5.783  2.553   1.00 10.10  ? 61  TYR A OH  1 
ATOM   497 N N   . LYS A 1 62  ? -3.094  -4.260  -5.421  1.00 8.04   ? 62  LYS A N   1 
ATOM   498 C CA  . LYS A 1 62  ? -2.667  -3.647  -6.646  1.00 8.02   ? 62  LYS A CA  1 
ATOM   499 C C   . LYS A 1 62  ? -3.343  -2.308  -6.902  1.00 9.22   ? 62  LYS A C   1 
ATOM   500 O O   . LYS A 1 62  ? -4.560  -2.194  -6.804  1.00 9.98   ? 62  LYS A O   1 
ATOM   501 C CB  . LYS A 1 62  ? -2.940  -4.575  -7.813  1.00 9.78   ? 62  LYS A CB  1 
ATOM   502 C CG  . LYS A 1 62  ? -2.277  -4.113  -9.090  1.00 21.06  ? 62  LYS A CG  1 
ATOM   503 C CD  . LYS A 1 62  ? -1.989  -5.258  -10.029 1.00 29.43  ? 62  LYS A CD  1 
ATOM   504 C CE  . LYS A 1 62  ? -0.826  -6.110  -9.536  1.00 36.39  ? 62  LYS A CE  1 
ATOM   505 N NZ  . LYS A 1 62  ? -0.529  -7.219  -10.500 1.00 43.77  ? 62  LYS A NZ  1 
ATOM   506 N N   . ILE A 1 63  ? -2.538  -1.286  -7.178  1.00 11.21  ? 63  ILE A N   1 
ATOM   507 C CA  . ILE A 1 63  ? -3.037  0.056   -7.489  1.00 11.67  ? 63  ILE A CA  1 
ATOM   508 C C   . ILE A 1 63  ? -2.905  0.233   -9.010  1.00 13.55  ? 63  ILE A C   1 
ATOM   509 O O   . ILE A 1 63  ? -1.791  0.180   -9.560  1.00 12.97  ? 63  ILE A O   1 
ATOM   510 C CB  . ILE A 1 63  ? -2.208  1.178   -6.801  1.00 11.27  ? 63  ILE A CB  1 
ATOM   511 C CG1 . ILE A 1 63  ? -2.258  1.043   -5.268  1.00 9.64   ? 63  ILE A CG1 1 
ATOM   512 C CG2 . ILE A 1 63  ? -2.728  2.564   -7.243  1.00 10.36  ? 63  ILE A CG2 1 
ATOM   513 C CD1 . ILE A 1 63  ? -1.430  2.102   -4.530  1.00 9.52   ? 63  ILE A CD1 1 
ATOM   514 N N   . ARG A 1 64  ? -4.047  0.372   -9.676  1.00 14.94  ? 64  ARG A N   1 
ATOM   515 C CA  . ARG A 1 64  ? -4.124  0.567   -11.127 1.00 15.97  ? 64  ARG A CA  1 
ATOM   516 C C   . ARG A 1 64  ? -4.081  2.062   -11.457 1.00 16.64  ? 64  ARG A C   1 
ATOM   517 O O   . ARG A 1 64  ? -4.531  2.910   -10.687 1.00 12.86  ? 64  ARG A O   1 
ATOM   518 C CB  . ARG A 1 64  ? -5.440  -0.010  -11.674 1.00 17.42  ? 64  ARG A CB  1 
ATOM   519 C CG  . ARG A 1 64  ? -5.745  -1.476  -11.322 1.00 27.98  ? 64  ARG A CG  1 
ATOM   520 C CD  . ARG A 1 64  ? -5.072  -2.425  -12.288 1.00 40.13  ? 64  ARG A CD  1 
ATOM   521 N NE  . ARG A 1 64  ? -5.830  -3.655  -12.577 1.00 48.82  ? 64  ARG A NE  1 
ATOM   522 C CZ  . ARG A 1 64  ? -6.293  -4.517  -11.671 1.00 52.51  ? 64  ARG A CZ  1 
ATOM   523 N NH1 . ARG A 1 64  ? -6.132  -4.310  -10.372 1.00 51.79  ? 64  ARG A NH1 1 
ATOM   524 N NH2 . ARG A 1 64  ? -6.714  -5.709  -12.072 1.00 56.12  ? 64  ARG A NH2 1 
ATOM   525 N N   . LYS A 1 65  ? -3.574  2.375   -12.631 1.00 18.43  ? 65  LYS A N   1 
ATOM   526 C CA  . LYS A 1 65  ? -3.485  3.750   -13.043 1.00 24.36  ? 65  LYS A CA  1 
ATOM   527 C C   . LYS A 1 65  ? -4.056  3.811   -14.449 1.00 27.19  ? 65  LYS A C   1 
ATOM   528 O O   . LYS A 1 65  ? -3.812  2.929   -15.273 1.00 26.75  ? 65  LYS A O   1 
ATOM   529 C CB  . LYS A 1 65  ? -2.021  4.218   -12.961 1.00 28.53  ? 65  LYS A CB  1 
ATOM   530 C CG  . LYS A 1 65  ? -1.584  5.281   -13.956 1.00 40.21  ? 65  LYS A CG  1 
ATOM   531 C CD  . LYS A 1 65  ? -2.191  6.655   -13.693 1.00 48.75  ? 65  LYS A CD  1 
ATOM   532 C CE  . LYS A 1 65  ? -1.601  7.701   -14.646 1.00 54.87  ? 65  LYS A CE  1 
ATOM   533 N NZ  . LYS A 1 65  ? -0.127  7.902   -14.449 1.00 59.46  ? 65  LYS A NZ  1 
ATOM   534 N N   . LEU A 1 66  ? -4.926  4.783   -14.667 1.00 30.96  ? 66  LEU A N   1 
ATOM   535 C CA  . LEU A 1 66  ? -5.564  4.983   -15.963 1.00 36.74  ? 66  LEU A CA  1 
ATOM   536 C C   . LEU A 1 66  ? -4.768  6.012   -16.753 1.00 40.32  ? 66  LEU A C   1 
ATOM   537 O O   . LEU A 1 66  ? -4.162  6.910   -16.162 1.00 40.01  ? 66  LEU A O   1 
ATOM   538 C CB  . LEU A 1 66  ? -6.974  5.545   -15.779 1.00 37.90  ? 66  LEU A CB  1 
ATOM   539 C CG  . LEU A 1 66  ? -8.040  4.683   -15.107 1.00 39.42  ? 66  LEU A CG  1 
ATOM   540 C CD1 . LEU A 1 66  ? -9.187  5.556   -14.602 1.00 37.93  ? 66  LEU A CD1 1 
ATOM   541 C CD2 . LEU A 1 66  ? -8.525  3.628   -16.092 1.00 41.81  ? 66  LEU A CD2 1 
ATOM   542 N N   . ASP A 1 67  ? -4.775  5.900   -18.082 1.00 44.84  ? 67  ASP A N   1 
ATOM   543 C CA  . ASP A 1 67  ? -4.091  6.894   -18.897 1.00 48.66  ? 67  ASP A CA  1 
ATOM   544 C C   . ASP A 1 67  ? -4.947  8.140   -18.807 1.00 49.14  ? 67  ASP A C   1 
ATOM   545 O O   . ASP A 1 67  ? -4.463  9.258   -18.947 1.00 50.57  ? 67  ASP A O   1 
ATOM   546 C CB  . ASP A 1 67  ? -3.923  6.421   -20.326 1.00 56.21  ? 67  ASP A CB  1 
ATOM   547 C CG  . ASP A 1 67  ? -2.705  5.548   -20.488 1.00 67.86  ? 67  ASP A CG  1 
ATOM   548 O OD1 . ASP A 1 67  ? -1.677  6.036   -21.017 1.00 74.69  ? 67  ASP A OD1 1 
ATOM   549 O OD2 . ASP A 1 67  ? -2.762  4.382   -20.038 1.00 75.43  ? 67  ASP A OD2 1 
ATOM   550 N N   . SER A 1 68  ? -6.216  7.921   -18.473 1.00 49.61  ? 68  SER A N   1 
ATOM   551 C CA  . SER A 1 68  ? -7.179  8.989   -18.262 1.00 51.16  ? 68  SER A CA  1 
ATOM   552 C C   . SER A 1 68  ? -6.847  9.727   -16.936 1.00 50.71  ? 68  SER A C   1 
ATOM   553 O O   . SER A 1 68  ? -7.562  10.654  -16.521 1.00 53.82  ? 68  SER A O   1 
ATOM   554 C CB  . SER A 1 68  ? -8.579  8.387   -18.214 1.00 54.39  ? 68  SER A CB  1 
ATOM   555 O OG  . SER A 1 68  ? -8.695  7.420   -19.254 1.00 60.28  ? 68  SER A OG  1 
ATOM   556 N N   . GLY A 1 69  ? -5.829  9.244   -16.222 1.00 47.46  ? 69  GLY A N   1 
ATOM   557 C CA  . GLY A 1 69  ? -5.394  9.926   -15.025 1.00 41.01  ? 69  GLY A CA  1 
ATOM   558 C C   . GLY A 1 69  ? -5.724  9.449   -13.639 1.00 36.75  ? 69  GLY A C   1 
ATOM   559 O O   . GLY A 1 69  ? -5.045  9.855   -12.699 1.00 38.32  ? 69  GLY A O   1 
ATOM   560 N N   . GLY A 1 70  ? -6.722  8.598   -13.476 1.00 31.77  ? 70  GLY A N   1 
ATOM   561 C CA  . GLY A 1 70  ? -7.052  8.176   -12.123 1.00 26.40  ? 70  GLY A CA  1 
ATOM   562 C C   . GLY A 1 70  ? -6.255  7.019   -11.574 1.00 22.73  ? 70  GLY A C   1 
ATOM   563 O O   . GLY A 1 70  ? -5.683  6.243   -12.341 1.00 23.51  ? 70  GLY A O   1 
ATOM   564 N N   . PHE A 1 71  ? -6.169  6.939   -10.248 1.00 18.71  ? 71  PHE A N   1 
ATOM   565 C CA  . PHE A 1 71  ? -5.496  5.836   -9.539  1.00 15.29  ? 71  PHE A CA  1 
ATOM   566 C C   . PHE A 1 71  ? -6.580  5.148   -8.727  1.00 13.73  ? 71  PHE A C   1 
ATOM   567 O O   . PHE A 1 71  ? -7.446  5.815   -8.155  1.00 11.45  ? 71  PHE A O   1 
ATOM   568 C CB  . PHE A 1 71  ? -4.474  6.339   -8.524  1.00 12.64  ? 71  PHE A CB  1 
ATOM   569 C CG  . PHE A 1 71  ? -3.283  6.946   -9.133  1.00 15.83  ? 71  PHE A CG  1 
ATOM   570 C CD1 . PHE A 1 71  ? -3.307  8.278   -9.555  1.00 17.67  ? 71  PHE A CD1 1 
ATOM   571 C CD2 . PHE A 1 71  ? -2.140  6.200   -9.300  1.00 15.48  ? 71  PHE A CD2 1 
ATOM   572 C CE1 . PHE A 1 71  ? -2.197  8.856   -10.137 1.00 19.29  ? 71  PHE A CE1 1 
ATOM   573 C CE2 . PHE A 1 71  ? -1.021  6.765   -9.880  1.00 22.82  ? 71  PHE A CE2 1 
ATOM   574 C CZ  . PHE A 1 71  ? -1.056  8.104   -10.300 1.00 20.97  ? 71  PHE A CZ  1 
ATOM   575 N N   . TYR A 1 72  ? -6.509  3.831   -8.624  1.00 12.38  ? 72  TYR A N   1 
ATOM   576 C CA  . TYR A 1 72  ? -7.503  3.118   -7.829  1.00 10.85  ? 72  TYR A CA  1 
ATOM   577 C C   . TYR A 1 72  ? -7.119  1.686   -7.512  1.00 10.17  ? 72  TYR A C   1 
ATOM   578 O O   . TYR A 1 72  ? -6.264  1.095   -8.181  1.00 7.81   ? 72  TYR A O   1 
ATOM   579 C CB  . TYR A 1 72  ? -8.859  3.099   -8.542  1.00 8.58   ? 72  TYR A CB  1 
ATOM   580 C CG  . TYR A 1 72  ? -8.853  2.350   -9.859  1.00 11.98  ? 72  TYR A CG  1 
ATOM   581 C CD1 . TYR A 1 72  ? -9.101  0.967   -9.913  1.00 12.47  ? 72  TYR A CD1 1 
ATOM   582 C CD2 . TYR A 1 72  ? -8.627  3.021   -11.053 1.00 16.01  ? 72  TYR A CD2 1 
ATOM   583 C CE1 . TYR A 1 72  ? -9.132  0.278   -11.124 1.00 13.41  ? 72  TYR A CE1 1 
ATOM   584 C CE2 . TYR A 1 72  ? -8.651  2.345   -12.263 1.00 21.43  ? 72  TYR A CE2 1 
ATOM   585 C CZ  . TYR A 1 72  ? -8.906  0.986   -12.281 1.00 20.09  ? 72  TYR A CZ  1 
ATOM   586 O OH  . TYR A 1 72  ? -8.944  0.345   -13.474 1.00 25.24  ? 72  TYR A OH  1 
ATOM   587 N N   . ILE A 1 73  ? -7.713  1.186   -6.428  1.00 9.81   ? 73  ILE A N   1 
ATOM   588 C CA  . ILE A 1 73  ? -7.577  -0.196  -6.036  1.00 9.79   ? 73  ILE A CA  1 
ATOM   589 C C   . ILE A 1 73  ? -8.859  -0.850  -6.579  1.00 10.86  ? 73  ILE A C   1 
ATOM   590 O O   . ILE A 1 73  ? -8.791  -1.899  -7.231  1.00 12.02  ? 73  ILE A O   1 
ATOM   591 C CB  . ILE A 1 73  ? -7.430  -0.373  -4.530  1.00 7.93   ? 73  ILE A CB  1 
ATOM   592 C CG1 . ILE A 1 73  ? -6.082  0.177   -4.100  1.00 9.62   ? 73  ILE A CG1 1 
ATOM   593 C CG2 . ILE A 1 73  ? -7.483  -1.877  -4.178  1.00 8.07   ? 73  ILE A CG2 1 
ATOM   594 C CD1 . ILE A 1 73  ? -5.845  0.124   -2.606  1.00 12.66  ? 73  ILE A CD1 1 
ATOM   595 N N   . THR A 1 74  ? -10.017 -0.244  -6.318  1.00 10.17  ? 74  THR A N   1 
ATOM   596 C CA  . THR A 1 74  ? -11.287 -0.735  -6.855  1.00 9.01   ? 74  THR A CA  1 
ATOM   597 C C   . THR A 1 74  ? -11.752 0.391   -7.757  1.00 10.04  ? 74  THR A C   1 
ATOM   598 O O   . THR A 1 74  ? -11.665 1.569   -7.388  1.00 9.22   ? 74  THR A O   1 
ATOM   599 C CB  . THR A 1 74  ? -12.357 -1.036  -5.790  1.00 9.09   ? 74  THR A CB  1 
ATOM   600 O OG1 . THR A 1 74  ? -13.610 -1.278  -6.452  1.00 11.82  ? 74  THR A OG1 1 
ATOM   601 C CG2 . THR A 1 74  ? -12.510 0.100   -4.800  1.00 9.90   ? 74  THR A CG2 1 
ATOM   602 N N   . SER A 1 75  ? -12.214 0.034   -8.953  1.00 10.86  ? 75  SER A N   1 
ATOM   603 C CA  . SER A 1 75  ? -12.637 1.025   -9.936  1.00 13.21  ? 75  SER A CA  1 
ATOM   604 C C   . SER A 1 75  ? -13.770 1.942   -9.499  1.00 14.77  ? 75  SER A C   1 
ATOM   605 O O   . SER A 1 75  ? -13.930 3.019   -10.080 1.00 13.75  ? 75  SER A O   1 
ATOM   606 C CB  . SER A 1 75  ? -12.995 0.367   -11.292 1.00 16.07  ? 75  SER A CB  1 
ATOM   607 O OG  . SER A 1 75  ? -14.207 -0.371  -11.225 1.00 16.79  ? 75  SER A OG  1 
ATOM   608 N N   . ARG A 1 76  ? -14.538 1.526   -8.489  1.00 15.41  ? 76  ARG A N   1 
ATOM   609 C CA  . ARG A 1 76  ? -15.641 2.345   -7.999  1.00 18.44  ? 76  ARG A CA  1 
ATOM   610 C C   . ARG A 1 76  ? -15.137 3.515   -7.152  1.00 17.61  ? 76  ARG A C   1 
ATOM   611 O O   . ARG A 1 76  ? -15.871 4.476   -6.976  1.00 21.30  ? 76  ARG A O   1 
ATOM   612 C CB  . ARG A 1 76  ? -16.648 1.516   -7.180  1.00 23.85  ? 76  ARG A CB  1 
ATOM   613 C CG  . ARG A 1 76  ? -16.928 0.147   -7.759  1.00 39.37  ? 76  ARG A CG  1 
ATOM   614 C CD  . ARG A 1 76  ? -18.387 -0.172  -8.119  1.00 51.41  ? 76  ARG A CD  1 
ATOM   615 N NE  . ARG A 1 76  ? -18.458 -1.605  -8.474  1.00 69.58  ? 76  ARG A NE  1 
ATOM   616 C CZ  . ARG A 1 76  ? -19.550 -2.297  -8.829  1.00 73.72  ? 76  ARG A CZ  1 
ATOM   617 N NH1 . ARG A 1 76  ? -20.750 -1.726  -8.899  1.00 71.77  ? 76  ARG A NH1 1 
ATOM   618 N NH2 . ARG A 1 76  ? -19.431 -3.589  -9.140  1.00 74.20  ? 76  ARG A NH2 1 
ATOM   619 N N   . THR A 1 77  ? -13.879 3.470   -6.699  1.00 14.09  ? 77  THR A N   1 
ATOM   620 C CA  . THR A 1 77  ? -13.318 4.522   -5.843  1.00 11.24  ? 77  THR A CA  1 
ATOM   621 C C   . THR A 1 77  ? -11.984 4.980   -6.403  1.00 11.50  ? 77  THR A C   1 
ATOM   622 O O   . THR A 1 77  ? -10.944 4.404   -6.098  1.00 12.62  ? 77  THR A O   1 
ATOM   623 C CB  . THR A 1 77  ? -13.161 3.968   -4.423  1.00 11.64  ? 77  THR A CB  1 
ATOM   624 O OG1 . THR A 1 77  ? -14.399 3.341   -4.053  1.00 12.65  ? 77  THR A OG1 1 
ATOM   625 C CG2 . THR A 1 77  ? -12.808 5.053   -3.399  1.00 8.95   ? 77  THR A CG2 1 
ATOM   626 N N   . GLN A 1 78  ? -12.023 6.041   -7.208  1.00 10.21  ? 78  GLN A N   1 
ATOM   627 C CA  . GLN A 1 78  ? -10.836 6.574   -7.884  1.00 10.50  ? 78  GLN A CA  1 
ATOM   628 C C   . GLN A 1 78  ? -10.342 7.902   -7.360  1.00 8.99   ? 78  GLN A C   1 
ATOM   629 O O   . GLN A 1 78  ? -11.110 8.683   -6.817  1.00 10.51  ? 78  GLN A O   1 
ATOM   630 C CB  . GLN A 1 78  ? -11.160 6.714   -9.359  1.00 12.09  ? 78  GLN A CB  1 
ATOM   631 C CG  . GLN A 1 78  ? -11.683 5.415   -9.951  1.00 14.11  ? 78  GLN A CG  1 
ATOM   632 C CD  . GLN A 1 78  ? -11.856 5.450   -11.462 1.00 22.06  ? 78  GLN A CD  1 
ATOM   633 O OE1 . GLN A 1 78  ? -12.375 4.499   -12.044 1.00 26.31  ? 78  GLN A OE1 1 
ATOM   634 N NE2 . GLN A 1 78  ? -11.404 6.516   -12.105 1.00 16.03  ? 78  GLN A NE2 1 
ATOM   635 N N   . PHE A 1 79  ? -9.050  8.152   -7.530  1.00 8.89   ? 79  PHE A N   1 
ATOM   636 C CA  . PHE A 1 79  ? -8.430  9.397   -7.091  1.00 10.86  ? 79  PHE A CA  1 
ATOM   637 C C   . PHE A 1 79  ? -7.582  10.018  -8.201  1.00 12.65  ? 79  PHE A C   1 
ATOM   638 O O   . PHE A 1 79  ? -7.092  9.333   -9.123  1.00 11.83  ? 79  PHE A O   1 
ATOM   639 C CB  . PHE A 1 79  ? -7.574  9.170   -5.851  1.00 11.28  ? 79  PHE A CB  1 
ATOM   640 C CG  . PHE A 1 79  ? -8.301  8.461   -4.761  1.00 11.36  ? 79  PHE A CG  1 
ATOM   641 C CD1 . PHE A 1 79  ? -8.338  7.077   -4.730  1.00 9.74   ? 79  PHE A CD1 1 
ATOM   642 C CD2 . PHE A 1 79  ? -9.067  9.170   -3.856  1.00 8.44   ? 79  PHE A CD2 1 
ATOM   643 C CE1 . PHE A 1 79  ? -9.143  6.405   -3.811  1.00 10.46  ? 79  PHE A CE1 1 
ATOM   644 C CE2 . PHE A 1 79  ? -9.870  8.512   -2.945  1.00 10.64  ? 79  PHE A CE2 1 
ATOM   645 C CZ  . PHE A 1 79  ? -9.909  7.125   -2.921  1.00 10.22  ? 79  PHE A CZ  1 
ATOM   646 N N   . ASN A 1 80  ? -7.383  11.319  -8.086  1.00 13.30  ? 80  ASN A N   1 
ATOM   647 C CA  . ASN A 1 80  ? -6.594  12.057  -9.054  1.00 16.84  ? 80  ASN A CA  1 
ATOM   648 C C   . ASN A 1 80  ? -5.082  11.875  -8.853  1.00 18.52  ? 80  ASN A C   1 
ATOM   649 O O   . ASN A 1 80  ? -4.290  12.166  -9.750  1.00 19.66  ? 80  ASN A O   1 
ATOM   650 C CB  . ASN A 1 80  ? -6.997  13.531  -9.012  1.00 19.67  ? 80  ASN A CB  1 
ATOM   651 C CG  . ASN A 1 80  ? -8.431  13.745  -9.433  1.00 21.78  ? 80  ASN A CG  1 
ATOM   652 O OD1 . ASN A 1 80  ? -8.908  13.081  -10.338 1.00 22.88  ? 80  ASN A OD1 1 
ATOM   653 N ND2 . ASN A 1 80  ? -9.133  14.658  -8.764  1.00 26.31  ? 80  ASN A ND2 1 
ATOM   654 N N   . SER A 1 81  ? -4.662  11.421  -7.675  1.00 16.79  ? 81  SER A N   1 
ATOM   655 C CA  . SER A 1 81  ? -3.244  11.206  -7.437  1.00 13.85  ? 81  SER A CA  1 
ATOM   656 C C   . SER A 1 81  ? -3.074  10.071  -6.460  1.00 15.03  ? 81  SER A C   1 
ATOM   657 O O   . SER A 1 81  ? -3.994  9.739   -5.716  1.00 13.96  ? 81  SER A O   1 
ATOM   658 C CB  . SER A 1 81  ? -2.593  12.451  -6.843  1.00 13.13  ? 81  SER A CB  1 
ATOM   659 O OG  . SER A 1 81  ? -3.142  12.751  -5.560  1.00 15.42  ? 81  SER A OG  1 
ATOM   660 N N   . LEU A 1 82  ? -1.871  9.513   -6.438  1.00 15.07  ? 82  LEU A N   1 
ATOM   661 C CA  . LEU A 1 82  ? -1.527  8.436   -5.528  1.00 14.88  ? 82  LEU A CA  1 
ATOM   662 C C   . LEU A 1 82  ? -1.585  9.004   -4.091  1.00 14.79  ? 82  LEU A C   1 
ATOM   663 O O   . LEU A 1 82  ? -1.999  8.312   -3.135  1.00 13.39  ? 82  LEU A O   1 
ATOM   664 C CB  . LEU A 1 82  ? -0.131  7.921   -5.875  1.00 17.35  ? 82  LEU A CB  1 
ATOM   665 C CG  . LEU A 1 82  ? 0.234   6.478   -5.538  1.00 23.02  ? 82  LEU A CG  1 
ATOM   666 C CD1 . LEU A 1 82  ? -0.888  5.573   -5.923  1.00 24.94  ? 82  LEU A CD1 1 
ATOM   667 C CD2 . LEU A 1 82  ? 1.485   6.081   -6.290  1.00 26.42  ? 82  LEU A CD2 1 
ATOM   668 N N   . GLN A 1 83  ? -1.169  10.268  -3.941  1.00 12.88  ? 83  GLN A N   1 
ATOM   669 C CA  . GLN A 1 83  ? -1.194  10.968  -2.650  1.00 13.80  ? 83  GLN A CA  1 
ATOM   670 C C   . GLN A 1 83  ? -2.614  11.052  -2.062  1.00 12.46  ? 83  GLN A C   1 
ATOM   671 O O   . GLN A 1 83  ? -2.817  10.853  -0.866  1.00 10.57  ? 83  GLN A O   1 
ATOM   672 C CB  . GLN A 1 83  ? -0.588  12.378  -2.790  1.00 17.75  ? 83  GLN A CB  1 
ATOM   673 C CG  . GLN A 1 83  ? 0.955   12.393  -3.097  1.00 26.17  ? 83  GLN A CG  1 
ATOM   674 C CD  . GLN A 1 83  ? 1.395   12.388  -4.603  1.00 24.87  ? 83  GLN A CD  1 
ATOM   675 O OE1 . GLN A 1 83  ? 2.539   12.777  -4.924  1.00 30.16  ? 83  GLN A OE1 1 
ATOM   676 N NE2 . GLN A 1 83  ? 0.508   11.970  -5.503  1.00 16.06  ? 83  GLN A NE2 1 
ATOM   677 N N   . GLN A 1 84  ? -3.603  11.354  -2.903  1.00 12.31  ? 84  GLN A N   1 
ATOM   678 C CA  . GLN A 1 84  ? -4.998  11.420  -2.439  1.00 12.28  ? 84  GLN A CA  1 
ATOM   679 C C   . GLN A 1 84  ? -5.515  10.038  -2.055  1.00 9.28   ? 84  GLN A C   1 
ATOM   680 O O   . GLN A 1 84  ? -6.311  9.904   -1.123  1.00 10.76  ? 84  GLN A O   1 
ATOM   681 C CB  . GLN A 1 84  ? -5.893  12.090  -3.498  1.00 13.39  ? 84  GLN A CB  1 
ATOM   682 C CG  . GLN A 1 84  ? -5.697  13.599  -3.554  1.00 22.87  ? 84  GLN A CG  1 
ATOM   683 C CD  . GLN A 1 84  ? -6.228  14.244  -4.826  1.00 32.65  ? 84  GLN A CD  1 
ATOM   684 O OE1 . GLN A 1 84  ? -5.992  13.757  -5.932  1.00 34.04  ? 84  GLN A OE1 1 
ATOM   685 N NE2 . GLN A 1 84  ? -6.938  15.365  -4.672  1.00 33.73  ? 84  GLN A NE2 1 
ATOM   686 N N   . LEU A 1 85  ? -5.077  9.015   -2.789  1.00 9.29   ? 85  LEU A N   1 
ATOM   687 C CA  . LEU A 1 85  ? -5.487  7.638   -2.500  1.00 7.99   ? 85  LEU A CA  1 
ATOM   688 C C   . LEU A 1 85  ? -4.965  7.245   -1.127  1.00 7.85   ? 85  LEU A C   1 
ATOM   689 O O   . LEU A 1 85  ? -5.709  6.689   -0.307  1.00 8.10   ? 85  LEU A O   1 
ATOM   690 C CB  . LEU A 1 85  ? -4.964  6.654   -3.567  1.00 8.38   ? 85  LEU A CB  1 
ATOM   691 C CG  . LEU A 1 85  ? -5.273  5.149   -3.396  1.00 7.61   ? 85  LEU A CG  1 
ATOM   692 C CD1 . LEU A 1 85  ? -5.458  4.534   -4.769  1.00 10.12  ? 85  LEU A CD1 1 
ATOM   693 C CD2 . LEU A 1 85  ? -4.183  4.406   -2.614  1.00 6.69   ? 85  LEU A CD2 1 
ATOM   694 N N   . VAL A 1 86  ? -3.699  7.554   -0.855  1.00 7.48   ? 86  VAL A N   1 
ATOM   695 C CA  . VAL A 1 86  ? -3.136  7.229   0.444   1.00 8.38   ? 86  VAL A CA  1 
ATOM   696 C C   . VAL A 1 86  ? -3.884  7.951   1.569   1.00 11.93  ? 86  VAL A C   1 
ATOM   697 O O   . VAL A 1 86  ? -4.238  7.328   2.586   1.00 10.52  ? 86  VAL A O   1 
ATOM   698 C CB  . VAL A 1 86  ? -1.636  7.560   0.483   1.00 11.36  ? 86  VAL A CB  1 
ATOM   699 C CG1 . VAL A 1 86  ? -1.111  7.575   1.902   1.00 12.46  ? 86  VAL A CG1 1 
ATOM   700 C CG2 . VAL A 1 86  ? -0.888  6.519   -0.318  1.00 11.73  ? 86  VAL A CG2 1 
ATOM   701 N N   . ALA A 1 87  ? -4.201  9.236   1.347   1.00 12.36  ? 87  ALA A N   1 
ATOM   702 C CA  . ALA A 1 87  ? -4.919  10.050  2.330   1.00 11.79  ? 87  ALA A CA  1 
ATOM   703 C C   . ALA A 1 87  ? -6.313  9.513   2.611   1.00 11.30  ? 87  ALA A C   1 
ATOM   704 O O   . ALA A 1 87  ? -6.729  9.463   3.776   1.00 13.26  ? 87  ALA A O   1 
ATOM   705 C CB  . ALA A 1 87  ? -4.978  11.545  1.896   1.00 11.31  ? 87  ALA A CB  1 
ATOM   706 N N   . TYR A 1 88  ? -7.014  9.045   1.584   1.00 8.78   ? 88  TYR A N   1 
ATOM   707 C CA  . TYR A 1 88  ? -8.362  8.488   1.765   1.00 8.19   ? 88  TYR A CA  1 
ATOM   708 C C   . TYR A 1 88  ? -8.317  7.160   2.559   1.00 9.11   ? 88  TYR A C   1 
ATOM   709 O O   . TYR A 1 88  ? -9.140  6.942   3.476   1.00 9.08   ? 88  TYR A O   1 
ATOM   710 C CB  . TYR A 1 88  ? -8.997  8.266   0.392   1.00 4.87   ? 88  TYR A CB  1 
ATOM   711 C CG  . TYR A 1 88  ? -10.300 7.550   0.442   1.00 7.25   ? 88  TYR A CG  1 
ATOM   712 C CD1 . TYR A 1 88  ? -11.505 8.246   0.492   1.00 8.23   ? 88  TYR A CD1 1 
ATOM   713 C CD2 . TYR A 1 88  ? -10.332 6.155   0.447   1.00 9.33   ? 88  TYR A CD2 1 
ATOM   714 C CE1 . TYR A 1 88  ? -12.733 7.550   0.544   1.00 11.23  ? 88  TYR A CE1 1 
ATOM   715 C CE2 . TYR A 1 88  ? -11.522 5.457   0.507   1.00 11.44  ? 88  TYR A CE2 1 
ATOM   716 C CZ  . TYR A 1 88  ? -12.723 6.157   0.558   1.00 13.95  ? 88  TYR A CZ  1 
ATOM   717 O OH  . TYR A 1 88  ? -13.890 5.426   0.672   1.00 14.89  ? 88  TYR A OH  1 
ATOM   718 N N   . TYR A 1 89  ? -7.374  6.276   2.217   1.00 9.21   ? 89  TYR A N   1 
ATOM   719 C CA  . TYR A 1 89  ? -7.259  4.997   2.935   1.00 8.70   ? 89  TYR A CA  1 
ATOM   720 C C   . TYR A 1 89  ? -6.618  5.109   4.315   1.00 8.49   ? 89  TYR A C   1 
ATOM   721 O O   . TYR A 1 89  ? -6.538  4.128   5.038   1.00 9.37   ? 89  TYR A O   1 
ATOM   722 C CB  . TYR A 1 89  ? -6.587  3.915   2.088   1.00 8.82   ? 89  TYR A CB  1 
ATOM   723 C CG  . TYR A 1 89  ? -7.482  3.430   0.955   1.00 9.18   ? 89  TYR A CG  1 
ATOM   724 C CD1 . TYR A 1 89  ? -7.173  3.724   -0.383  1.00 10.06  ? 89  TYR A CD1 1 
ATOM   725 C CD2 . TYR A 1 89  ? -8.666  2.723   1.220   1.00 7.16   ? 89  TYR A CD2 1 
ATOM   726 C CE1 . TYR A 1 89  ? -8.015  3.335   -1.433  1.00 5.68   ? 89  TYR A CE1 1 
ATOM   727 C CE2 . TYR A 1 89  ? -9.513  2.329   0.178   1.00 5.40   ? 89  TYR A CE2 1 
ATOM   728 C CZ  . TYR A 1 89  ? -9.178  2.642   -1.149  1.00 9.48   ? 89  TYR A CZ  1 
ATOM   729 O OH  . TYR A 1 89  ? -9.989  2.299   -2.210  1.00 11.94  ? 89  TYR A OH  1 
ATOM   730 N N   . SER A 1 90  ? -6.159  6.297   4.681   1.00 10.44  ? 90  SER A N   1 
ATOM   731 C CA  . SER A 1 90  ? -5.639  6.518   6.028   1.00 12.24  ? 90  SER A CA  1 
ATOM   732 C C   . SER A 1 90  ? -6.841  6.816   6.944   1.00 14.77  ? 90  SER A C   1 
ATOM   733 O O   . SER A 1 90  ? -6.705  6.833   8.168   1.00 17.74  ? 90  SER A O   1 
ATOM   734 C CB  . SER A 1 90  ? -4.652  7.702   6.068   1.00 13.04  ? 90  SER A CB  1 
ATOM   735 O OG  . SER A 1 90  ? -3.482  7.440   5.291   1.00 16.84  ? 90  SER A OG  1 
ATOM   736 N N   . LYS A 1 91  ? -8.008  7.064   6.353   1.00 12.73  ? 91  LYS A N   1 
ATOM   737 C CA  . LYS A 1 91  ? -9.215  7.346   7.110   1.00 14.05  ? 91  LYS A CA  1 
ATOM   738 C C   . LYS A 1 91  ? -10.284 6.269   6.947   1.00 14.36  ? 91  LYS A C   1 
ATOM   739 O O   . LYS A 1 91  ? -11.154 6.132   7.795   1.00 18.77  ? 91  LYS A O   1 
ATOM   740 C CB  . LYS A 1 91  ? -9.831  8.677   6.670   1.00 16.62  ? 91  LYS A CB  1 
ATOM   741 C CG  . LYS A 1 91  ? -8.937  9.899   6.811   1.00 23.83  ? 91  LYS A CG  1 
ATOM   742 C CD  . LYS A 1 91  ? -8.966  10.429  8.227   1.00 32.17  ? 91  LYS A CD  1 
ATOM   743 C CE  . LYS A 1 91  ? -8.369  11.834  8.296   1.00 36.44  ? 91  LYS A CE  1 
ATOM   744 N NZ  . LYS A 1 91  ? -8.592  12.447  9.640   1.00 43.64  ? 91  LYS A NZ  1 
ATOM   745 N N   . HIS A 1 92  ? -10.289 5.540   5.840   1.00 13.28  ? 92  HIS A N   1 
ATOM   746 C CA  . HIS A 1 92  ? -11.308 4.509   5.639   1.00 12.61  ? 92  HIS A CA  1 
ATOM   747 C C   . HIS A 1 92  ? -10.638 3.188   5.415   1.00 12.52  ? 92  HIS A C   1 
ATOM   748 O O   . HIS A 1 92  ? -9.683  3.127   4.654   1.00 14.06  ? 92  HIS A O   1 
ATOM   749 C CB  . HIS A 1 92  ? -12.156 4.774   4.388   1.00 12.52  ? 92  HIS A CB  1 
ATOM   750 C CG  . HIS A 1 92  ? -12.608 6.189   4.248   1.00 14.43  ? 92  HIS A CG  1 
ATOM   751 N ND1 . HIS A 1 92  ? -13.931 6.561   4.365   1.00 17.27  ? 92  HIS A ND1 1 
ATOM   752 C CD2 . HIS A 1 92  ? -11.911 7.326   4.036   1.00 13.26  ? 92  HIS A CD2 1 
ATOM   753 C CE1 . HIS A 1 92  ? -14.029 7.871   4.229   1.00 14.10  ? 92  HIS A CE1 1 
ATOM   754 N NE2 . HIS A 1 92  ? -12.818 8.361   4.032   1.00 17.74  ? 92  HIS A NE2 1 
ATOM   755 N N   . ALA A 1 93  ? -11.132 2.132   6.046   1.00 12.11  ? 93  ALA A N   1 
ATOM   756 C CA  . ALA A 1 93  ? -10.576 0.809   5.814   1.00 12.86  ? 93  ALA A CA  1 
ATOM   757 C C   . ALA A 1 93  ? -11.204 0.268   4.520   1.00 11.62  ? 93  ALA A C   1 
ATOM   758 O O   . ALA A 1 93  ? -10.506 -0.279  3.687   1.00 11.92  ? 93  ALA A O   1 
ATOM   759 C CB  . ALA A 1 93  ? -10.899 -0.110  6.980   1.00 12.13  ? 93  ALA A CB  1 
ATOM   760 N N   . ASP A 1 94  ? -12.509 0.478   4.333   1.00 11.74  ? 94  ASP A N   1 
ATOM   761 C CA  . ASP A 1 94  ? -13.224 -0.038  3.158   1.00 11.49  ? 94  ASP A CA  1 
ATOM   762 C C   . ASP A 1 94  ? -12.920 -1.534  3.005   1.00 12.79  ? 94  ASP A C   1 
ATOM   763 O O   . ASP A 1 94  ? -13.237 -2.329  3.894   1.00 15.43  ? 94  ASP A O   1 
ATOM   764 C CB  . ASP A 1 94  ? -12.918 0.747   1.877   1.00 11.29  ? 94  ASP A CB  1 
ATOM   765 C CG  . ASP A 1 94  ? -13.644 2.097   1.829   1.00 13.95  ? 94  ASP A CG  1 
ATOM   766 O OD1 . ASP A 1 94  ? -14.272 2.468   2.841   1.00 13.51  ? 94  ASP A OD1 1 
ATOM   767 O OD2 . ASP A 1 94  ? -13.564 2.781   0.794   1.00 12.84  ? 94  ASP A OD2 1 
ATOM   768 N N   . GLY A 1 95  ? -12.311 -1.944  1.905   1.00 12.22  ? 95  GLY A N   1 
ATOM   769 C CA  . GLY A 1 95  ? -12.019 -3.363  1.754   1.00 11.77  ? 95  GLY A CA  1 
ATOM   770 C C   . GLY A 1 95  ? -10.609 -3.789  2.138   1.00 11.51  ? 95  GLY A C   1 
ATOM   771 O O   . GLY A 1 95  ? -10.258 -4.950  1.952   1.00 12.69  ? 95  GLY A O   1 
ATOM   772 N N   . LEU A 1 96  ? -9.799  -2.877  2.670   1.00 11.27  ? 96  LEU A N   1 
ATOM   773 C CA  . LEU A 1 96  ? -8.428  -3.195  3.057   1.00 10.28  ? 96  LEU A CA  1 
ATOM   774 C C   . LEU A 1 96  ? -8.412  -3.882  4.419   1.00 11.66  ? 96  LEU A C   1 
ATOM   775 O O   . LEU A 1 96  ? -9.366  -3.769  5.198   1.00 11.94  ? 96  LEU A O   1 
ATOM   776 C CB  . LEU A 1 96  ? -7.562  -1.925  3.147   1.00 11.43  ? 96  LEU A CB  1 
ATOM   777 C CG  . LEU A 1 96  ? -7.407  -0.941  1.978   1.00 17.82  ? 96  LEU A CG  1 
ATOM   778 C CD1 . LEU A 1 96  ? -6.247  0.002   2.306   1.00 17.60  ? 96  LEU A CD1 1 
ATOM   779 C CD2 . LEU A 1 96  ? -7.167  -1.670  0.665   1.00 19.56  ? 96  LEU A CD2 1 
ATOM   780 N N   . CYS A 1 97  ? -7.301  -4.528  4.742   1.00 10.84  ? 97  CYS A N   1 
ATOM   781 C CA  . CYS A 1 97  ? -7.181  -5.221  6.011   1.00 10.50  ? 97  CYS A CA  1 
ATOM   782 C C   . CYS A 1 97  ? -7.201  -4.257  7.195   1.00 10.17  ? 97  CYS A C   1 
ATOM   783 O O   . CYS A 1 97  ? -7.586  -4.643  8.313   1.00 12.62  ? 97  CYS A O   1 
ATOM   784 C CB  . CYS A 1 97  ? -5.905  -6.084  6.036   1.00 9.37   ? 97  CYS A CB  1 
ATOM   785 S SG  . CYS A 1 97  ? -4.350  -5.242  5.743   1.00 14.69  ? 97  CYS A SG  1 
ATOM   786 N N   . HIS A 1 98  ? -6.816  -3.006  6.966   1.00 11.13  ? 98  HIS A N   1 
ATOM   787 C CA  . HIS A 1 98  ? -6.781  -2.017  8.034   1.00 10.18  ? 98  HIS A CA  1 
ATOM   788 C C   . HIS A 1 98  ? -6.560  -0.682  7.382   1.00 11.62  ? 98  HIS A C   1 
ATOM   789 O O   . HIS A 1 98  ? -6.082  -0.657  6.244   1.00 12.89  ? 98  HIS A O   1 
ATOM   790 C CB  . HIS A 1 98  ? -5.580  -2.272  8.948   1.00 9.81   ? 98  HIS A CB  1 
ATOM   791 C CG  . HIS A 1 98  ? -5.657  -1.591  10.275  1.00 10.04  ? 98  HIS A CG  1 
ATOM   792 N ND1 . HIS A 1 98  ? -5.177  -0.319  10.488  1.00 9.38   ? 98  HIS A ND1 1 
ATOM   793 C CD2 . HIS A 1 98  ? -6.196  -1.992  11.451  1.00 9.38   ? 98  HIS A CD2 1 
ATOM   794 C CE1 . HIS A 1 98  ? -5.426  0.043   11.734  1.00 7.48   ? 98  HIS A CE1 1 
ATOM   795 N NE2 . HIS A 1 98  ? -6.044  -0.958  12.333  1.00 10.07  ? 98  HIS A NE2 1 
ATOM   796 N N   . ARG A 1 99  ? -6.929  0.423   8.048   1.00 10.60  ? 99  ARG A N   1 
ATOM   797 C CA  . ARG A 1 99  ? -6.671  1.755   7.483   1.00 10.43  ? 99  ARG A CA  1 
ATOM   798 C C   . ARG A 1 99  ? -5.140  1.950   7.549   1.00 9.36   ? 99  ARG A C   1 
ATOM   799 O O   . ARG A 1 99  ? -4.471  1.315   8.397   1.00 8.91   ? 99  ARG A O   1 
ATOM   800 C CB  . ARG A 1 99  ? -7.400  2.856   8.282   1.00 9.93   ? 99  ARG A CB  1 
ATOM   801 C CG  . ARG A 1 99  ? -6.794  3.189   9.612   1.00 11.93  ? 99  ARG A CG  1 
ATOM   802 C CD  . ARG A 1 99  ? -7.380  4.472   10.225  1.00 18.11  ? 99  ARG A CD  1 
ATOM   803 N NE  . ARG A 1 99  ? -6.697  4.822   11.485  1.00 16.26  ? 99  ARG A NE  1 
ATOM   804 C CZ  . ARG A 1 99  ? -5.717  5.715   11.625  1.00 18.07  ? 99  ARG A CZ  1 
ATOM   805 N NH1 . ARG A 1 99  ? -5.250  6.417   10.595  1.00 18.17  ? 99  ARG A NH1 1 
ATOM   806 N NH2 . ARG A 1 99  ? -5.132  5.846   12.807  1.00 25.53  ? 99  ARG A NH2 1 
ATOM   807 N N   . LEU A 1 100 ? -4.588  2.780   6.652   1.00 9.52   ? 100 LEU A N   1 
ATOM   808 C CA  . LEU A 1 100 ? -3.140  3.072   6.627   1.00 10.45  ? 100 LEU A CA  1 
ATOM   809 C C   . LEU A 1 100 ? -2.806  3.952   7.834   1.00 11.52  ? 100 LEU A C   1 
ATOM   810 O O   . LEU A 1 100 ? -3.463  4.976   8.080   1.00 11.68  ? 100 LEU A O   1 
ATOM   811 C CB  . LEU A 1 100 ? -2.735  3.776   5.325   1.00 9.58   ? 100 LEU A CB  1 
ATOM   812 C CG  . LEU A 1 100 ? -3.198  3.024   4.073   1.00 9.09   ? 100 LEU A CG  1 
ATOM   813 C CD1 . LEU A 1 100 ? -2.709  3.753   2.829   1.00 7.39   ? 100 LEU A CD1 1 
ATOM   814 C CD2 . LEU A 1 100 ? -2.698  1.547   4.105   1.00 6.93   ? 100 LEU A CD2 1 
ATOM   815 N N   . THR A 1 101 ? -1.794  3.554   8.588   1.00 10.80  ? 101 THR A N   1 
ATOM   816 C CA  . THR A 1 101 ? -1.437  4.294   9.796   1.00 13.25  ? 101 THR A CA  1 
ATOM   817 C C   . THR A 1 101 ? -0.054  4.941   9.799   1.00 16.00  ? 101 THR A C   1 
ATOM   818 O O   . THR A 1 101 ? 0.071   6.159   9.996   1.00 18.29  ? 101 THR A O   1 
ATOM   819 C CB  . THR A 1 101 ? -1.545  3.393   11.097  1.00 12.06  ? 101 THR A CB  1 
ATOM   820 O OG1 . THR A 1 101 ? -0.678  2.253   10.982  1.00 11.48  ? 101 THR A OG1 1 
ATOM   821 C CG2 . THR A 1 101 ? -2.964  2.911   11.289  1.00 6.89   ? 101 THR A CG2 1 
ATOM   822 N N   . THR A 1 102 ? 0.983   4.136   9.610   1.00 14.56  ? 102 THR A N   1 
ATOM   823 C CA  . THR A 1 102 ? 2.329   4.655   9.675   1.00 15.12  ? 102 THR A CA  1 
ATOM   824 C C   . THR A 1 102 ? 3.184   4.121   8.528   1.00 13.28  ? 102 THR A C   1 
ATOM   825 O O   . THR A 1 102 ? 3.016   2.991   8.086   1.00 11.98  ? 102 THR A O   1 
ATOM   826 C CB  . THR A 1 102 ? 2.989   4.375   11.135  1.00 23.52  ? 102 THR A CB  1 
ATOM   827 O OG1 . THR A 1 102 ? 4.166   3.563   11.047  1.00 30.57  ? 102 THR A OG1 1 
ATOM   828 C CG2 . THR A 1 102 ? 2.034   3.624   12.057  1.00 22.11  ? 102 THR A CG2 1 
ATOM   829 N N   . VAL A 1 103 ? 4.038   4.989   8.001   1.00 12.73  ? 103 VAL A N   1 
ATOM   830 C CA  . VAL A 1 103 ? 4.959   4.632   6.931   1.00 12.79  ? 103 VAL A CA  1 
ATOM   831 C C   . VAL A 1 103 ? 5.979   3.640   7.484   1.00 13.33  ? 103 VAL A C   1 
ATOM   832 O O   . VAL A 1 103 ? 6.534   3.833   8.582   1.00 12.43  ? 103 VAL A O   1 
ATOM   833 C CB  . VAL A 1 103 ? 5.711   5.883   6.451   1.00 13.56  ? 103 VAL A CB  1 
ATOM   834 C CG1 . VAL A 1 103 ? 6.724   5.535   5.373   1.00 12.18  ? 103 VAL A CG1 1 
ATOM   835 C CG2 . VAL A 1 103 ? 4.691   6.908   5.936   1.00 17.32  ? 103 VAL A CG2 1 
ATOM   836 N N   . CYS A 1 104 ? 6.236   2.592   6.711   1.00 11.87  ? 104 CYS A N   1 
ATOM   837 C CA  . CYS A 1 104 ? 7.189   1.575   7.097   1.00 13.63  ? 104 CYS A CA  1 
ATOM   838 C C   . CYS A 1 104 ? 8.554   2.157   7.421   1.00 15.60  ? 104 CYS A C   1 
ATOM   839 O O   . CYS A 1 104 ? 9.100   2.930   6.654   1.00 13.86  ? 104 CYS A O   1 
ATOM   840 C CB  . CYS A 1 104 ? 7.377   0.559   5.977   1.00 14.24  ? 104 CYS A CB  1 
ATOM   841 S SG  . CYS A 1 104 ? 8.227   -0.945  6.528   1.00 18.09  ? 104 CYS A SG  1 
ATOM   842 N N   . PRO A 1 105 ? 9.096   1.816   8.590   1.00 17.34  ? 105 PRO A N   1 
ATOM   843 C CA  . PRO A 1 105 ? 10.410  2.282   9.025   1.00 22.18  ? 105 PRO A CA  1 
ATOM   844 C C   . PRO A 1 105 ? 11.455  1.646   8.082   1.00 26.05  ? 105 PRO A C   1 
ATOM   845 O O   . PRO A 1 105 ? 11.305  0.451   7.707   1.00 25.97  ? 105 PRO A O   1 
ATOM   846 C CB  . PRO A 1 105 ? 10.530  1.698   10.432  1.00 26.01  ? 105 PRO A CB  1 
ATOM   847 C CG  . PRO A 1 105 ? 9.121   1.556   10.871  1.00 26.34  ? 105 PRO A CG  1 
ATOM   848 C CD  . PRO A 1 105 ? 8.442   1.038   9.653   1.00 19.88  ? 105 PRO A CD  1 
HETATM 849 C C1  . 791 B 2 .   ? -1.545  -7.544  -5.565  1.00 29.57  ? 300 791 A C1  1 
HETATM 850 C C2  . 791 B 2 .   ? -1.281  -8.795  -6.177  1.00 30.43  ? 300 791 A C2  1 
HETATM 851 C C3  . 791 B 2 .   ? -0.012  -9.095  -6.762  1.00 30.99  ? 300 791 A C3  1 
HETATM 852 C C4  . 791 B 2 .   ? 0.986   -8.110  -6.690  1.00 25.64  ? 300 791 A C4  1 
HETATM 853 C C5  . 791 B 2 .   ? 0.691   -6.878  -6.056  1.00 27.26  ? 300 791 A C5  1 
HETATM 854 C C6  . 791 B 2 .   ? -0.546  -6.556  -5.497  1.00 27.19  ? 300 791 A C6  1 
HETATM 855 C C12 . 791 B 2 .   ? 2.353   -8.251  -7.296  1.00 23.52  ? 300 791 A C12 1 
HETATM 856 C C13 . 791 B 2 .   ? 3.530   -7.992  -6.367  1.00 17.94  ? 300 791 A C13 1 
HETATM 857 C C14 . 791 B 2 .   ? 2.577   -8.208  -8.818  1.00 24.12  ? 300 791 A C14 1 
HETATM 858 O O16 . 791 B 2 .   ? 4.456   -7.317  -6.940  1.00 17.05  ? 300 791 A O16 1 
HETATM 859 O O17 . 791 B 2 .   ? 3.585   -8.521  -5.332  1.00 18.46  ? 300 791 A O17 1 
HETATM 860 O O18 . 791 B 2 .   ? 3.454   -9.032  -9.411  1.00 24.63  ? 300 791 A O18 1 
HETATM 861 O O19 . 791 B 2 .   ? 2.033   -7.352  -9.296  1.00 22.54  ? 300 791 A O19 1 
HETATM 862 O O   . HOH C 3 .   ? -2.509  0.615   14.265  1.00 9.87   ? 301 HOH A O   1 
HETATM 863 O O   . HOH C 3 .   ? -8.651  -7.162  8.774   1.00 16.91  ? 302 HOH A O   1 
HETATM 864 O O   . HOH C 3 .   ? -12.646 1.573   -1.396  1.00 15.33  ? 303 HOH A O   1 
HETATM 865 O O   . HOH C 3 .   ? 14.253  -5.547  -3.461  1.00 15.20  ? 304 HOH A O   1 
HETATM 866 O O   . HOH C 3 .   ? 0.821   -5.131  11.826  1.00 12.08  ? 305 HOH A O   1 
HETATM 867 O O   . HOH C 3 .   ? 1.317   -5.676  14.685  1.00 16.54  ? 306 HOH A O   1 
HETATM 868 O O   . HOH C 3 .   ? 3.468   11.990  3.406   1.00 26.30  ? 307 HOH A O   1 
HETATM 869 O O   . HOH C 3 .   ? 6.981   -12.481 -6.200  1.00 54.84  ? 308 HOH A O   1 
HETATM 870 O O   . HOH C 3 .   ? -6.715  -3.365  -7.897  1.00 17.53  ? 309 HOH A O   1 
HETATM 871 O O   . HOH C 3 .   ? 7.230   -12.220 -9.790  1.00 21.25  ? 310 HOH A O   1 
HETATM 872 O O   . HOH C 3 .   ? -16.574 5.571   -3.636  1.00 28.97  ? 311 HOH A O   1 
HETATM 873 O O   . HOH C 3 .   ? -15.544 6.543   -1.244  1.00 39.75  ? 312 HOH A O   1 
HETATM 874 O O   . HOH C 3 .   ? -5.713  11.472  5.560   1.00 25.43  ? 313 HOH A O   1 
HETATM 875 O O   . HOH C 3 .   ? -15.183 1.265   -2.722  1.00 30.89  ? 314 HOH A O   1 
HETATM 876 O O   . HOH C 3 .   ? -10.536 -7.030  4.299   1.00 23.12  ? 315 HOH A O   1 
HETATM 877 O O   . HOH C 3 .   ? 11.467  -9.304  9.041   1.00 32.18  ? 316 HOH A O   1 
HETATM 878 O O   . HOH C 3 .   ? -0.991  8.402   6.297   1.00 35.94  ? 317 HOH A O   1 
HETATM 879 O O   . HOH C 3 .   ? 2.544   -12.486 5.626   1.00 35.35  ? 318 HOH A O   1 
HETATM 880 O O   . HOH C 3 .   ? 8.529   -13.201 2.846   1.00 35.20  ? 319 HOH A O   1 
HETATM 881 O O   . HOH C 3 .   ? 10.553  -11.860 4.122   1.00 43.92  ? 320 HOH A O   1 
HETATM 882 O O   . HOH C 3 .   ? 8.487   -4.660  -7.480  1.00 30.46  ? 321 HOH A O   1 
HETATM 883 O O   . HOH C 3 .   ? -2.660  7.579   8.774   1.00 37.82  ? 322 HOH A O   1 
HETATM 884 O O   . HOH C 3 .   ? -6.634  14.311  -0.140  1.00 30.32  ? 323 HOH A O   1 
HETATM 885 O O   . HOH C 3 .   ? 10.679  -3.985  -8.482  1.00 38.30  ? 324 HOH A O   1 
HETATM 886 O O   . HOH C 3 .   ? 9.120   -3.669  -10.706 1.00 31.98  ? 325 HOH A O   1 
HETATM 887 O O   . HOH C 3 .   ? -7.044  -8.961  10.451  1.00 42.15  ? 326 HOH A O   1 
HETATM 888 O O   . HOH C 3 .   ? 3.378   -13.167 -0.378  1.00 42.32  ? 327 HOH A O   1 
HETATM 889 O O   . HOH C 3 .   ? 6.069   9.504   8.231   1.00 43.73  ? 328 HOH A O   1 
HETATM 890 O O   . HOH C 3 .   ? 6.567   -3.027  -13.115 1.00 70.49  ? 329 HOH A O   1 
HETATM 891 O O   . HOH C 3 .   ? 14.789  -9.212  0.192   1.00 28.45  ? 330 HOH A O   1 
HETATM 892 O O   . HOH C 3 .   ? 11.078  -2.419  9.361   1.00 29.82  ? 331 HOH A O   1 
HETATM 893 O O   . HOH C 3 .   ? 12.759  -5.831  9.349   1.00 49.36  ? 332 HOH A O   1 
HETATM 894 O O   . HOH C 3 .   ? 1.581   12.326  0.730   1.00 41.48  ? 333 HOH A O   1 
HETATM 895 O O   . HOH C 3 .   ? 10.853  8.012   -2.318  1.00 38.99  ? 334 HOH A O   1 
HETATM 896 O O   . HOH C 3 .   ? -7.277  16.878  -7.254  1.00 59.42  ? 335 HOH A O   1 
HETATM 897 O O   . HOH C 3 .   ? -4.449  -9.996  7.037   1.00 29.26  ? 336 HOH A O   1 
HETATM 898 O O   . HOH C 3 .   ? 10.519  5.097   6.495   1.00 35.54  ? 337 HOH A O   1 
HETATM 899 O O   . HOH C 3 .   ? -7.987  2.295   12.906  1.00 38.51  ? 338 HOH A O   1 
HETATM 900 O O   . HOH C 3 .   ? 0.056   -11.791 1.164   1.00 62.44  ? 339 HOH A O   1 
HETATM 901 O O   . HOH C 3 .   ? -1.166  11.576  1.165   1.00 30.81  ? 340 HOH A O   1 
HETATM 902 O O   . HOH C 3 .   ? 4.143   7.907   9.210   1.00 33.99  ? 341 HOH A O   1 
HETATM 903 O O   . HOH C 3 .   ? 10.160  -8.970  14.974  1.00 30.83  ? 342 HOH A O   1 
HETATM 904 O O   . HOH C 3 .   ? -2.015  -12.198 4.658   1.00 42.75  ? 343 HOH A O   1 
HETATM 905 O O   . HOH C 3 .   ? 8.523   9.303   7.460   1.00 59.47  ? 344 HOH A O   1 
HETATM 906 O O   . HOH C 3 .   ? 11.081  6.460   4.208   1.00 39.11  ? 345 HOH A O   1 
HETATM 907 O O   . HOH C 3 .   ? -17.593 -4.574  -7.150  1.00 41.14  ? 346 HOH A O   1 
HETATM 908 O O   . HOH C 3 .   ? -3.690  14.727  -0.914  1.00 84.01  ? 347 HOH A O   1 
HETATM 909 O O   . HOH C 3 .   ? 9.016   6.152   9.710   1.00 67.59  ? 348 HOH A O   1 
HETATM 910 O O   . HOH C 3 .   ? -21.975 -2.787  -6.788  1.00 50.39  ? 349 HOH A O   1 
HETATM 911 O O   . HOH C 3 .   ? -4.111  16.336  -8.018  1.00 62.06  ? 350 HOH A O   1 
HETATM 912 O O   . HOH C 3 .   ? -17.033 0.980   -11.959 1.00 65.60  ? 351 HOH A O   1 
HETATM 913 O O   . HOH C 3 .   ? 12.626  5.325   -3.339  1.00 57.99  ? 352 HOH A O   1 
HETATM 914 O O   . HOH C 3 .   ? -8.596  -1.222  13.084  1.00 37.38  ? 353 HOH A O   1 
HETATM 915 O O   . HOH C 3 .   ? -4.923  -9.001  -0.734  1.00 43.84  ? 354 HOH A O   1 
HETATM 916 O O   . HOH C 3 .   ? 16.195  -2.580  -5.190  1.00 59.48  ? 355 HOH A O   1 
HETATM 917 O O   . HOH C 3 .   ? 12.087  -8.656  11.716  1.00 56.84  ? 356 HOH A O   1 
HETATM 918 O O   . HOH C 3 .   ? -10.567 -3.103  -1.994  1.00 43.29  ? 357 HOH A O   1 
HETATM 919 O O   . HOH C 3 .   ? 15.913  -3.758  -2.025  1.00 51.05  ? 358 HOH A O   1 
HETATM 920 O O   . HOH C 3 .   ? -2.198  14.113  -10.361 1.00 61.20  ? 359 HOH A O   1 
HETATM 921 O O   . HOH C 3 .   ? 10.759  8.599   6.280   1.00 57.57  ? 360 HOH A O   1 
HETATM 922 O O   . HOH C 3 .   ? 15.031  -1.414  0.654   1.00 78.46  ? 361 HOH A O   1 
HETATM 923 O O   . HOH C 3 .   ? 14.978  1.116   8.454   1.00 49.72  ? 362 HOH A O   1 
HETATM 924 O O   . HOH C 3 .   ? 13.483  -2.370  14.677  1.00 86.88  ? 363 HOH A O   1 
HETATM 925 O O   . HOH C 3 .   ? 12.580  4.082   0.720   1.00 46.57  ? 364 HOH A O   1 
HETATM 926 O O   . HOH C 3 .   ? 1.786   -12.349 -12.644 1.00 99.48  ? 365 HOH A O   1 
HETATM 927 O O   . HOH C 3 .   ? -5.325  -8.631  19.132  1.00 51.48  ? 366 HOH A O   1 
HETATM 928 O O   . HOH C 3 .   ? -20.692 6.071   3.923   1.00 40.23  ? 367 HOH A O   1 
HETATM 929 O O   . HOH C 3 .   ? -7.713  -9.351  0.410   1.00 64.23  ? 368 HOH A O   1 
HETATM 930 O O   . HOH C 3 .   ? -20.886 -0.247  -10.966 1.00 56.80  ? 369 HOH A O   1 
HETATM 931 O O   . HOH C 3 .   ? -4.089  -20.472 14.751  1.00 89.68  ? 370 HOH A O   1 
HETATM 932 O O   . HOH C 3 .   ? -14.540 7.051   -8.059  1.00 15.92  ? 371 HOH A O   1 
HETATM 933 O O   . HOH C 3 .   ? -6.368  -12.245 1.059   1.00 58.42  ? 372 HOH A O   1 
HETATM 934 O O   . HOH C 3 .   ? -8.017  -7.361  2.427   1.00 21.39  ? 373 HOH A O   1 
HETATM 935 O O   . HOH C 3 .   ? -15.607 3.093   4.894   1.00 39.30  ? 374 HOH A O   1 
HETATM 936 O O   . HOH C 3 .   ? 3.519   -6.521  16.252  1.00 30.48  ? 375 HOH A O   1 
HETATM 937 O O   . HOH C 3 .   ? 14.303  2.606   6.230   1.00 50.96  ? 376 HOH A O   1 
HETATM 938 O O   . HOH C 3 .   ? 6.813   0.911   13.171  1.00 56.44  ? 377 HOH A O   1 
HETATM 939 O O   . HOH C 3 .   ? -5.166  -5.990  -5.234  1.00 25.65  ? 378 HOH A O   1 
HETATM 940 O O   . HOH C 3 .   ? -6.468  -1.469  15.166  1.00 29.56  ? 379 HOH A O   1 
HETATM 941 O O   . HOH C 3 .   ? 13.122  2.636   -7.405  1.00 53.83  ? 380 HOH A O   1 
HETATM 942 O O   . HOH C 3 .   ? 9.816   3.487   -8.982  1.00 31.72  ? 381 HOH A O   1 
HETATM 943 O O   . HOH C 3 .   ? 16.307  -3.870  -9.361  1.00 59.99  ? 382 HOH A O   1 
HETATM 944 O O   . HOH C 3 .   ? 2.344   -12.703 15.278  1.00 35.30  ? 383 HOH A O   1 
HETATM 945 O O   . HOH C 3 .   ? -11.084 11.386  -5.716  1.00 9.50   ? 384 HOH A O   1 
HETATM 946 O O   . HOH C 3 .   ? 5.695   0.531   17.672  1.00 19.70  ? 385 HOH A O   1 
HETATM 947 O O   . HOH C 3 .   ? -4.591  -10.437 10.061  1.00 45.81  ? 386 HOH A O   1 
HETATM 948 O O   . HOH C 3 .   ? -8.483  -11.363 16.709  1.00 34.31  ? 387 HOH A O   1 
HETATM 949 O O   . HOH C 3 .   ? -2.010  -10.246 -0.216  1.00 18.94  ? 388 HOH A O   1 
HETATM 950 O O   . HOH C 3 .   ? -9.726  2.346   -4.751  1.00 7.51   ? 389 HOH A O   1 
HETATM 951 O O   . HOH C 3 .   ? 0.201   10.783  -8.000  1.00 17.77  ? 390 HOH A O   1 
HETATM 952 O O   . HOH C 3 .   ? -8.414  16.184  -2.010  1.00 56.91  ? 391 HOH A O   1 
HETATM 953 O O   . HOH C 3 .   ? -11.921 -4.468  5.216   1.00 9.75   ? 392 HOH A O   1 
HETATM 954 O O   . HOH C 3 .   ? 13.470  -11.957 4.206   1.00 61.70  ? 393 HOH A O   1 
HETATM 955 O O   . HOH C 3 .   ? 11.416  -4.275  20.120  1.00 68.67  ? 394 HOH A O   1 
HETATM 956 O O   . HOH C 3 .   ? -1.941  0.369   -13.887 1.00 42.20  ? 395 HOH A O   1 
HETATM 957 O O   . HOH C 3 .   ? -3.556  -8.202  -9.545  1.00 94.50  ? 396 HOH A O   1 
HETATM 958 O O   . HOH C 3 .   ? -8.691  12.797  -6.222  1.00 28.39  ? 397 HOH A O   1 
HETATM 959 O O   . HOH C 3 .   ? -6.900  -5.834  11.812  1.00 37.01  ? 398 HOH A O   1 
HETATM 960 O O   . HOH C 3 .   ? -0.092  15.378  -6.162  1.00 100.00 ? 399 HOH A O   1 
HETATM 961 O O   . HOH C 3 .   ? 6.408   -5.262  -14.555 1.00 49.77  ? 400 HOH A O   1 
HETATM 962 O O   . HOH C 3 .   ? -9.032  0.760   15.610  1.00 100.00 ? 401 HOH A O   1 
HETATM 963 O O   . HOH C 3 .   ? 3.337   -12.968 -14.936 1.00 45.61  ? 402 HOH A O   1 
HETATM 964 O O   . HOH C 3 .   ? -18.065 4.169   5.201   1.00 53.61  ? 403 HOH A O   1 
HETATM 965 O O   . HOH C 3 .   ? 0.058   -14.228 4.872   1.00 53.56  ? 404 HOH A O   1 
HETATM 966 O O   . HOH C 3 .   ? -1.580  -14.302 17.250  1.00 49.18  ? 405 HOH A O   1 
HETATM 967 O O   . HOH C 3 .   ? 11.017  -8.982  19.607  1.00 58.18  ? 406 HOH A O   1 
HETATM 968 O O   . HOH C 3 .   ? 10.948  6.006   0.491   1.00 41.91  ? 407 HOH A O   1 
HETATM 969 O O   . HOH C 3 .   ? 21.433  -1.358  -2.804  1.00 85.87  ? 408 HOH A O   1 
HETATM 970 O O   . HOH C 3 .   ? 9.098   -2.007  -14.826 1.00 69.62  ? 409 HOH A O   1 
HETATM 971 O O   . HOH C 3 .   ? 14.713  -12.729 6.476   1.00 84.92  ? 410 HOH A O   1 
HETATM 972 O O   . HOH C 3 .   ? 7.424   -14.394 5.539   1.00 74.25  ? 411 HOH A O   1 
HETATM 973 O O   . HOH C 3 .   ? 16.868  -10.856 3.991   1.00 70.33  ? 412 HOH A O   1 
HETATM 974 O O   . HOH C 3 .   ? 14.449  -8.455  15.523  1.00 72.47  ? 413 HOH A O   1 
HETATM 975 O O   . HOH C 3 .   ? 11.785  -6.489  18.312  1.00 100.00 ? 414 HOH A O   1 
HETATM 976 O O   . HOH C 3 .   ? -10.607 11.555  11.866  1.00 75.63  ? 415 HOH A O   1 
HETATM 977 O O   . HOH C 3 .   ? -3.245  -13.427 2.344   1.00 100.00 ? 416 HOH A O   1 
HETATM 978 O O   . HOH C 3 .   ? -0.437  12.390  -10.063 1.00 60.97  ? 417 HOH A O   1 
HETATM 979 O O   . HOH C 3 .   ? 4.384   4.865   14.247  1.00 50.79  ? 418 HOH A O   1 
HETATM 980 O O   . HOH C 3 .   ? 2.367   7.497   11.585  1.00 52.58  ? 419 HOH A O   1 
HETATM 981 O O   . HOH C 3 .   ? -1.747  -10.873 -3.257  1.00 59.91  ? 420 HOH A O   1 
HETATM 982 O O   . HOH C 3 .   ? -6.229  -2.921  -15.159 1.00 69.02  ? 421 HOH A O   1 
HETATM 983 O O   . HOH C 3 .   ? 0.308   -7.678  -15.910 1.00 59.24  ? 422 HOH A O   1 
HETATM 984 O O   . HOH C 3 .   ? -12.083 -1.222  -0.933  1.00 23.02  ? 423 HOH A O   1 
# 
loop_
_pdbx_poly_seq_scheme.asym_id 
_pdbx_poly_seq_scheme.entity_id 
_pdbx_poly_seq_scheme.seq_id 
_pdbx_poly_seq_scheme.mon_id 
_pdbx_poly_seq_scheme.ndb_seq_num 
_pdbx_poly_seq_scheme.pdb_seq_num 
_pdbx_poly_seq_scheme.auth_seq_num 
_pdbx_poly_seq_scheme.pdb_mon_id 
_pdbx_poly_seq_scheme.auth_mon_id 
_pdbx_poly_seq_scheme.pdb_strand_id 
_pdbx_poly_seq_scheme.pdb_ins_code 
_pdbx_poly_seq_scheme.hetero 
A 1 1   SER 1   1   1   SER SER A . n 
A 1 2   ILE 2   2   2   ILE ILE A . n 
A 1 3   GLN 3   3   3   GLN GLN A . n 
A 1 4   ALA 4   4   4   ALA ALA A . n 
A 1 5   GLU 5   5   5   GLU GLU A . n 
A 1 6   GLU 6   6   6   GLU GLU A . n 
A 1 7   TRP 7   7   7   TRP TRP A . n 
A 1 8   TYR 8   8   8   TYR TYR A . n 
A 1 9   PHE 9   9   9   PHE PHE A . n 
A 1 10  GLY 10  10  10  GLY GLY A . n 
A 1 11  LYS 11  11  11  LYS LYS A . n 
A 1 12  ILE 12  12  12  ILE ILE A . n 
A 1 13  THR 13  13  13  THR THR A . n 
A 1 14  ARG 14  14  14  ARG ARG A . n 
A 1 15  ARG 15  15  15  ARG ARG A . n 
A 1 16  GLU 16  16  16  GLU GLU A . n 
A 1 17  SER 17  17  17  SER SER A . n 
A 1 18  GLU 18  18  18  GLU GLU A . n 
A 1 19  ARG 19  19  19  ARG ARG A . n 
A 1 20  LEU 20  20  20  LEU LEU A . n 
A 1 21  LEU 21  21  21  LEU LEU A . n 
A 1 22  LEU 22  22  22  LEU LEU A . n 
A 1 23  ASN 23  23  23  ASN ASN A . n 
A 1 24  ALA 24  24  24  ALA ALA A . n 
A 1 25  GLU 25  25  25  GLU GLU A . n 
A 1 26  ASN 26  26  26  ASN ASN A . n 
A 1 27  PRO 27  27  27  PRO PRO A . n 
A 1 28  ARG 28  28  28  ARG ARG A . n 
A 1 29  GLY 29  29  29  GLY GLY A . n 
A 1 30  THR 30  30  30  THR THR A . n 
A 1 31  PHE 31  31  31  PHE PHE A . n 
A 1 32  LEU 32  32  32  LEU LEU A . n 
A 1 33  VAL 33  33  33  VAL VAL A . n 
A 1 34  ARG 34  34  34  ARG ARG A . n 
A 1 35  GLU 35  35  35  GLU GLU A . n 
A 1 36  SER 36  36  36  SER SER A . n 
A 1 37  GLU 37  37  37  GLU GLU A . n 
A 1 38  THR 38  38  38  THR THR A . n 
A 1 39  THR 39  39  39  THR THR A . n 
A 1 40  LYS 40  40  40  LYS LYS A . n 
A 1 41  GLY 41  41  41  GLY GLY A . n 
A 1 42  ALA 42  42  42  ALA ALA A . n 
A 1 43  TYR 43  43  43  TYR TYR A . n 
A 1 44  CYS 44  44  44  CYS CYS A . n 
A 1 45  LEU 45  45  45  LEU LEU A . n 
A 1 46  SER 46  46  46  SER SER A . n 
A 1 47  VAL 47  47  47  VAL VAL A . n 
A 1 48  SER 48  48  48  SER SER A . n 
A 1 49  ASP 49  49  49  ASP ASP A . n 
A 1 50  PHE 50  50  50  PHE PHE A . n 
A 1 51  ASP 51  51  51  ASP ASP A . n 
A 1 52  ASN 52  52  52  ASN ASN A . n 
A 1 53  ALA 53  53  53  ALA ALA A . n 
A 1 54  LYS 54  54  54  LYS LYS A . n 
A 1 55  GLY 55  55  55  GLY GLY A . n 
A 1 56  LEU 56  56  56  LEU LEU A . n 
A 1 57  ASN 57  57  57  ASN ASN A . n 
A 1 58  VAL 58  58  58  VAL VAL A . n 
A 1 59  LYS 59  59  59  LYS LYS A . n 
A 1 60  HIS 60  60  60  HIS HIS A . n 
A 1 61  TYR 61  61  61  TYR TYR A . n 
A 1 62  LYS 62  62  62  LYS LYS A . n 
A 1 63  ILE 63  63  63  ILE ILE A . n 
A 1 64  ARG 64  64  64  ARG ARG A . n 
A 1 65  LYS 65  65  65  LYS LYS A . n 
A 1 66  LEU 66  66  66  LEU LEU A . n 
A 1 67  ASP 67  67  67  ASP ASP A . n 
A 1 68  SER 68  68  68  SER SER A . n 
A 1 69  GLY 69  69  69  GLY GLY A . n 
A 1 70  GLY 70  70  70  GLY GLY A . n 
A 1 71  PHE 71  71  71  PHE PHE A . n 
A 1 72  TYR 72  72  72  TYR TYR A . n 
A 1 73  ILE 73  73  73  ILE ILE A . n 
A 1 74  THR 74  74  74  THR THR A . n 
A 1 75  SER 75  75  75  SER SER A . n 
A 1 76  ARG 76  76  76  ARG ARG A . n 
A 1 77  THR 77  77  77  THR THR A . n 
A 1 78  GLN 78  78  78  GLN GLN A . n 
A 1 79  PHE 79  79  79  PHE PHE A . n 
A 1 80  ASN 80  80  80  ASN ASN A . n 
A 1 81  SER 81  81  81  SER SER A . n 
A 1 82  LEU 82  82  82  LEU LEU A . n 
A 1 83  GLN 83  83  83  GLN GLN A . n 
A 1 84  GLN 84  84  84  GLN GLN A . n 
A 1 85  LEU 85  85  85  LEU LEU A . n 
A 1 86  VAL 86  86  86  VAL VAL A . n 
A 1 87  ALA 87  87  87  ALA ALA A . n 
A 1 88  TYR 88  88  88  TYR TYR A . n 
A 1 89  TYR 89  89  89  TYR TYR A . n 
A 1 90  SER 90  90  90  SER SER A . n 
A 1 91  LYS 91  91  91  LYS LYS A . n 
A 1 92  HIS 92  92  92  HIS HIS A . n 
A 1 93  ALA 93  93  93  ALA ALA A . n 
A 1 94  ASP 94  94  94  ASP ASP A . n 
A 1 95  GLY 95  95  95  GLY GLY A . n 
A 1 96  LEU 96  96  96  LEU LEU A . n 
A 1 97  CYS 97  97  97  CYS CYS A . n 
A 1 98  HIS 98  98  98  HIS HIS A . n 
A 1 99  ARG 99  99  99  ARG ARG A . n 
A 1 100 LEU 100 100 100 LEU LEU A . n 
A 1 101 THR 101 101 101 THR THR A . n 
A 1 102 THR 102 102 102 THR THR A . n 
A 1 103 VAL 103 103 103 VAL VAL A . n 
A 1 104 CYS 104 104 104 CYS CYS A . n 
A 1 105 PRO 105 105 105 PRO PRO A . n 
A 1 106 THR 106 106 ?   ?   ?   A . n 
A 1 107 SER 107 107 ?   ?   ?   A . n 
A 1 108 LYS 108 108 ?   ?   ?   A . n 
# 
loop_
_pdbx_nonpoly_scheme.asym_id 
_pdbx_nonpoly_scheme.entity_id 
_pdbx_nonpoly_scheme.mon_id 
_pdbx_nonpoly_scheme.ndb_seq_num 
_pdbx_nonpoly_scheme.pdb_seq_num 
_pdbx_nonpoly_scheme.auth_seq_num 
_pdbx_nonpoly_scheme.pdb_mon_id 
_pdbx_nonpoly_scheme.auth_mon_id 
_pdbx_nonpoly_scheme.pdb_strand_id 
_pdbx_nonpoly_scheme.pdb_ins_code 
B 2 791 1   300 300 791 INH A . 
C 3 HOH 1   301 1   HOH HOH A . 
C 3 HOH 2   302 2   HOH HOH A . 
C 3 HOH 3   303 3   HOH HOH A . 
C 3 HOH 4   304 4   HOH HOH A . 
C 3 HOH 5   305 5   HOH HOH A . 
C 3 HOH 6   306 6   HOH HOH A . 
C 3 HOH 7   307 7   HOH HOH A . 
C 3 HOH 8   308 8   HOH HOH A . 
C 3 HOH 9   309 9   HOH HOH A . 
C 3 HOH 10  310 10  HOH HOH A . 
C 3 HOH 11  311 11  HOH HOH A . 
C 3 HOH 12  312 12  HOH HOH A . 
C 3 HOH 13  313 13  HOH HOH A . 
C 3 HOH 14  314 14  HOH HOH A . 
C 3 HOH 15  315 15  HOH HOH A . 
C 3 HOH 16  316 16  HOH HOH A . 
C 3 HOH 17  317 17  HOH HOH A . 
C 3 HOH 18  318 18  HOH HOH A . 
C 3 HOH 19  319 19  HOH HOH A . 
C 3 HOH 20  320 20  HOH HOH A . 
C 3 HOH 21  321 21  HOH HOH A . 
C 3 HOH 22  322 22  HOH HOH A . 
C 3 HOH 23  323 23  HOH HOH A . 
C 3 HOH 24  324 24  HOH HOH A . 
C 3 HOH 25  325 25  HOH HOH A . 
C 3 HOH 26  326 26  HOH HOH A . 
C 3 HOH 27  327 27  HOH HOH A . 
C 3 HOH 28  328 28  HOH HOH A . 
C 3 HOH 29  329 29  HOH HOH A . 
C 3 HOH 30  330 30  HOH HOH A . 
C 3 HOH 31  331 31  HOH HOH A . 
C 3 HOH 32  332 32  HOH HOH A . 
C 3 HOH 33  333 34  HOH HOH A . 
C 3 HOH 34  334 35  HOH HOH A . 
C 3 HOH 35  335 36  HOH HOH A . 
C 3 HOH 36  336 37  HOH HOH A . 
C 3 HOH 37  337 38  HOH HOH A . 
C 3 HOH 38  338 39  HOH HOH A . 
C 3 HOH 39  339 41  HOH HOH A . 
C 3 HOH 40  340 43  HOH HOH A . 
C 3 HOH 41  341 45  HOH HOH A . 
C 3 HOH 42  342 46  HOH HOH A . 
C 3 HOH 43  343 47  HOH HOH A . 
C 3 HOH 44  344 48  HOH HOH A . 
C 3 HOH 45  345 49  HOH HOH A . 
C 3 HOH 46  346 50  HOH HOH A . 
C 3 HOH 47  347 52  HOH HOH A . 
C 3 HOH 48  348 54  HOH HOH A . 
C 3 HOH 49  349 55  HOH HOH A . 
C 3 HOH 50  350 57  HOH HOH A . 
C 3 HOH 51  351 58  HOH HOH A . 
C 3 HOH 52  352 59  HOH HOH A . 
C 3 HOH 53  353 60  HOH HOH A . 
C 3 HOH 54  354 61  HOH HOH A . 
C 3 HOH 55  355 62  HOH HOH A . 
C 3 HOH 56  356 64  HOH HOH A . 
C 3 HOH 57  357 65  HOH HOH A . 
C 3 HOH 58  358 68  HOH HOH A . 
C 3 HOH 59  359 69  HOH HOH A . 
C 3 HOH 60  360 71  HOH HOH A . 
C 3 HOH 61  361 72  HOH HOH A . 
C 3 HOH 62  362 73  HOH HOH A . 
C 3 HOH 63  363 75  HOH HOH A . 
C 3 HOH 64  364 77  HOH HOH A . 
C 3 HOH 65  365 79  HOH HOH A . 
C 3 HOH 66  366 81  HOH HOH A . 
C 3 HOH 67  367 82  HOH HOH A . 
C 3 HOH 68  368 84  HOH HOH A . 
C 3 HOH 69  369 86  HOH HOH A . 
C 3 HOH 70  370 87  HOH HOH A . 
C 3 HOH 71  371 89  HOH HOH A . 
C 3 HOH 72  372 91  HOH HOH A . 
C 3 HOH 73  373 92  HOH HOH A . 
C 3 HOH 74  374 93  HOH HOH A . 
C 3 HOH 75  375 94  HOH HOH A . 
C 3 HOH 76  376 95  HOH HOH A . 
C 3 HOH 77  377 96  HOH HOH A . 
C 3 HOH 78  378 99  HOH HOH A . 
C 3 HOH 79  379 100 HOH HOH A . 
C 3 HOH 80  380 101 HOH HOH A . 
C 3 HOH 81  381 102 HOH HOH A . 
C 3 HOH 82  382 103 HOH HOH A . 
C 3 HOH 83  383 104 HOH HOH A . 
C 3 HOH 84  384 105 HOH HOH A . 
C 3 HOH 85  385 107 HOH HOH A . 
C 3 HOH 86  386 108 HOH HOH A . 
C 3 HOH 87  387 109 HOH HOH A . 
C 3 HOH 88  388 110 HOH HOH A . 
C 3 HOH 89  389 111 HOH HOH A . 
C 3 HOH 90  390 112 HOH HOH A . 
C 3 HOH 91  391 113 HOH HOH A . 
C 3 HOH 92  392 114 HOH HOH A . 
C 3 HOH 93  393 118 HOH HOH A . 
C 3 HOH 94  394 120 HOH HOH A . 
C 3 HOH 95  395 123 HOH HOH A . 
C 3 HOH 96  396 127 HOH HOH A . 
C 3 HOH 97  397 128 HOH HOH A . 
C 3 HOH 98  398 134 HOH HOH A . 
C 3 HOH 99  399 137 HOH HOH A . 
C 3 HOH 100 400 141 HOH HOH A . 
C 3 HOH 101 401 149 HOH HOH A . 
C 3 HOH 102 402 150 HOH HOH A . 
C 3 HOH 103 403 151 HOH HOH A . 
C 3 HOH 104 404 152 HOH HOH A . 
C 3 HOH 105 405 154 HOH HOH A . 
C 3 HOH 106 406 156 HOH HOH A . 
C 3 HOH 107 407 160 HOH HOH A . 
C 3 HOH 108 408 163 HOH HOH A . 
C 3 HOH 109 409 167 HOH HOH A . 
C 3 HOH 110 410 170 HOH HOH A . 
C 3 HOH 111 411 171 HOH HOH A . 
C 3 HOH 112 412 173 HOH HOH A . 
C 3 HOH 113 413 174 HOH HOH A . 
C 3 HOH 114 414 175 HOH HOH A . 
C 3 HOH 115 415 177 HOH HOH A . 
C 3 HOH 116 416 178 HOH HOH A . 
C 3 HOH 117 417 181 HOH HOH A . 
C 3 HOH 118 418 184 HOH HOH A . 
C 3 HOH 119 419 185 HOH HOH A . 
C 3 HOH 120 420 186 HOH HOH A . 
C 3 HOH 121 421 187 HOH HOH A . 
C 3 HOH 122 422 188 HOH HOH A . 
C 3 HOH 123 423 301 HOH HOH A . 
# 
_pdbx_struct_assembly.id                   1 
_pdbx_struct_assembly.details              author_defined_assembly 
_pdbx_struct_assembly.method_details       ? 
_pdbx_struct_assembly.oligomeric_details   monomeric 
_pdbx_struct_assembly.oligomeric_count     1 
# 
_pdbx_struct_assembly_gen.assembly_id       1 
_pdbx_struct_assembly_gen.oper_expression   1 
_pdbx_struct_assembly_gen.asym_id_list      A,B,C 
# 
_pdbx_struct_oper_list.id                   1 
_pdbx_struct_oper_list.type                 'identity operation' 
_pdbx_struct_oper_list.name                 1_555 
_pdbx_struct_oper_list.symmetry_operation   x,y,z 
_pdbx_struct_oper_list.matrix[1][1]         1.0000000000 
_pdbx_struct_oper_list.matrix[1][2]         0.0000000000 
_pdbx_struct_oper_list.matrix[1][3]         0.0000000000 
_pdbx_struct_oper_list.vector[1]            0.0000000000 
_pdbx_struct_oper_list.matrix[2][1]         0.0000000000 
_pdbx_struct_oper_list.matrix[2][2]         1.0000000000 
_pdbx_struct_oper_list.matrix[2][3]         0.0000000000 
_pdbx_struct_oper_list.vector[2]            0.0000000000 
_pdbx_struct_oper_list.matrix[3][1]         0.0000000000 
_pdbx_struct_oper_list.matrix[3][2]         0.0000000000 
_pdbx_struct_oper_list.matrix[3][3]         1.0000000000 
_pdbx_struct_oper_list.vector[3]            0.0000000000 
# 
loop_
_pdbx_audit_revision_history.ordinal 
_pdbx_audit_revision_history.data_content_type 
_pdbx_audit_revision_history.major_revision 
_pdbx_audit_revision_history.minor_revision 
_pdbx_audit_revision_history.revision_date 
1 'Structure model' 1 0 2004-02-17 
2 'Structure model' 1 1 2008-04-26 
3 'Structure model' 1 2 2011-07-13 
4 'Structure model' 1 3 2023-08-16 
# 
_pdbx_audit_revision_details.ordinal             1 
_pdbx_audit_revision_details.revision_ordinal    1 
_pdbx_audit_revision_details.data_content_type   'Structure model' 
_pdbx_audit_revision_details.provider            repository 
_pdbx_audit_revision_details.type                'Initial release' 
_pdbx_audit_revision_details.description         ? 
_pdbx_audit_revision_details.details             ? 
# 
loop_
_pdbx_audit_revision_group.ordinal 
_pdbx_audit_revision_group.revision_ordinal 
_pdbx_audit_revision_group.data_content_type 
_pdbx_audit_revision_group.group 
1 2 'Structure model' 'Version format compliance' 
2 3 'Structure model' 'Version format compliance' 
3 4 'Structure model' 'Data collection'           
4 4 'Structure model' 'Database references'       
5 4 'Structure model' 'Derived calculations'      
6 4 'Structure model' 'Refinement description'    
# 
loop_
_pdbx_audit_revision_category.ordinal 
_pdbx_audit_revision_category.revision_ordinal 
_pdbx_audit_revision_category.data_content_type 
_pdbx_audit_revision_category.category 
1 4 'Structure model' chem_comp_atom                
2 4 'Structure model' chem_comp_bond                
3 4 'Structure model' database_2                    
4 4 'Structure model' pdbx_initial_refinement_model 
5 4 'Structure model' struct_site                   
# 
loop_
_pdbx_audit_revision_item.ordinal 
_pdbx_audit_revision_item.revision_ordinal 
_pdbx_audit_revision_item.data_content_type 
_pdbx_audit_revision_item.item 
1 4 'Structure model' '_database_2.pdbx_DOI'                
2 4 'Structure model' '_database_2.pdbx_database_accession' 
3 4 'Structure model' '_struct_site.pdbx_auth_asym_id'      
4 4 'Structure model' '_struct_site.pdbx_auth_comp_id'      
5 4 'Structure model' '_struct_site.pdbx_auth_seq_id'       
# 
loop_
_software.name 
_software.classification 
_software.version 
_software.citation_id 
_software.pdbx_ordinal 
XDS    'data scaling'   .     ? 1 
XDS    'data reduction' .     ? 2 
X-PLOR 'model building' 3.851 ? 3 
X-PLOR refinement       3.851 ? 4 
X-PLOR phasing          3.851 ? 5 
# 
_pdbx_validate_torsion.id              1 
_pdbx_validate_torsion.PDB_model_num   1 
_pdbx_validate_torsion.auth_comp_id    ASP 
_pdbx_validate_torsion.auth_asym_id    A 
_pdbx_validate_torsion.auth_seq_id     94 
_pdbx_validate_torsion.PDB_ins_code    ? 
_pdbx_validate_torsion.label_alt_id    ? 
_pdbx_validate_torsion.phi             50.71 
_pdbx_validate_torsion.psi             -118.37 
# 
loop_
_pdbx_unobs_or_zero_occ_residues.id 
_pdbx_unobs_or_zero_occ_residues.PDB_model_num 
_pdbx_unobs_or_zero_occ_residues.polymer_flag 
_pdbx_unobs_or_zero_occ_residues.occupancy_flag 
_pdbx_unobs_or_zero_occ_residues.auth_asym_id 
_pdbx_unobs_or_zero_occ_residues.auth_comp_id 
_pdbx_unobs_or_zero_occ_residues.auth_seq_id 
_pdbx_unobs_or_zero_occ_residues.PDB_ins_code 
_pdbx_unobs_or_zero_occ_residues.label_asym_id 
_pdbx_unobs_or_zero_occ_residues.label_comp_id 
_pdbx_unobs_or_zero_occ_residues.label_seq_id 
1 1 Y 1 A THR 106 ? A THR 106 
2 1 Y 1 A SER 107 ? A SER 107 
3 1 Y 1 A LYS 108 ? A LYS 108 
# 
loop_
_chem_comp_atom.comp_id 
_chem_comp_atom.atom_id 
_chem_comp_atom.type_symbol 
_chem_comp_atom.pdbx_aromatic_flag 
_chem_comp_atom.pdbx_stereo_config 
_chem_comp_atom.pdbx_ordinal 
791 C1   C Y N 1   
791 C2   C Y N 2   
791 C3   C Y N 3   
791 C4   C Y N 4   
791 C5   C Y N 5   
791 C6   C Y N 6   
791 C12  C N N 7   
791 C13  C N N 8   
791 C14  C N N 9   
791 O16  O N N 10  
791 O17  O N N 11  
791 O18  O N N 12  
791 O19  O N N 13  
791 H1   H N N 14  
791 H2   H N N 15  
791 H3   H N N 16  
791 H5   H N N 17  
791 H6   H N N 18  
791 H12  H N N 19  
791 H16  H N N 20  
791 H18  H N N 21  
ALA N    N N N 22  
ALA CA   C N S 23  
ALA C    C N N 24  
ALA O    O N N 25  
ALA CB   C N N 26  
ALA OXT  O N N 27  
ALA H    H N N 28  
ALA H2   H N N 29  
ALA HA   H N N 30  
ALA HB1  H N N 31  
ALA HB2  H N N 32  
ALA HB3  H N N 33  
ALA HXT  H N N 34  
ARG N    N N N 35  
ARG CA   C N S 36  
ARG C    C N N 37  
ARG O    O N N 38  
ARG CB   C N N 39  
ARG CG   C N N 40  
ARG CD   C N N 41  
ARG NE   N N N 42  
ARG CZ   C N N 43  
ARG NH1  N N N 44  
ARG NH2  N N N 45  
ARG OXT  O N N 46  
ARG H    H N N 47  
ARG H2   H N N 48  
ARG HA   H N N 49  
ARG HB2  H N N 50  
ARG HB3  H N N 51  
ARG HG2  H N N 52  
ARG HG3  H N N 53  
ARG HD2  H N N 54  
ARG HD3  H N N 55  
ARG HE   H N N 56  
ARG HH11 H N N 57  
ARG HH12 H N N 58  
ARG HH21 H N N 59  
ARG HH22 H N N 60  
ARG HXT  H N N 61  
ASN N    N N N 62  
ASN CA   C N S 63  
ASN C    C N N 64  
ASN O    O N N 65  
ASN CB   C N N 66  
ASN CG   C N N 67  
ASN OD1  O N N 68  
ASN ND2  N N N 69  
ASN OXT  O N N 70  
ASN H    H N N 71  
ASN H2   H N N 72  
ASN HA   H N N 73  
ASN HB2  H N N 74  
ASN HB3  H N N 75  
ASN HD21 H N N 76  
ASN HD22 H N N 77  
ASN HXT  H N N 78  
ASP N    N N N 79  
ASP CA   C N S 80  
ASP C    C N N 81  
ASP O    O N N 82  
ASP CB   C N N 83  
ASP CG   C N N 84  
ASP OD1  O N N 85  
ASP OD2  O N N 86  
ASP OXT  O N N 87  
ASP H    H N N 88  
ASP H2   H N N 89  
ASP HA   H N N 90  
ASP HB2  H N N 91  
ASP HB3  H N N 92  
ASP HD2  H N N 93  
ASP HXT  H N N 94  
CYS N    N N N 95  
CYS CA   C N R 96  
CYS C    C N N 97  
CYS O    O N N 98  
CYS CB   C N N 99  
CYS SG   S N N 100 
CYS OXT  O N N 101 
CYS H    H N N 102 
CYS H2   H N N 103 
CYS HA   H N N 104 
CYS HB2  H N N 105 
CYS HB3  H N N 106 
CYS HG   H N N 107 
CYS HXT  H N N 108 
GLN N    N N N 109 
GLN CA   C N S 110 
GLN C    C N N 111 
GLN O    O N N 112 
GLN CB   C N N 113 
GLN CG   C N N 114 
GLN CD   C N N 115 
GLN OE1  O N N 116 
GLN NE2  N N N 117 
GLN OXT  O N N 118 
GLN H    H N N 119 
GLN H2   H N N 120 
GLN HA   H N N 121 
GLN HB2  H N N 122 
GLN HB3  H N N 123 
GLN HG2  H N N 124 
GLN HG3  H N N 125 
GLN HE21 H N N 126 
GLN HE22 H N N 127 
GLN HXT  H N N 128 
GLU N    N N N 129 
GLU CA   C N S 130 
GLU C    C N N 131 
GLU O    O N N 132 
GLU CB   C N N 133 
GLU CG   C N N 134 
GLU CD   C N N 135 
GLU OE1  O N N 136 
GLU OE2  O N N 137 
GLU OXT  O N N 138 
GLU H    H N N 139 
GLU H2   H N N 140 
GLU HA   H N N 141 
GLU HB2  H N N 142 
GLU HB3  H N N 143 
GLU HG2  H N N 144 
GLU HG3  H N N 145 
GLU HE2  H N N 146 
GLU HXT  H N N 147 
GLY N    N N N 148 
GLY CA   C N N 149 
GLY C    C N N 150 
GLY O    O N N 151 
GLY OXT  O N N 152 
GLY H    H N N 153 
GLY H2   H N N 154 
GLY HA2  H N N 155 
GLY HA3  H N N 156 
GLY HXT  H N N 157 
HIS N    N N N 158 
HIS CA   C N S 159 
HIS C    C N N 160 
HIS O    O N N 161 
HIS CB   C N N 162 
HIS CG   C Y N 163 
HIS ND1  N Y N 164 
HIS CD2  C Y N 165 
HIS CE1  C Y N 166 
HIS NE2  N Y N 167 
HIS OXT  O N N 168 
HIS H    H N N 169 
HIS H2   H N N 170 
HIS HA   H N N 171 
HIS HB2  H N N 172 
HIS HB3  H N N 173 
HIS HD1  H N N 174 
HIS HD2  H N N 175 
HIS HE1  H N N 176 
HIS HE2  H N N 177 
HIS HXT  H N N 178 
HOH O    O N N 179 
HOH H1   H N N 180 
HOH H2   H N N 181 
ILE N    N N N 182 
ILE CA   C N S 183 
ILE C    C N N 184 
ILE O    O N N 185 
ILE CB   C N S 186 
ILE CG1  C N N 187 
ILE CG2  C N N 188 
ILE CD1  C N N 189 
ILE OXT  O N N 190 
ILE H    H N N 191 
ILE H2   H N N 192 
ILE HA   H N N 193 
ILE HB   H N N 194 
ILE HG12 H N N 195 
ILE HG13 H N N 196 
ILE HG21 H N N 197 
ILE HG22 H N N 198 
ILE HG23 H N N 199 
ILE HD11 H N N 200 
ILE HD12 H N N 201 
ILE HD13 H N N 202 
ILE HXT  H N N 203 
LEU N    N N N 204 
LEU CA   C N S 205 
LEU C    C N N 206 
LEU O    O N N 207 
LEU CB   C N N 208 
LEU CG   C N N 209 
LEU CD1  C N N 210 
LEU CD2  C N N 211 
LEU OXT  O N N 212 
LEU H    H N N 213 
LEU H2   H N N 214 
LEU HA   H N N 215 
LEU HB2  H N N 216 
LEU HB3  H N N 217 
LEU HG   H N N 218 
LEU HD11 H N N 219 
LEU HD12 H N N 220 
LEU HD13 H N N 221 
LEU HD21 H N N 222 
LEU HD22 H N N 223 
LEU HD23 H N N 224 
LEU HXT  H N N 225 
LYS N    N N N 226 
LYS CA   C N S 227 
LYS C    C N N 228 
LYS O    O N N 229 
LYS CB   C N N 230 
LYS CG   C N N 231 
LYS CD   C N N 232 
LYS CE   C N N 233 
LYS NZ   N N N 234 
LYS OXT  O N N 235 
LYS H    H N N 236 
LYS H2   H N N 237 
LYS HA   H N N 238 
LYS HB2  H N N 239 
LYS HB3  H N N 240 
LYS HG2  H N N 241 
LYS HG3  H N N 242 
LYS HD2  H N N 243 
LYS HD3  H N N 244 
LYS HE2  H N N 245 
LYS HE3  H N N 246 
LYS HZ1  H N N 247 
LYS HZ2  H N N 248 
LYS HZ3  H N N 249 
LYS HXT  H N N 250 
PHE N    N N N 251 
PHE CA   C N S 252 
PHE C    C N N 253 
PHE O    O N N 254 
PHE CB   C N N 255 
PHE CG   C Y N 256 
PHE CD1  C Y N 257 
PHE CD2  C Y N 258 
PHE CE1  C Y N 259 
PHE CE2  C Y N 260 
PHE CZ   C Y N 261 
PHE OXT  O N N 262 
PHE H    H N N 263 
PHE H2   H N N 264 
PHE HA   H N N 265 
PHE HB2  H N N 266 
PHE HB3  H N N 267 
PHE HD1  H N N 268 
PHE HD2  H N N 269 
PHE HE1  H N N 270 
PHE HE2  H N N 271 
PHE HZ   H N N 272 
PHE HXT  H N N 273 
PRO N    N N N 274 
PRO CA   C N S 275 
PRO C    C N N 276 
PRO O    O N N 277 
PRO CB   C N N 278 
PRO CG   C N N 279 
PRO CD   C N N 280 
PRO OXT  O N N 281 
PRO H    H N N 282 
PRO HA   H N N 283 
PRO HB2  H N N 284 
PRO HB3  H N N 285 
PRO HG2  H N N 286 
PRO HG3  H N N 287 
PRO HD2  H N N 288 
PRO HD3  H N N 289 
PRO HXT  H N N 290 
SER N    N N N 291 
SER CA   C N S 292 
SER C    C N N 293 
SER O    O N N 294 
SER CB   C N N 295 
SER OG   O N N 296 
SER OXT  O N N 297 
SER H    H N N 298 
SER H2   H N N 299 
SER HA   H N N 300 
SER HB2  H N N 301 
SER HB3  H N N 302 
SER HG   H N N 303 
SER HXT  H N N 304 
THR N    N N N 305 
THR CA   C N S 306 
THR C    C N N 307 
THR O    O N N 308 
THR CB   C N R 309 
THR OG1  O N N 310 
THR CG2  C N N 311 
THR OXT  O N N 312 
THR H    H N N 313 
THR H2   H N N 314 
THR HA   H N N 315 
THR HB   H N N 316 
THR HG1  H N N 317 
THR HG21 H N N 318 
THR HG22 H N N 319 
THR HG23 H N N 320 
THR HXT  H N N 321 
TRP N    N N N 322 
TRP CA   C N S 323 
TRP C    C N N 324 
TRP O    O N N 325 
TRP CB   C N N 326 
TRP CG   C Y N 327 
TRP CD1  C Y N 328 
TRP CD2  C Y N 329 
TRP NE1  N Y N 330 
TRP CE2  C Y N 331 
TRP CE3  C Y N 332 
TRP CZ2  C Y N 333 
TRP CZ3  C Y N 334 
TRP CH2  C Y N 335 
TRP OXT  O N N 336 
TRP H    H N N 337 
TRP H2   H N N 338 
TRP HA   H N N 339 
TRP HB2  H N N 340 
TRP HB3  H N N 341 
TRP HD1  H N N 342 
TRP HE1  H N N 343 
TRP HE3  H N N 344 
TRP HZ2  H N N 345 
TRP HZ3  H N N 346 
TRP HH2  H N N 347 
TRP HXT  H N N 348 
TYR N    N N N 349 
TYR CA   C N S 350 
TYR C    C N N 351 
TYR O    O N N 352 
TYR CB   C N N 353 
TYR CG   C Y N 354 
TYR CD1  C Y N 355 
TYR CD2  C Y N 356 
TYR CE1  C Y N 357 
TYR CE2  C Y N 358 
TYR CZ   C Y N 359 
TYR OH   O N N 360 
TYR OXT  O N N 361 
TYR H    H N N 362 
TYR H2   H N N 363 
TYR HA   H N N 364 
TYR HB2  H N N 365 
TYR HB3  H N N 366 
TYR HD1  H N N 367 
TYR HD2  H N N 368 
TYR HE1  H N N 369 
TYR HE2  H N N 370 
TYR HH   H N N 371 
TYR HXT  H N N 372 
VAL N    N N N 373 
VAL CA   C N S 374 
VAL C    C N N 375 
VAL O    O N N 376 
VAL CB   C N N 377 
VAL CG1  C N N 378 
VAL CG2  C N N 379 
VAL OXT  O N N 380 
VAL H    H N N 381 
VAL H2   H N N 382 
VAL HA   H N N 383 
VAL HB   H N N 384 
VAL HG11 H N N 385 
VAL HG12 H N N 386 
VAL HG13 H N N 387 
VAL HG21 H N N 388 
VAL HG22 H N N 389 
VAL HG23 H N N 390 
VAL HXT  H N N 391 
# 
loop_
_chem_comp_bond.comp_id 
_chem_comp_bond.atom_id_1 
_chem_comp_bond.atom_id_2 
_chem_comp_bond.value_order 
_chem_comp_bond.pdbx_aromatic_flag 
_chem_comp_bond.pdbx_stereo_config 
_chem_comp_bond.pdbx_ordinal 
791 C1  C2   doub Y N 1   
791 C1  C6   sing Y N 2   
791 C1  H1   sing N N 3   
791 C2  C3   sing Y N 4   
791 C2  H2   sing N N 5   
791 C3  C4   doub Y N 6   
791 C3  H3   sing N N 7   
791 C4  C5   sing Y N 8   
791 C4  C12  sing N N 9   
791 C5  C6   doub Y N 10  
791 C5  H5   sing N N 11  
791 C6  H6   sing N N 12  
791 C12 C13  sing N N 13  
791 C12 C14  sing N N 14  
791 C12 H12  sing N N 15  
791 C13 O16  sing N N 16  
791 C13 O17  doub N N 17  
791 C14 O18  sing N N 18  
791 C14 O19  doub N N 19  
791 O16 H16  sing N N 20  
791 O18 H18  sing N N 21  
ALA N   CA   sing N N 22  
ALA N   H    sing N N 23  
ALA N   H2   sing N N 24  
ALA CA  C    sing N N 25  
ALA CA  CB   sing N N 26  
ALA CA  HA   sing N N 27  
ALA C   O    doub N N 28  
ALA C   OXT  sing N N 29  
ALA CB  HB1  sing N N 30  
ALA CB  HB2  sing N N 31  
ALA CB  HB3  sing N N 32  
ALA OXT HXT  sing N N 33  
ARG N   CA   sing N N 34  
ARG N   H    sing N N 35  
ARG N   H2   sing N N 36  
ARG CA  C    sing N N 37  
ARG CA  CB   sing N N 38  
ARG CA  HA   sing N N 39  
ARG C   O    doub N N 40  
ARG C   OXT  sing N N 41  
ARG CB  CG   sing N N 42  
ARG CB  HB2  sing N N 43  
ARG CB  HB3  sing N N 44  
ARG CG  CD   sing N N 45  
ARG CG  HG2  sing N N 46  
ARG CG  HG3  sing N N 47  
ARG CD  NE   sing N N 48  
ARG CD  HD2  sing N N 49  
ARG CD  HD3  sing N N 50  
ARG NE  CZ   sing N N 51  
ARG NE  HE   sing N N 52  
ARG CZ  NH1  sing N N 53  
ARG CZ  NH2  doub N N 54  
ARG NH1 HH11 sing N N 55  
ARG NH1 HH12 sing N N 56  
ARG NH2 HH21 sing N N 57  
ARG NH2 HH22 sing N N 58  
ARG OXT HXT  sing N N 59  
ASN N   CA   sing N N 60  
ASN N   H    sing N N 61  
ASN N   H2   sing N N 62  
ASN CA  C    sing N N 63  
ASN CA  CB   sing N N 64  
ASN CA  HA   sing N N 65  
ASN C   O    doub N N 66  
ASN C   OXT  sing N N 67  
ASN CB  CG   sing N N 68  
ASN CB  HB2  sing N N 69  
ASN CB  HB3  sing N N 70  
ASN CG  OD1  doub N N 71  
ASN CG  ND2  sing N N 72  
ASN ND2 HD21 sing N N 73  
ASN ND2 HD22 sing N N 74  
ASN OXT HXT  sing N N 75  
ASP N   CA   sing N N 76  
ASP N   H    sing N N 77  
ASP N   H2   sing N N 78  
ASP CA  C    sing N N 79  
ASP CA  CB   sing N N 80  
ASP CA  HA   sing N N 81  
ASP C   O    doub N N 82  
ASP C   OXT  sing N N 83  
ASP CB  CG   sing N N 84  
ASP CB  HB2  sing N N 85  
ASP CB  HB3  sing N N 86  
ASP CG  OD1  doub N N 87  
ASP CG  OD2  sing N N 88  
ASP OD2 HD2  sing N N 89  
ASP OXT HXT  sing N N 90  
CYS N   CA   sing N N 91  
CYS N   H    sing N N 92  
CYS N   H2   sing N N 93  
CYS CA  C    sing N N 94  
CYS CA  CB   sing N N 95  
CYS CA  HA   sing N N 96  
CYS C   O    doub N N 97  
CYS C   OXT  sing N N 98  
CYS CB  SG   sing N N 99  
CYS CB  HB2  sing N N 100 
CYS CB  HB3  sing N N 101 
CYS SG  HG   sing N N 102 
CYS OXT HXT  sing N N 103 
GLN N   CA   sing N N 104 
GLN N   H    sing N N 105 
GLN N   H2   sing N N 106 
GLN CA  C    sing N N 107 
GLN CA  CB   sing N N 108 
GLN CA  HA   sing N N 109 
GLN C   O    doub N N 110 
GLN C   OXT  sing N N 111 
GLN CB  CG   sing N N 112 
GLN CB  HB2  sing N N 113 
GLN CB  HB3  sing N N 114 
GLN CG  CD   sing N N 115 
GLN CG  HG2  sing N N 116 
GLN CG  HG3  sing N N 117 
GLN CD  OE1  doub N N 118 
GLN CD  NE2  sing N N 119 
GLN NE2 HE21 sing N N 120 
GLN NE2 HE22 sing N N 121 
GLN OXT HXT  sing N N 122 
GLU N   CA   sing N N 123 
GLU N   H    sing N N 124 
GLU N   H2   sing N N 125 
GLU CA  C    sing N N 126 
GLU CA  CB   sing N N 127 
GLU CA  HA   sing N N 128 
GLU C   O    doub N N 129 
GLU C   OXT  sing N N 130 
GLU CB  CG   sing N N 131 
GLU CB  HB2  sing N N 132 
GLU CB  HB3  sing N N 133 
GLU CG  CD   sing N N 134 
GLU CG  HG2  sing N N 135 
GLU CG  HG3  sing N N 136 
GLU CD  OE1  doub N N 137 
GLU CD  OE2  sing N N 138 
GLU OE2 HE2  sing N N 139 
GLU OXT HXT  sing N N 140 
GLY N   CA   sing N N 141 
GLY N   H    sing N N 142 
GLY N   H2   sing N N 143 
GLY CA  C    sing N N 144 
GLY CA  HA2  sing N N 145 
GLY CA  HA3  sing N N 146 
GLY C   O    doub N N 147 
GLY C   OXT  sing N N 148 
GLY OXT HXT  sing N N 149 
HIS N   CA   sing N N 150 
HIS N   H    sing N N 151 
HIS N   H2   sing N N 152 
HIS CA  C    sing N N 153 
HIS CA  CB   sing N N 154 
HIS CA  HA   sing N N 155 
HIS C   O    doub N N 156 
HIS C   OXT  sing N N 157 
HIS CB  CG   sing N N 158 
HIS CB  HB2  sing N N 159 
HIS CB  HB3  sing N N 160 
HIS CG  ND1  sing Y N 161 
HIS CG  CD2  doub Y N 162 
HIS ND1 CE1  doub Y N 163 
HIS ND1 HD1  sing N N 164 
HIS CD2 NE2  sing Y N 165 
HIS CD2 HD2  sing N N 166 
HIS CE1 NE2  sing Y N 167 
HIS CE1 HE1  sing N N 168 
HIS NE2 HE2  sing N N 169 
HIS OXT HXT  sing N N 170 
HOH O   H1   sing N N 171 
HOH O   H2   sing N N 172 
ILE N   CA   sing N N 173 
ILE N   H    sing N N 174 
ILE N   H2   sing N N 175 
ILE CA  C    sing N N 176 
ILE CA  CB   sing N N 177 
ILE CA  HA   sing N N 178 
ILE C   O    doub N N 179 
ILE C   OXT  sing N N 180 
ILE CB  CG1  sing N N 181 
ILE CB  CG2  sing N N 182 
ILE CB  HB   sing N N 183 
ILE CG1 CD1  sing N N 184 
ILE CG1 HG12 sing N N 185 
ILE CG1 HG13 sing N N 186 
ILE CG2 HG21 sing N N 187 
ILE CG2 HG22 sing N N 188 
ILE CG2 HG23 sing N N 189 
ILE CD1 HD11 sing N N 190 
ILE CD1 HD12 sing N N 191 
ILE CD1 HD13 sing N N 192 
ILE OXT HXT  sing N N 193 
LEU N   CA   sing N N 194 
LEU N   H    sing N N 195 
LEU N   H2   sing N N 196 
LEU CA  C    sing N N 197 
LEU CA  CB   sing N N 198 
LEU CA  HA   sing N N 199 
LEU C   O    doub N N 200 
LEU C   OXT  sing N N 201 
LEU CB  CG   sing N N 202 
LEU CB  HB2  sing N N 203 
LEU CB  HB3  sing N N 204 
LEU CG  CD1  sing N N 205 
LEU CG  CD2  sing N N 206 
LEU CG  HG   sing N N 207 
LEU CD1 HD11 sing N N 208 
LEU CD1 HD12 sing N N 209 
LEU CD1 HD13 sing N N 210 
LEU CD2 HD21 sing N N 211 
LEU CD2 HD22 sing N N 212 
LEU CD2 HD23 sing N N 213 
LEU OXT HXT  sing N N 214 
LYS N   CA   sing N N 215 
LYS N   H    sing N N 216 
LYS N   H2   sing N N 217 
LYS CA  C    sing N N 218 
LYS CA  CB   sing N N 219 
LYS CA  HA   sing N N 220 
LYS C   O    doub N N 221 
LYS C   OXT  sing N N 222 
LYS CB  CG   sing N N 223 
LYS CB  HB2  sing N N 224 
LYS CB  HB3  sing N N 225 
LYS CG  CD   sing N N 226 
LYS CG  HG2  sing N N 227 
LYS CG  HG3  sing N N 228 
LYS CD  CE   sing N N 229 
LYS CD  HD2  sing N N 230 
LYS CD  HD3  sing N N 231 
LYS CE  NZ   sing N N 232 
LYS CE  HE2  sing N N 233 
LYS CE  HE3  sing N N 234 
LYS NZ  HZ1  sing N N 235 
LYS NZ  HZ2  sing N N 236 
LYS NZ  HZ3  sing N N 237 
LYS OXT HXT  sing N N 238 
PHE N   CA   sing N N 239 
PHE N   H    sing N N 240 
PHE N   H2   sing N N 241 
PHE CA  C    sing N N 242 
PHE CA  CB   sing N N 243 
PHE CA  HA   sing N N 244 
PHE C   O    doub N N 245 
PHE C   OXT  sing N N 246 
PHE CB  CG   sing N N 247 
PHE CB  HB2  sing N N 248 
PHE CB  HB3  sing N N 249 
PHE CG  CD1  doub Y N 250 
PHE CG  CD2  sing Y N 251 
PHE CD1 CE1  sing Y N 252 
PHE CD1 HD1  sing N N 253 
PHE CD2 CE2  doub Y N 254 
PHE CD2 HD2  sing N N 255 
PHE CE1 CZ   doub Y N 256 
PHE CE1 HE1  sing N N 257 
PHE CE2 CZ   sing Y N 258 
PHE CE2 HE2  sing N N 259 
PHE CZ  HZ   sing N N 260 
PHE OXT HXT  sing N N 261 
PRO N   CA   sing N N 262 
PRO N   CD   sing N N 263 
PRO N   H    sing N N 264 
PRO CA  C    sing N N 265 
PRO CA  CB   sing N N 266 
PRO CA  HA   sing N N 267 
PRO C   O    doub N N 268 
PRO C   OXT  sing N N 269 
PRO CB  CG   sing N N 270 
PRO CB  HB2  sing N N 271 
PRO CB  HB3  sing N N 272 
PRO CG  CD   sing N N 273 
PRO CG  HG2  sing N N 274 
PRO CG  HG3  sing N N 275 
PRO CD  HD2  sing N N 276 
PRO CD  HD3  sing N N 277 
PRO OXT HXT  sing N N 278 
SER N   CA   sing N N 279 
SER N   H    sing N N 280 
SER N   H2   sing N N 281 
SER CA  C    sing N N 282 
SER CA  CB   sing N N 283 
SER CA  HA   sing N N 284 
SER C   O    doub N N 285 
SER C   OXT  sing N N 286 
SER CB  OG   sing N N 287 
SER CB  HB2  sing N N 288 
SER CB  HB3  sing N N 289 
SER OG  HG   sing N N 290 
SER OXT HXT  sing N N 291 
THR N   CA   sing N N 292 
THR N   H    sing N N 293 
THR N   H2   sing N N 294 
THR CA  C    sing N N 295 
THR CA  CB   sing N N 296 
THR CA  HA   sing N N 297 
THR C   O    doub N N 298 
THR C   OXT  sing N N 299 
THR CB  OG1  sing N N 300 
THR CB  CG2  sing N N 301 
THR CB  HB   sing N N 302 
THR OG1 HG1  sing N N 303 
THR CG2 HG21 sing N N 304 
THR CG2 HG22 sing N N 305 
THR CG2 HG23 sing N N 306 
THR OXT HXT  sing N N 307 
TRP N   CA   sing N N 308 
TRP N   H    sing N N 309 
TRP N   H2   sing N N 310 
TRP CA  C    sing N N 311 
TRP CA  CB   sing N N 312 
TRP CA  HA   sing N N 313 
TRP C   O    doub N N 314 
TRP C   OXT  sing N N 315 
TRP CB  CG   sing N N 316 
TRP CB  HB2  sing N N 317 
TRP CB  HB3  sing N N 318 
TRP CG  CD1  doub Y N 319 
TRP CG  CD2  sing Y N 320 
TRP CD1 NE1  sing Y N 321 
TRP CD1 HD1  sing N N 322 
TRP CD2 CE2  doub Y N 323 
TRP CD2 CE3  sing Y N 324 
TRP NE1 CE2  sing Y N 325 
TRP NE1 HE1  sing N N 326 
TRP CE2 CZ2  sing Y N 327 
TRP CE3 CZ3  doub Y N 328 
TRP CE3 HE3  sing N N 329 
TRP CZ2 CH2  doub Y N 330 
TRP CZ2 HZ2  sing N N 331 
TRP CZ3 CH2  sing Y N 332 
TRP CZ3 HZ3  sing N N 333 
TRP CH2 HH2  sing N N 334 
TRP OXT HXT  sing N N 335 
TYR N   CA   sing N N 336 
TYR N   H    sing N N 337 
TYR N   H2   sing N N 338 
TYR CA  C    sing N N 339 
TYR CA  CB   sing N N 340 
TYR CA  HA   sing N N 341 
TYR C   O    doub N N 342 
TYR C   OXT  sing N N 343 
TYR CB  CG   sing N N 344 
TYR CB  HB2  sing N N 345 
TYR CB  HB3  sing N N 346 
TYR CG  CD1  doub Y N 347 
TYR CG  CD2  sing Y N 348 
TYR CD1 CE1  sing Y N 349 
TYR CD1 HD1  sing N N 350 
TYR CD2 CE2  doub Y N 351 
TYR CD2 HD2  sing N N 352 
TYR CE1 CZ   doub Y N 353 
TYR CE1 HE1  sing N N 354 
TYR CE2 CZ   sing Y N 355 
TYR CE2 HE2  sing N N 356 
TYR CZ  OH   sing N N 357 
TYR OH  HH   sing N N 358 
TYR OXT HXT  sing N N 359 
VAL N   CA   sing N N 360 
VAL N   H    sing N N 361 
VAL N   H2   sing N N 362 
VAL CA  C    sing N N 363 
VAL CA  CB   sing N N 364 
VAL CA  HA   sing N N 365 
VAL C   O    doub N N 366 
VAL C   OXT  sing N N 367 
VAL CB  CG1  sing N N 368 
VAL CB  CG2  sing N N 369 
VAL CB  HB   sing N N 370 
VAL CG1 HG11 sing N N 371 
VAL CG1 HG12 sing N N 372 
VAL CG1 HG13 sing N N 373 
VAL CG2 HG21 sing N N 374 
VAL CG2 HG22 sing N N 375 
VAL CG2 HG23 sing N N 376 
VAL OXT HXT  sing N N 377 
# 
loop_
_pdbx_entity_nonpoly.entity_id 
_pdbx_entity_nonpoly.name 
_pdbx_entity_nonpoly.comp_id 
2 '2-PHENYLMALONIC ACID' 791 
3 water                  HOH 
# 
_pdbx_initial_refinement_model.id               1 
_pdbx_initial_refinement_model.entity_id_list   ? 
_pdbx_initial_refinement_model.type             'experimental model' 
_pdbx_initial_refinement_model.source_name      PDB 
_pdbx_initial_refinement_model.accession_code   1SHD 
_pdbx_initial_refinement_model.details          ? 
# 
